data_8K21
#
_entry.id   8K21
#
_cell.length_a   1.00
_cell.length_b   1.00
_cell.length_c   1.00
_cell.angle_alpha   90.00
_cell.angle_beta   90.00
_cell.angle_gamma   90.00
#
_symmetry.space_group_name_H-M   'P 1'
#
loop_
_entity.id
_entity.type
_entity.pdbx_description
1 polymer "DNA (5'-D(P*AP*GP*CP*AP*AP*TP*TP*TP*AP*AP*AP*TP*AP*GP*GP*GP*AP*AP*GP*AP*T)-3')"
2 polymer "DNA (5'-D(*AP*TP*CP*TP*TP*CP*CP*CP*TP*AP*TP*TP*TP*AP*AP*AP*TP*TP*GP*CP*T)-3')"
3 polymer 'HD Cas3-type domain-containing protein'
4 polymer Cas1
#
loop_
_entity_poly.entity_id
_entity_poly.type
_entity_poly.pdbx_seq_one_letter_code
_entity_poly.pdbx_strand_id
1 'polydeoxyribonucleotide'
;(DA)(DG)(DC)(DA)(DA)(DT)(DT)(DT)(DA)(DA)(DA)(DT)(DA)(DG)(DG)(DG)(DA)(DA)(DG)(DA)
(DT)
;
U
2 'polydeoxyribonucleotide'
;(DA)(DT)(DC)(DT)(DT)(DC)(DC)(DC)(DT)(DA)(DT)(DT)(DT)(DA)(DA)(DA)(DT)(DT)(DG)(DC)
(DT)
;
V
3 'polypeptide(L)' MFIRIKCFSKQPIAKKVSREVSAYLEYTGNNTWEGHISGQGVSNLQTKLINVGKGVKVVCNYQDKVLFAIGNVAM A,a
4 'polypeptide(L)'
;MQKQILTSQKRNMYILSRCKVLVKNGQVCHLHEDGNVYTVPYANTVFIGLAEGTSITNEAMSMLAANGVIVFWTKGGGYD
MFAADIICHLPQADYRPTKYMQNWVRLWLDEEKKLSAAKEILKMRVDSLSTHVHDFGVDVENKRVSSIVNKFDKGVTQAT
SFESLLGHEGTFVKSLYKEYALEYEIEFKRDHKSADNYNKFLTLGNYYAYGIARSSLWALGIDNSFPLLHGSTRRGGLVF
DVADIIKTSIILPLAFHAADQGMSNTEFKRSCVAYFDKNDILAYLINNIKRLCME
;
D,E,d,e
#
# COMPACT_ATOMS: atom_id res chain seq x y z
N MET C 1 2.22 7.58 11.63
CA MET C 1 0.96 6.97 11.27
C MET C 1 0.81 6.98 9.75
N PHE C 2 0.42 5.83 9.19
CA PHE C 2 0.52 5.58 7.77
C PHE C 2 -0.77 5.99 7.07
N ILE C 3 -0.69 7.04 6.26
CA ILE C 3 -1.81 7.49 5.44
C ILE C 3 -1.45 7.42 3.96
N ARG C 4 -2.46 7.45 3.11
CA ARG C 4 -2.28 7.34 1.67
C ARG C 4 -3.31 8.23 0.99
N ILE C 5 -2.85 9.27 0.30
CA ILE C 5 -3.72 10.27 -0.28
C ILE C 5 -3.75 10.10 -1.79
N LYS C 6 -4.96 9.93 -2.33
CA LYS C 6 -5.18 9.85 -3.76
C LYS C 6 -6.02 11.05 -4.19
N CYS C 7 -5.57 11.73 -5.24
CA CYS C 7 -6.23 12.95 -5.73
C CYS C 7 -6.94 12.63 -7.04
N PHE C 8 -8.25 12.45 -6.95
CA PHE C 8 -9.06 12.20 -8.15
C PHE C 8 -9.60 13.51 -8.71
N SER C 9 -8.74 14.51 -8.88
CA SER C 9 -9.21 15.83 -9.30
C SER C 9 -8.81 16.15 -10.73
N LYS C 10 -9.12 17.36 -11.18
CA LYS C 10 -8.72 17.84 -12.50
C LYS C 10 -7.35 18.45 -12.41
N GLN C 11 -6.62 18.41 -13.53
CA GLN C 11 -5.18 18.67 -13.54
C GLN C 11 -4.76 20.09 -13.12
N PRO C 12 -5.41 21.19 -13.52
CA PRO C 12 -5.02 22.50 -12.95
C PRO C 12 -5.31 22.62 -11.47
N ILE C 13 -6.21 21.83 -10.91
CA ILE C 13 -6.51 21.87 -9.49
C ILE C 13 -5.86 20.65 -8.85
N ALA C 14 -5.04 19.95 -9.63
CA ALA C 14 -4.23 18.86 -9.10
C ALA C 14 -2.78 19.23 -8.91
N LYS C 15 -2.24 20.17 -9.69
CA LYS C 15 -0.92 20.71 -9.41
C LYS C 15 -0.93 21.53 -8.13
N LYS C 16 -2.01 22.28 -7.89
CA LYS C 16 -2.15 23.02 -6.64
C LYS C 16 -2.35 22.10 -5.44
N VAL C 17 -2.96 20.93 -5.63
CA VAL C 17 -2.98 19.94 -4.57
C VAL C 17 -1.59 19.37 -4.36
N SER C 18 -0.91 19.02 -5.46
CA SER C 18 0.39 18.36 -5.38
C SER C 18 1.46 19.26 -4.81
N ARG C 19 1.24 20.57 -4.84
CA ARG C 19 2.12 21.48 -4.13
C ARG C 19 2.08 21.23 -2.63
N GLU C 20 0.88 20.96 -2.09
CA GLU C 20 0.72 20.92 -0.65
C GLU C 20 0.70 19.51 -0.07
N VAL C 21 0.21 18.52 -0.82
CA VAL C 21 0.22 17.16 -0.28
C VAL C 21 1.62 16.58 -0.34
N SER C 22 2.44 17.01 -1.30
CA SER C 22 3.82 16.53 -1.36
C SER C 22 4.73 17.26 -0.39
N ALA C 23 4.19 18.20 0.39
CA ALA C 23 4.93 18.73 1.53
C ALA C 23 5.04 17.71 2.65
N TYR C 24 4.09 16.79 2.74
CA TYR C 24 4.04 15.85 3.84
C TYR C 24 4.11 14.40 3.40
N LEU C 25 3.83 14.10 2.15
CA LEU C 25 3.59 12.74 1.69
C LEU C 25 4.51 12.43 0.52
N GLU C 26 5.07 11.23 0.51
CA GLU C 26 5.92 10.78 -0.59
C GLU C 26 5.07 10.57 -1.84
N TYR C 27 5.67 10.80 -2.99
CA TYR C 27 5.02 10.48 -4.25
C TYR C 27 5.28 9.01 -4.57
N THR C 28 4.23 8.21 -4.58
CA THR C 28 4.37 6.80 -4.93
C THR C 28 3.93 6.51 -6.36
N GLY C 29 3.14 7.38 -6.97
CA GLY C 29 2.82 7.24 -8.38
C GLY C 29 1.41 7.57 -8.81
N ASN C 30 1.33 8.33 -9.92
CA ASN C 30 0.09 8.61 -10.67
C ASN C 30 -0.94 9.33 -9.80
N ASN C 31 -0.55 10.52 -9.32
CA ASN C 31 -1.39 11.42 -8.51
C ASN C 31 -1.87 10.75 -7.21
N THR C 32 -1.10 9.79 -6.71
CA THR C 32 -1.34 9.15 -5.43
C THR C 32 -0.12 9.37 -4.55
N TRP C 33 -0.36 9.66 -3.28
CA TRP C 33 0.71 9.95 -2.32
C TRP C 33 0.58 9.02 -1.13
N GLU C 34 1.67 8.31 -0.83
CA GLU C 34 1.67 7.33 0.24
C GLU C 34 2.94 7.50 1.06
N GLY C 35 2.79 7.58 2.37
CA GLY C 35 3.90 7.95 3.23
C GLY C 35 3.43 8.07 4.65
N HIS C 36 4.32 8.55 5.50
CA HIS C 36 4.08 8.61 6.94
C HIS C 36 3.87 10.03 7.40
N ILE C 37 2.99 10.20 8.39
CA ILE C 37 2.55 11.49 8.88
C ILE C 37 2.09 11.32 10.33
N SER C 38 1.97 12.43 11.05
CA SER C 38 1.41 12.44 12.39
C SER C 38 -0.02 12.98 12.34
N GLY C 39 -0.68 12.94 13.50
CA GLY C 39 -2.08 13.37 13.57
C GLY C 39 -2.26 14.85 13.36
N GLN C 40 -1.37 15.67 13.93
CA GLN C 40 -1.38 17.09 13.62
C GLN C 40 -0.98 17.37 12.19
N GLY C 41 -0.18 16.50 11.59
CA GLY C 41 0.08 16.55 10.17
C GLY C 41 -1.15 16.28 9.35
N VAL C 42 -1.95 15.30 9.79
CA VAL C 42 -3.26 15.04 9.19
C VAL C 42 -4.17 16.26 9.28
N SER C 43 -4.24 16.89 10.45
CA SER C 43 -5.08 18.08 10.62
C SER C 43 -4.61 19.24 9.75
N ASN C 44 -3.31 19.52 9.73
CA ASN C 44 -2.77 20.58 8.89
C ASN C 44 -2.93 20.30 7.41
N LEU C 45 -2.76 19.05 6.97
CA LEU C 45 -2.90 18.72 5.57
C LEU C 45 -4.36 18.80 5.13
N GLN C 46 -5.29 18.39 5.99
CA GLN C 46 -6.71 18.53 5.67
C GLN C 46 -7.11 20.00 5.59
N THR C 47 -6.58 20.81 6.51
CA THR C 47 -6.88 22.24 6.53
C THR C 47 -6.34 22.93 5.29
N LYS C 48 -5.13 22.57 4.86
CA LYS C 48 -4.54 23.28 3.75
C LYS C 48 -4.85 22.62 2.41
N LEU C 49 -5.55 21.48 2.43
CA LEU C 49 -6.17 20.98 1.20
C LEU C 49 -7.61 21.44 1.08
N ILE C 50 -8.25 21.81 2.18
CA ILE C 50 -9.58 22.39 2.09
C ILE C 50 -9.49 23.79 1.48
N ASN C 51 -8.46 24.54 1.86
CA ASN C 51 -8.39 25.97 1.55
C ASN C 51 -7.73 26.29 0.23
N VAL C 52 -7.53 25.30 -0.65
CA VAL C 52 -6.84 25.60 -1.90
C VAL C 52 -7.82 26.03 -2.98
N GLY C 53 -9.00 25.41 -3.05
CA GLY C 53 -9.95 25.83 -4.08
C GLY C 53 -11.11 24.85 -4.18
N LYS C 54 -11.74 24.85 -5.35
CA LYS C 54 -12.92 24.04 -5.63
C LYS C 54 -12.51 22.90 -6.56
N GLY C 55 -12.99 21.70 -6.26
CA GLY C 55 -12.67 20.55 -7.09
C GLY C 55 -11.41 19.87 -6.62
N VAL C 56 -11.39 19.54 -5.33
CA VAL C 56 -10.17 19.10 -4.67
C VAL C 56 -10.50 17.66 -4.24
N LYS C 57 -11.03 16.89 -5.18
CA LYS C 57 -11.37 15.50 -4.93
C LYS C 57 -10.16 14.71 -4.46
N VAL C 58 -10.16 14.37 -3.17
CA VAL C 58 -9.03 13.80 -2.45
C VAL C 58 -9.55 12.76 -1.48
N VAL C 59 -8.95 11.57 -1.52
CA VAL C 59 -9.30 10.47 -0.63
C VAL C 59 -8.06 10.09 0.17
N CYS C 60 -8.20 10.02 1.49
CA CYS C 60 -7.12 9.59 2.37
C CYS C 60 -7.47 8.25 3.01
N ASN C 61 -6.51 7.33 3.00
CA ASN C 61 -6.72 5.98 3.52
C ASN C 61 -5.82 5.75 4.74
N TYR C 62 -6.44 5.72 5.92
CA TYR C 62 -5.78 5.18 7.10
C TYR C 62 -6.21 3.73 7.27
N GLN C 63 -5.22 2.84 7.36
CA GLN C 63 -5.37 1.39 7.20
C GLN C 63 -6.11 1.10 5.90
N ASP C 64 -7.31 0.54 6.01
CA ASP C 64 -8.16 0.34 4.84
C ASP C 64 -9.44 1.17 4.89
N LYS C 65 -9.58 2.05 5.86
CA LYS C 65 -10.74 2.93 5.93
C LYS C 65 -10.47 4.21 5.16
N VAL C 66 -11.32 5.20 5.37
CA VAL C 66 -11.16 6.51 4.76
C VAL C 66 -11.03 7.56 5.87
N LEU C 67 -10.19 8.56 5.63
CA LEU C 67 -10.01 9.68 6.56
C LEU C 67 -10.75 10.91 6.04
N PHE C 68 -10.43 11.39 4.85
CA PHE C 68 -11.14 12.53 4.30
C PHE C 68 -11.91 12.12 3.05
N ALA C 69 -12.96 12.88 2.79
CA ALA C 69 -13.75 12.73 1.57
C ALA C 69 -13.93 14.11 0.97
N ILE C 70 -12.83 14.86 0.84
CA ILE C 70 -12.85 16.21 0.31
C ILE C 70 -13.30 16.18 -1.14
N GLY C 71 -14.31 16.98 -1.46
CA GLY C 71 -14.91 17.01 -2.77
C GLY C 71 -15.91 15.89 -2.94
N ASN C 72 -16.60 15.92 -4.07
CA ASN C 72 -17.59 14.90 -4.39
C ASN C 72 -16.89 13.72 -5.07
N VAL C 73 -16.18 12.97 -4.25
CA VAL C 73 -15.32 11.91 -4.74
C VAL C 73 -16.14 10.66 -5.03
N ALA C 74 -15.57 9.76 -5.83
CA ALA C 74 -16.25 8.57 -6.31
C ALA C 74 -16.40 7.49 -5.25
N MET C 75 -15.64 7.59 -4.16
CA MET C 75 -15.62 6.58 -3.10
C MET C 75 -16.97 6.33 -2.43
N MET D 1 3.11 29.65 8.54
CA MET D 1 3.67 28.64 9.42
C MET D 1 2.56 27.77 10.02
N GLN D 2 1.41 28.41 10.27
CA GLN D 2 0.22 27.81 10.87
C GLN D 2 0.54 27.16 12.21
N LYS D 3 0.32 25.85 12.32
CA LYS D 3 0.71 25.09 13.49
C LYS D 3 2.05 24.40 13.32
N GLN D 4 2.28 23.81 12.14
CA GLN D 4 3.50 23.14 11.66
C GLN D 4 3.74 21.83 12.40
N ILE D 5 4.15 20.79 11.65
CA ILE D 5 4.52 19.52 12.26
C ILE D 5 5.73 19.77 13.15
N LEU D 6 5.65 19.31 14.40
CA LEU D 6 6.77 19.47 15.32
C LEU D 6 7.96 18.63 14.85
N THR D 7 9.13 18.93 15.43
CA THR D 7 10.38 18.38 14.94
C THR D 7 10.65 17.07 15.67
N SER D 8 9.63 16.51 16.29
CA SER D 8 9.72 15.25 17.00
C SER D 8 9.01 14.11 16.27
N GLN D 9 8.04 14.41 15.42
CA GLN D 9 7.30 13.40 14.70
C GLN D 9 7.27 13.64 13.19
N LYS D 10 8.32 14.27 12.67
CA LYS D 10 8.60 14.26 11.24
C LYS D 10 9.29 12.95 10.88
N ARG D 11 8.80 12.28 9.84
CA ARG D 11 9.18 10.90 9.64
C ARG D 11 9.41 10.58 8.15
N ASN D 12 10.19 11.42 7.47
CA ASN D 12 10.63 11.15 6.10
C ASN D 12 12.12 11.50 5.97
N MET D 13 12.98 10.51 6.14
CA MET D 13 14.40 10.77 6.15
C MET D 13 14.98 10.45 4.77
N TYR D 14 15.93 11.27 4.32
CA TYR D 14 16.47 11.05 2.99
C TYR D 14 17.96 11.33 2.92
N ILE D 15 18.67 10.39 2.28
CA ILE D 15 20.00 10.64 1.74
C ILE D 15 19.92 10.49 0.24
N LEU D 16 19.99 11.61 -0.47
CA LEU D 16 19.85 11.58 -1.91
C LEU D 16 21.23 11.65 -2.58
N SER D 17 21.40 10.83 -3.62
CA SER D 17 22.69 10.71 -4.29
C SER D 17 22.51 10.92 -5.79
N ARG D 18 23.46 11.65 -6.39
CA ARG D 18 23.41 11.95 -7.84
C ARG D 18 22.13 12.59 -8.36
N CYS D 19 21.73 13.70 -7.75
CA CYS D 19 20.52 14.41 -8.18
C CYS D 19 20.51 15.87 -7.76
N LYS D 20 20.25 16.76 -8.70
CA LYS D 20 20.15 18.18 -8.34
C LYS D 20 18.85 18.44 -7.60
N VAL D 21 18.96 18.79 -6.32
CA VAL D 21 17.78 19.09 -5.54
C VAL D 21 17.37 20.53 -5.79
N LEU D 22 16.19 20.72 -6.39
CA LEU D 22 15.72 22.05 -6.71
C LEU D 22 14.31 22.28 -6.23
N VAL D 23 13.75 23.44 -6.55
CA VAL D 23 12.36 23.70 -6.19
C VAL D 23 11.56 23.79 -7.49
N LYS D 24 10.56 22.93 -7.62
CA LYS D 24 9.73 22.94 -8.82
C LYS D 24 8.28 23.12 -8.41
N ASN D 25 7.64 24.18 -8.88
CA ASN D 25 6.24 24.47 -8.54
C ASN D 25 5.99 24.41 -7.03
N GLY D 26 6.93 24.97 -6.26
CA GLY D 26 6.77 25.01 -4.83
C GLY D 26 7.03 23.71 -4.11
N GLN D 27 7.58 22.71 -4.80
CA GLN D 27 7.89 21.43 -4.22
C GLN D 27 9.40 21.22 -4.26
N VAL D 28 9.97 20.73 -3.17
CA VAL D 28 11.37 20.31 -3.18
C VAL D 28 11.44 18.98 -3.91
N CYS D 29 12.21 18.94 -5.01
CA CYS D 29 12.33 17.73 -5.81
C CYS D 29 13.77 17.51 -6.20
N HIS D 30 14.20 16.25 -6.23
CA HIS D 30 15.49 15.92 -6.83
C HIS D 30 15.32 15.53 -8.30
N LEU D 31 15.86 16.37 -9.17
CA LEU D 31 16.01 16.05 -10.59
C LEU D 31 17.25 15.18 -10.74
N HIS D 32 17.02 13.89 -10.94
CA HIS D 32 18.12 12.99 -11.24
C HIS D 32 18.61 13.25 -12.66
N GLU D 33 19.81 12.77 -12.97
CA GLU D 33 20.45 13.14 -14.23
C GLU D 33 19.80 12.43 -15.41
N ASP D 34 18.99 11.41 -15.16
CA ASP D 34 18.19 10.81 -16.22
C ASP D 34 17.06 11.72 -16.68
N GLY D 35 16.70 12.73 -15.89
CA GLY D 35 15.71 13.70 -16.30
C GLY D 35 14.38 13.62 -15.59
N ASN D 36 14.30 12.93 -14.46
CA ASN D 36 13.04 12.75 -13.73
C ASN D 36 13.13 13.40 -12.35
N VAL D 37 12.12 14.22 -12.04
CA VAL D 37 12.01 14.86 -10.74
C VAL D 37 11.26 13.93 -9.79
N TYR D 38 11.58 14.03 -8.50
CA TYR D 38 10.93 13.23 -7.47
C TYR D 38 10.72 14.11 -6.25
N THR D 39 9.46 14.40 -5.95
CA THR D 39 9.09 15.35 -4.90
C THR D 39 9.47 14.81 -3.52
N VAL D 40 9.95 15.70 -2.67
CA VAL D 40 10.42 15.37 -1.33
C VAL D 40 9.45 15.97 -0.33
N PRO D 41 9.04 15.24 0.70
CA PRO D 41 8.17 15.82 1.72
C PRO D 41 8.90 16.81 2.61
N TYR D 42 9.08 18.05 2.15
CA TYR D 42 9.87 19.07 2.83
C TYR D 42 9.30 19.48 4.16
N ALA D 43 8.03 19.27 4.46
CA ALA D 43 7.52 19.55 5.80
C ALA D 43 7.39 18.33 6.67
N ASN D 44 7.71 17.14 6.20
CA ASN D 44 7.64 15.93 7.00
C ASN D 44 9.02 15.30 7.11
N THR D 45 10.05 16.06 6.78
CA THR D 45 11.41 15.57 6.80
C THR D 45 12.20 16.23 7.93
N VAL D 46 13.09 15.46 8.53
CA VAL D 46 13.89 15.99 9.61
C VAL D 46 15.25 16.32 9.06
N PHE D 47 15.65 15.60 8.02
CA PHE D 47 16.94 15.86 7.40
C PHE D 47 17.09 15.50 5.93
N ILE D 48 17.98 16.19 5.23
CA ILE D 48 18.25 15.86 3.84
C ILE D 48 19.76 15.63 3.72
N GLY D 49 20.15 14.39 3.49
CA GLY D 49 21.56 14.09 3.35
C GLY D 49 21.98 14.24 1.90
N LEU D 50 22.82 15.22 1.64
CA LEU D 50 23.24 15.45 0.27
C LEU D 50 24.50 14.67 0.00
N ALA D 51 24.37 13.51 -0.63
CA ALA D 51 25.46 12.58 -0.83
C ALA D 51 26.24 12.97 -2.09
N GLU D 52 27.09 12.06 -2.57
CA GLU D 52 28.01 12.32 -3.67
C GLU D 52 27.30 12.62 -4.98
N GLY D 53 27.55 13.81 -5.54
CA GLY D 53 27.07 14.13 -6.86
C GLY D 53 25.81 14.96 -6.90
N THR D 54 25.47 15.59 -5.78
CA THR D 54 24.26 16.40 -5.71
C THR D 54 24.59 17.86 -5.48
N SER D 55 23.60 18.72 -5.73
CA SER D 55 23.72 20.15 -5.60
C SER D 55 22.36 20.72 -5.21
N ILE D 56 22.33 21.65 -4.26
CA ILE D 56 21.08 22.24 -3.80
C ILE D 56 21.08 23.73 -4.07
N THR D 57 19.92 24.24 -4.50
CA THR D 57 19.73 25.64 -4.81
C THR D 57 19.33 26.40 -3.55
N ASN D 58 19.44 27.73 -3.64
CA ASN D 58 19.12 28.59 -2.50
C ASN D 58 17.63 28.65 -2.22
N GLU D 59 16.79 28.60 -3.25
CA GLU D 59 15.36 28.47 -3.00
C GLU D 59 15.00 27.10 -2.46
N ALA D 60 15.84 26.09 -2.68
CA ALA D 60 15.66 24.77 -2.08
C ALA D 60 16.33 24.67 -0.72
N MET D 61 17.04 25.71 -0.28
CA MET D 61 17.43 25.85 1.10
C MET D 61 16.51 26.76 1.89
N SER D 62 15.83 27.69 1.22
CA SER D 62 14.81 28.49 1.89
C SER D 62 13.61 27.64 2.28
N MET D 63 13.25 26.66 1.44
CA MET D 63 12.10 25.82 1.77
C MET D 63 12.48 24.66 2.68
N LEU D 64 13.77 24.35 2.80
CA LEU D 64 14.24 23.41 3.81
C LEU D 64 14.87 24.11 5.01
N ALA D 65 14.73 25.42 5.12
CA ALA D 65 15.19 26.11 6.32
C ALA D 65 14.01 26.45 7.22
N ALA D 66 12.94 27.00 6.63
CA ALA D 66 11.75 27.35 7.38
C ALA D 66 11.05 26.09 7.88
N ASN D 67 11.10 25.02 7.10
CA ASN D 67 10.42 23.80 7.47
C ASN D 67 11.25 22.88 8.35
N GLY D 68 12.46 23.28 8.75
CA GLY D 68 13.18 22.56 9.77
C GLY D 68 13.84 21.27 9.28
N VAL D 69 14.73 21.39 8.30
CA VAL D 69 15.35 20.26 7.63
C VAL D 69 16.85 20.37 7.82
N ILE D 70 17.47 19.30 8.31
CA ILE D 70 18.89 19.33 8.60
C ILE D 70 19.66 18.91 7.36
N VAL D 71 20.21 19.86 6.63
CA VAL D 71 20.89 19.57 5.37
C VAL D 71 22.36 19.36 5.70
N PHE D 72 22.86 18.15 5.49
CA PHE D 72 24.28 17.90 5.69
C PHE D 72 24.91 17.39 4.40
N TRP D 73 26.15 17.83 4.15
CA TRP D 73 26.89 17.42 2.98
C TRP D 73 27.89 16.35 3.37
N THR D 74 27.81 15.21 2.70
CA THR D 74 28.32 13.97 3.28
C THR D 74 29.80 13.68 3.01
N LYS D 75 30.17 13.49 1.75
CA LYS D 75 31.47 12.90 1.44
C LYS D 75 32.53 13.98 1.23
N GLY D 76 33.69 13.56 0.75
CA GLY D 76 34.83 14.44 0.58
C GLY D 76 35.60 14.60 1.88
N GLY D 77 35.05 15.39 2.80
CA GLY D 77 35.61 15.46 4.14
C GLY D 77 35.07 14.42 5.09
N GLY D 78 33.98 13.76 4.72
CA GLY D 78 33.36 12.76 5.57
C GLY D 78 33.82 11.35 5.28
N TYR D 79 35.11 11.08 5.46
CA TYR D 79 35.63 9.73 5.36
C TYR D 79 35.31 8.88 6.59
N ASP D 80 34.91 9.54 7.69
CA ASP D 80 34.44 8.94 8.94
C ASP D 80 35.47 8.02 9.61
N MET D 81 36.74 8.23 9.32
CA MET D 81 37.80 7.46 9.98
C MET D 81 37.90 7.85 11.44
N PHE D 82 37.94 9.16 11.72
CA PHE D 82 37.86 9.69 13.07
C PHE D 82 36.58 10.47 13.30
N ALA D 83 35.60 10.31 12.39
CA ALA D 83 34.35 11.09 12.35
C ALA D 83 34.63 12.58 12.36
N ALA D 84 35.54 13.01 11.45
CA ALA D 84 36.10 14.35 11.44
C ALA D 84 35.07 15.45 11.17
N ASP D 85 34.46 15.44 9.99
CA ASP D 85 33.59 16.54 9.60
C ASP D 85 32.61 16.09 8.53
N ILE D 86 31.32 16.19 8.87
CA ILE D 86 30.23 16.15 7.91
C ILE D 86 29.63 17.54 7.93
N ILE D 87 29.69 18.25 6.79
CA ILE D 87 29.37 19.66 6.76
C ILE D 87 27.86 19.81 6.83
N CYS D 88 27.36 20.24 7.99
CA CYS D 88 25.97 20.04 8.36
C CYS D 88 25.29 21.38 8.61
N HIS D 89 24.39 21.76 7.71
CA HIS D 89 23.80 23.09 7.68
C HIS D 89 22.53 23.09 8.54
N LEU D 90 22.60 23.71 9.69
CA LEU D 90 21.39 23.81 10.49
C LEU D 90 20.61 25.05 10.07
N PRO D 91 19.29 24.94 9.96
CA PRO D 91 18.48 26.14 9.75
C PRO D 91 18.54 27.07 10.95
N GLN D 92 19.21 28.20 10.78
CA GLN D 92 19.52 29.08 11.89
C GLN D 92 18.60 30.28 11.98
N ALA D 93 17.69 30.45 11.02
CA ALA D 93 16.80 31.61 11.02
C ALA D 93 15.78 31.52 12.14
N ASP D 94 15.27 30.33 12.42
CA ASP D 94 14.30 30.16 13.49
C ASP D 94 14.98 30.29 14.85
N TYR D 95 14.42 31.17 15.68
CA TYR D 95 14.92 31.36 17.03
C TYR D 95 14.45 30.19 17.87
N ARG D 96 15.34 29.24 18.11
CA ARG D 96 15.02 27.98 18.76
C ARG D 96 14.81 28.20 20.25
N PRO D 97 14.19 27.22 20.96
CA PRO D 97 14.09 27.29 22.42
C PRO D 97 15.41 27.51 23.13
N THR D 98 15.43 28.50 24.02
CA THR D 98 16.66 29.00 24.61
C THR D 98 16.91 28.46 26.00
N LYS D 99 15.93 27.81 26.62
CA LYS D 99 16.10 27.31 27.98
C LYS D 99 16.80 25.96 27.99
N TYR D 100 17.03 25.38 26.82
CA TYR D 100 17.78 24.14 26.66
C TYR D 100 19.28 24.40 26.63
N MET D 101 19.73 25.33 25.78
CA MET D 101 21.14 25.76 25.79
C MET D 101 21.61 26.38 27.09
N GLN D 102 20.79 27.22 27.73
CA GLN D 102 21.26 27.89 28.93
C GLN D 102 21.40 26.92 30.11
N ASN D 103 20.81 25.73 30.01
CA ASN D 103 21.10 24.66 30.95
C ASN D 103 22.22 23.75 30.48
N TRP D 104 22.30 23.46 29.17
CA TRP D 104 23.33 22.59 28.63
C TRP D 104 24.73 23.17 28.79
N VAL D 105 24.89 24.48 28.59
CA VAL D 105 26.20 25.07 28.76
C VAL D 105 26.59 25.08 30.24
N ARG D 106 25.60 25.01 31.08
CA ARG D 106 25.92 24.97 32.47
C ARG D 106 26.44 23.60 32.73
N LEU D 107 25.98 22.65 31.92
CA LEU D 107 26.42 21.32 32.13
C LEU D 107 27.80 21.25 31.66
N TRP D 108 28.05 21.79 30.50
CA TRP D 108 29.35 21.66 29.92
C TRP D 108 30.36 22.29 30.75
N LEU D 109 30.06 23.46 31.27
CA LEU D 109 31.07 24.14 31.96
C LEU D 109 31.50 23.39 33.23
N ASP D 110 30.66 23.32 34.27
CA ASP D 110 31.04 22.63 35.49
C ASP D 110 31.43 21.21 35.16
N GLU D 111 32.72 20.90 35.24
CA GLU D 111 33.21 19.57 34.86
C GLU D 111 32.68 18.39 35.65
N GLU D 112 32.20 18.65 36.83
CA GLU D 112 31.78 17.57 37.62
C GLU D 112 30.55 17.13 36.97
N LYS D 113 29.74 18.08 36.56
CA LYS D 113 28.47 17.65 36.02
C LYS D 113 28.65 17.11 34.62
N LYS D 114 29.66 17.56 33.91
CA LYS D 114 29.91 17.10 32.57
C LYS D 114 30.09 15.66 32.65
N LEU D 115 30.85 15.19 33.62
CA LEU D 115 31.13 13.81 33.73
C LEU D 115 29.91 13.14 34.13
N SER D 116 29.04 13.80 34.87
CA SER D 116 27.88 13.08 35.36
C SER D 116 26.97 12.85 34.22
N ALA D 117 26.97 13.77 33.28
CA ALA D 117 26.12 13.64 32.14
C ALA D 117 26.74 12.83 31.07
N ALA D 118 28.05 12.75 31.09
CA ALA D 118 28.70 12.07 30.06
C ALA D 118 28.31 10.73 30.37
N LYS D 119 28.39 10.39 31.62
CA LYS D 119 28.02 9.07 32.01
C LYS D 119 26.64 8.78 31.55
N GLU D 120 25.76 9.77 31.55
CA GLU D 120 24.39 9.48 31.20
C GLU D 120 24.09 9.43 29.73
N ILE D 121 24.95 9.96 28.88
CA ILE D 121 24.69 9.81 27.49
C ILE D 121 25.29 8.51 27.23
N LEU D 122 26.17 8.06 28.11
CA LEU D 122 26.75 6.72 27.97
C LEU D 122 25.87 5.68 28.67
N LYS D 123 24.91 6.13 29.45
CA LYS D 123 24.03 5.21 30.15
C LYS D 123 22.73 5.17 29.39
N MET D 124 22.58 6.09 28.45
CA MET D 124 21.39 6.10 27.64
C MET D 124 21.51 5.02 26.58
N ARG D 125 22.73 4.59 26.27
CA ARG D 125 22.93 3.51 25.30
C ARG D 125 22.40 2.18 25.78
N VAL D 126 22.72 1.81 27.02
CA VAL D 126 22.22 0.55 27.57
C VAL D 126 20.71 0.65 27.74
N ASP D 127 20.19 1.84 27.99
CA ASP D 127 18.75 2.06 28.07
C ASP D 127 18.11 1.98 26.69
N SER D 128 18.75 2.54 25.67
CA SER D 128 18.24 2.39 24.31
C SER D 128 18.36 0.95 23.83
N LEU D 129 19.39 0.24 24.29
CA LEU D 129 19.54 -1.18 23.95
C LEU D 129 18.45 -2.03 24.58
N SER D 130 18.11 -1.76 25.84
CA SER D 130 17.10 -2.54 26.53
C SER D 130 15.69 -2.22 26.06
N THR D 131 15.38 -0.95 25.83
CA THR D 131 14.01 -0.59 25.45
C THR D 131 13.75 -0.84 23.97
N HIS D 132 14.56 -0.26 23.09
CA HIS D 132 14.37 -0.42 21.66
C HIS D 132 14.90 -1.79 21.24
N VAL D 133 14.00 -2.71 20.93
CA VAL D 133 14.35 -4.10 20.68
C VAL D 133 14.04 -4.41 19.22
N HIS D 134 14.73 -5.41 18.68
CA HIS D 134 14.50 -5.92 17.34
C HIS D 134 14.13 -7.39 17.43
N ASP D 135 13.64 -7.93 16.31
CA ASP D 135 13.20 -9.33 16.30
C ASP D 135 13.93 -10.15 15.25
N PHE D 136 15.14 -9.71 14.87
CA PHE D 136 15.91 -10.48 13.91
C PHE D 136 17.37 -10.61 14.31
N GLY D 137 17.82 -9.80 15.26
CA GLY D 137 19.21 -9.80 15.63
C GLY D 137 19.52 -10.78 16.74
N VAL D 138 19.94 -10.26 17.89
CA VAL D 138 20.19 -11.07 19.07
C VAL D 138 19.15 -10.75 20.13
N ASP D 139 18.99 -11.67 21.06
CA ASP D 139 18.22 -11.40 22.27
C ASP D 139 19.01 -10.45 23.14
N VAL D 140 18.34 -9.42 23.66
CA VAL D 140 18.99 -8.54 24.63
C VAL D 140 19.02 -9.20 25.99
N GLU D 141 18.21 -10.25 26.17
CA GLU D 141 18.19 -11.01 27.42
C GLU D 141 19.27 -12.10 27.42
N ASN D 142 20.07 -12.16 26.36
CA ASN D 142 21.17 -13.11 26.25
C ASN D 142 22.26 -12.75 27.27
N LYS D 143 23.03 -13.76 27.66
CA LYS D 143 24.04 -13.59 28.70
C LYS D 143 25.28 -12.84 28.20
N ARG D 144 25.60 -12.93 26.92
CA ARG D 144 26.74 -12.18 26.38
C ARG D 144 26.48 -10.68 26.36
N VAL D 145 25.34 -10.27 25.84
CA VAL D 145 24.99 -8.85 25.83
C VAL D 145 24.75 -8.31 27.24
N SER D 146 24.15 -9.12 28.12
CA SER D 146 23.98 -8.70 29.51
C SER D 146 25.33 -8.55 30.20
N SER D 147 26.27 -9.44 29.88
CA SER D 147 27.62 -9.36 30.44
C SER D 147 28.34 -8.09 29.98
N ILE D 148 28.21 -7.74 28.70
CA ILE D 148 29.00 -6.61 28.22
C ILE D 148 28.34 -5.29 28.66
N VAL D 149 26.99 -5.27 28.75
CA VAL D 149 26.38 -4.03 29.24
C VAL D 149 26.60 -3.88 30.74
N ASN D 150 26.72 -4.99 31.48
CA ASN D 150 27.08 -4.87 32.89
CA ASN D 150 27.08 -4.89 32.89
C ASN D 150 28.53 -4.45 33.09
N LYS D 151 29.45 -4.92 32.24
CA LYS D 151 30.82 -4.45 32.27
C LYS D 151 30.91 -2.98 31.92
N PHE D 152 30.09 -2.52 30.97
CA PHE D 152 30.09 -1.10 30.63
C PHE D 152 29.45 -0.28 31.74
N ASP D 153 28.45 -0.84 32.42
CA ASP D 153 27.82 -0.21 33.57
C ASP D 153 28.85 0.04 34.67
N LYS D 154 29.59 -1.00 35.04
CA LYS D 154 30.58 -0.86 36.10
C LYS D 154 31.79 -0.06 35.62
N GLY D 155 32.02 -0.01 34.31
CA GLY D 155 33.06 0.88 33.80
C GLY D 155 32.67 2.34 33.88
N VAL D 156 31.42 2.65 33.53
CA VAL D 156 30.94 4.03 33.53
C VAL D 156 30.85 4.57 34.96
N THR D 157 30.35 3.73 35.88
CA THR D 157 30.00 4.20 37.21
C THR D 157 31.23 4.61 38.02
N GLN D 158 32.28 3.79 38.01
CA GLN D 158 33.40 4.10 38.89
C GLN D 158 34.42 5.03 38.26
N ALA D 159 34.35 5.28 36.96
CA ALA D 159 35.35 6.10 36.30
C ALA D 159 35.07 7.58 36.50
N THR D 160 36.12 8.34 36.72
CA THR D 160 36.01 9.76 37.02
C THR D 160 37.02 10.53 36.16
N SER D 161 37.17 10.10 34.91
CA SER D 161 38.09 10.74 33.97
C SER D 161 37.63 10.43 32.56
N PHE D 162 37.78 11.40 31.67
CA PHE D 162 37.18 11.31 30.35
C PHE D 162 37.85 10.29 29.44
N GLU D 163 39.15 10.09 29.58
CA GLU D 163 39.81 9.03 28.82
C GLU D 163 39.36 7.65 29.26
N SER D 164 39.04 7.46 30.54
CA SER D 164 38.51 6.18 31.00
C SER D 164 37.10 5.93 30.45
N LEU D 165 36.25 6.95 30.41
CA LEU D 165 34.94 6.82 29.78
C LEU D 165 35.07 6.58 28.28
N LEU D 166 36.06 7.20 27.64
CA LEU D 166 36.30 6.96 26.22
C LEU D 166 36.73 5.52 25.97
N GLY D 167 37.61 4.98 26.81
CA GLY D 167 38.01 3.59 26.69
C GLY D 167 36.88 2.62 26.96
N HIS D 168 36.01 2.94 27.93
CA HIS D 168 34.84 2.10 28.19
C HIS D 168 33.85 2.14 27.03
N GLU D 169 33.65 3.33 26.46
CA GLU D 169 32.76 3.46 25.31
C GLU D 169 33.38 2.69 24.17
N GLY D 170 34.68 2.91 23.95
CA GLY D 170 35.37 2.23 22.88
C GLY D 170 35.18 0.74 22.91
N THR D 171 35.52 0.11 24.05
CA THR D 171 35.42 -1.33 24.13
C THR D 171 33.97 -1.84 24.05
N PHE D 172 33.01 -1.05 24.53
CA PHE D 172 31.61 -1.43 24.44
C PHE D 172 31.25 -1.56 22.96
N VAL D 173 31.52 -0.51 22.20
CA VAL D 173 31.22 -0.54 20.77
C VAL D 173 31.97 -1.65 20.05
N LYS D 174 33.26 -1.79 20.32
CA LYS D 174 34.07 -2.79 19.62
C LYS D 174 33.67 -4.22 19.92
N SER D 175 33.28 -4.50 21.16
CA SER D 175 32.89 -5.83 21.53
C SER D 175 31.49 -6.13 21.06
N LEU D 176 30.69 -5.09 20.84
CA LEU D 176 29.36 -5.30 20.29
C LEU D 176 29.54 -5.65 18.83
N TYR D 177 30.54 -5.04 18.19
CA TYR D 177 30.81 -5.38 16.81
C TYR D 177 31.22 -6.84 16.76
N LYS D 178 32.06 -7.25 17.71
CA LYS D 178 32.52 -8.64 17.72
C LYS D 178 31.44 -9.63 18.12
N GLU D 179 30.52 -9.24 19.01
CA GLU D 179 29.42 -10.12 19.38
C GLU D 179 28.47 -10.32 18.22
N TYR D 180 28.11 -9.26 17.51
CA TYR D 180 27.30 -9.36 16.32
C TYR D 180 28.02 -10.07 15.18
N ALA D 181 29.36 -9.98 15.15
CA ALA D 181 30.14 -10.75 14.21
C ALA D 181 30.04 -12.24 14.49
N LEU D 182 30.16 -12.63 15.77
CA LEU D 182 30.12 -14.05 16.11
C LEU D 182 28.71 -14.63 16.03
N GLU D 183 27.68 -13.86 16.37
CA GLU D 183 26.32 -14.36 16.31
C GLU D 183 25.76 -14.40 14.90
N TYR D 184 26.20 -13.53 14.00
CA TYR D 184 25.83 -13.62 12.61
C TYR D 184 26.79 -14.45 11.76
N GLU D 185 27.85 -14.97 12.38
CA GLU D 185 28.83 -15.90 11.78
C GLU D 185 29.50 -15.27 10.56
N ILE D 186 30.21 -14.19 10.83
CA ILE D 186 30.89 -13.43 9.78
C ILE D 186 31.99 -12.64 10.49
N GLU D 187 33.18 -12.55 9.90
CA GLU D 187 34.24 -11.72 10.45
C GLU D 187 33.90 -10.26 10.23
N PHE D 188 34.31 -9.40 11.17
CA PHE D 188 33.95 -7.99 11.11
C PHE D 188 34.99 -7.16 11.84
N LYS D 189 35.83 -6.48 11.08
CA LYS D 189 36.67 -5.40 11.61
C LYS D 189 36.19 -4.13 10.92
N ARG D 190 35.61 -3.22 11.69
CA ARG D 190 34.94 -2.06 11.12
C ARG D 190 35.97 -1.06 10.62
N ASP D 191 36.33 -1.19 9.34
CA ASP D 191 37.15 -0.20 8.64
C ASP D 191 36.22 0.52 7.68
N HIS D 192 36.26 1.85 7.72
CA HIS D 192 35.30 2.65 6.96
C HIS D 192 35.58 2.62 5.46
N LYS D 193 36.81 2.31 5.06
CA LYS D 193 37.12 2.19 3.64
C LYS D 193 36.69 0.85 3.07
N SER D 194 36.38 -0.12 3.93
CA SER D 194 35.97 -1.44 3.46
C SER D 194 34.57 -1.38 2.86
N ALA D 195 34.41 -1.98 1.69
CA ALA D 195 33.20 -1.85 0.89
C ALA D 195 32.31 -3.08 0.95
N ASP D 196 32.40 -3.84 2.04
CA ASP D 196 31.45 -4.93 2.25
C ASP D 196 30.09 -4.35 2.61
N ASN D 197 29.04 -5.14 2.40
CA ASN D 197 27.68 -4.67 2.63
C ASN D 197 27.40 -4.40 4.11
N TYR D 198 28.04 -5.16 5.00
CA TYR D 198 27.95 -4.88 6.43
C TYR D 198 28.52 -3.51 6.78
N ASN D 199 29.75 -3.22 6.34
CA ASN D 199 30.36 -1.93 6.63
C ASN D 199 29.68 -0.79 5.88
N LYS D 200 29.24 -1.02 4.65
CA LYS D 200 28.56 0.03 3.89
C LYS D 200 27.21 0.36 4.49
N PHE D 201 26.45 -0.65 4.90
CA PHE D 201 25.19 -0.38 5.57
C PHE D 201 25.40 0.25 6.94
N LEU D 202 26.48 -0.11 7.63
CA LEU D 202 26.80 0.55 8.90
C LEU D 202 27.17 2.02 8.72
N THR D 203 27.98 2.36 7.72
CA THR D 203 28.29 3.77 7.53
C THR D 203 27.16 4.56 6.90
N LEU D 204 26.19 3.89 6.25
CA LEU D 204 24.98 4.59 5.85
C LEU D 204 24.05 4.83 7.04
N GLY D 205 23.92 3.82 7.91
CA GLY D 205 23.13 3.98 9.10
C GLY D 205 23.68 5.00 10.06
N ASN D 206 25.01 5.10 10.15
CA ASN D 206 25.63 6.13 10.96
C ASN D 206 25.35 7.53 10.44
N TYR D 207 25.20 7.68 9.13
CA TYR D 207 24.78 8.95 8.55
C TYR D 207 23.32 9.26 8.88
N TYR D 208 22.45 8.24 8.86
CA TYR D 208 21.10 8.36 9.38
C TYR D 208 21.04 8.75 10.85
N ALA D 209 21.89 8.15 11.67
CA ALA D 209 22.05 8.50 13.06
C ALA D 209 22.53 9.93 13.26
N TYR D 210 23.47 10.38 12.44
CA TYR D 210 23.88 11.78 12.42
C TYR D 210 22.71 12.68 12.10
N GLY D 211 21.85 12.25 11.15
CA GLY D 211 20.74 13.08 10.75
C GLY D 211 19.71 13.30 11.85
N ILE D 212 19.21 12.20 12.45
CA ILE D 212 18.27 12.37 13.57
C ILE D 212 18.92 12.91 14.83
N ALA D 213 20.18 12.56 15.09
CA ALA D 213 20.90 13.17 16.20
C ALA D 213 21.03 14.67 16.05
N ARG D 214 21.43 15.17 14.89
CA ARG D 214 21.53 16.58 14.65
C ARG D 214 20.18 17.26 14.55
N SER D 215 19.13 16.55 14.14
CA SER D 215 17.78 17.09 14.26
C SER D 215 17.35 17.27 15.70
N SER D 216 17.74 16.37 16.59
CA SER D 216 17.45 16.49 18.02
C SER D 216 18.32 17.56 18.67
N LEU D 217 19.50 17.79 18.08
CA LEU D 217 20.32 18.94 18.45
C LEU D 217 19.70 20.25 18.02
N TRP D 218 19.12 20.30 16.83
CA TRP D 218 18.55 21.55 16.33
C TRP D 218 17.23 21.90 17.00
N ALA D 219 16.37 20.89 17.23
CA ALA D 219 15.07 21.17 17.82
C ALA D 219 15.21 21.63 19.26
N LEU D 220 16.18 21.08 19.97
CA LEU D 220 16.59 21.60 21.27
C LEU D 220 17.23 22.98 21.11
N GLY D 221 17.99 23.16 20.04
CA GLY D 221 18.64 24.44 19.81
C GLY D 221 20.08 24.38 20.21
N ILE D 222 20.53 23.20 20.62
CA ILE D 222 21.85 23.01 21.18
C ILE D 222 22.83 22.93 20.01
N ASP D 223 23.86 23.76 20.02
CA ASP D 223 24.90 23.67 19.01
C ASP D 223 25.76 22.46 19.25
N ASN D 224 26.25 21.87 18.15
CA ASN D 224 27.05 20.66 18.22
C ASN D 224 28.40 20.88 18.87
N SER D 225 28.94 22.09 18.81
CA SER D 225 30.27 22.37 19.35
C SER D 225 30.22 22.63 20.84
N PHE D 226 29.78 21.63 21.59
CA PHE D 226 29.83 21.64 23.05
C PHE D 226 29.85 20.20 23.55
N PRO D 227 30.86 19.41 23.19
CA PRO D 227 30.73 17.96 23.34
C PRO D 227 30.94 17.49 24.78
N LEU D 228 30.12 16.54 25.19
CA LEU D 228 30.30 15.92 26.50
C LEU D 228 31.52 15.02 26.53
N LEU D 229 31.86 14.41 25.40
CA LEU D 229 32.96 13.46 25.30
C LEU D 229 33.90 13.93 24.20
N HIS D 230 34.97 14.61 24.58
CA HIS D 230 35.97 15.09 23.64
C HIS D 230 37.32 14.43 23.96
N GLY D 231 38.12 14.28 22.92
CA GLY D 231 39.40 13.61 23.07
C GLY D 231 40.04 13.36 21.71
N SER D 232 40.86 12.32 21.64
CA SER D 232 41.63 12.02 20.45
C SER D 232 40.79 11.32 19.39
N THR D 233 40.20 10.17 19.74
CA THR D 233 39.40 9.44 18.76
C THR D 233 38.08 10.13 18.49
N ARG D 234 37.45 10.67 19.53
CA ARG D 234 36.09 11.22 19.41
C ARG D 234 36.19 12.69 18.99
N ARG D 235 35.96 12.94 17.71
CA ARG D 235 35.92 14.28 17.15
C ARG D 235 34.58 14.49 16.46
N GLY D 236 34.15 15.74 16.36
CA GLY D 236 32.96 16.07 15.61
C GLY D 236 31.83 16.69 16.42
N GLY D 237 32.01 16.79 17.72
CA GLY D 237 31.02 17.40 18.60
C GLY D 237 30.19 16.37 19.33
N LEU D 238 29.06 16.82 19.85
CA LEU D 238 28.20 15.99 20.67
C LEU D 238 27.14 15.27 19.84
N VAL D 239 27.07 15.58 18.55
CA VAL D 239 26.23 14.80 17.65
C VAL D 239 26.76 13.37 17.51
N PHE D 240 28.04 13.13 17.79
CA PHE D 240 28.55 11.77 17.86
C PHE D 240 28.45 11.18 19.25
N ASP D 241 27.80 11.88 20.17
CA ASP D 241 27.20 11.27 21.36
C ASP D 241 25.75 10.91 21.14
N VAL D 242 25.01 11.78 20.45
CA VAL D 242 23.59 11.55 20.22
C VAL D 242 23.36 10.60 19.04
N ALA D 243 24.38 10.36 18.23
CA ALA D 243 24.32 9.31 17.23
C ALA D 243 24.83 7.98 17.77
N ASP D 244 25.79 8.01 18.68
CA ASP D 244 26.42 6.79 19.14
C ASP D 244 25.60 6.09 20.22
N ILE D 245 24.55 6.72 20.74
CA ILE D 245 23.52 5.97 21.44
C ILE D 245 22.81 4.99 20.52
N ILE D 246 22.26 5.45 19.41
CA ILE D 246 21.49 4.59 18.55
C ILE D 246 22.40 3.77 17.66
N LYS D 247 23.70 4.08 17.62
CA LYS D 247 24.63 3.37 16.76
C LYS D 247 24.85 1.94 17.19
N THR D 248 25.06 1.71 18.48
CA THR D 248 25.27 0.34 18.94
C THR D 248 23.96 -0.40 19.20
N SER D 249 22.82 0.28 19.13
CA SER D 249 21.58 -0.31 19.65
C SER D 249 20.45 -0.35 18.64
N ILE D 250 20.54 0.34 17.51
CA ILE D 250 19.52 0.32 16.47
C ILE D 250 20.11 0.02 15.09
N ILE D 251 21.05 0.86 14.62
CA ILE D 251 21.39 0.77 13.20
C ILE D 251 22.31 -0.41 12.94
N LEU D 252 23.16 -0.75 13.91
CA LEU D 252 24.06 -1.89 13.77
C LEU D 252 23.29 -3.21 13.71
N PRO D 253 22.26 -3.49 14.54
CA PRO D 253 21.38 -4.61 14.18
C PRO D 253 20.65 -4.41 12.86
N LEU D 254 20.24 -3.19 12.54
CA LEU D 254 19.57 -2.93 11.27
C LEU D 254 20.48 -3.11 10.07
N ALA D 255 21.71 -2.61 10.12
CA ALA D 255 22.69 -2.82 9.06
C ALA D 255 23.07 -4.29 8.92
N PHE D 256 23.29 -4.97 10.06
CA PHE D 256 23.69 -6.37 10.00
C PHE D 256 22.58 -7.26 9.46
N HIS D 257 21.34 -7.01 9.87
CA HIS D 257 20.20 -7.73 9.32
C HIS D 257 19.95 -7.37 7.85
N ALA D 258 20.23 -6.11 7.48
CA ALA D 258 20.00 -5.68 6.11
C ALA D 258 20.99 -6.31 5.15
N ALA D 259 22.21 -6.58 5.61
CA ALA D 259 23.16 -7.23 4.72
C ALA D 259 23.11 -8.75 4.87
N ASP D 260 22.58 -9.25 5.99
CA ASP D 260 22.43 -10.69 6.13
C ASP D 260 21.26 -11.21 5.32
N GLN D 261 20.18 -10.44 5.24
CA GLN D 261 19.02 -10.84 4.47
C GLN D 261 19.12 -10.42 3.01
N GLY D 262 20.21 -9.79 2.61
CA GLY D 262 20.43 -9.42 1.23
C GLY D 262 19.55 -8.28 0.77
N MET D 263 19.07 -7.47 1.71
CA MET D 263 18.31 -6.28 1.41
C MET D 263 19.22 -5.23 0.79
N SER D 264 18.67 -4.47 -0.15
CA SER D 264 19.46 -3.57 -0.98
C SER D 264 19.80 -2.30 -0.21
N ASN D 265 20.40 -1.33 -0.90
CA ASN D 265 20.69 -0.04 -0.29
C ASN D 265 19.43 0.72 0.06
N THR D 266 18.50 0.85 -0.90
CA THR D 266 17.27 1.57 -0.64
C THR D 266 16.33 0.80 0.29
N GLU D 267 16.50 -0.51 0.43
CA GLU D 267 15.67 -1.25 1.37
C GLU D 267 16.12 -1.05 2.80
N PHE D 268 17.42 -0.99 3.05
CA PHE D 268 17.92 -0.58 4.36
C PHE D 268 17.60 0.88 4.65
N LYS D 269 17.65 1.72 3.61
CA LYS D 269 17.23 3.11 3.75
C LYS D 269 15.75 3.22 4.13
N ARG D 270 14.89 2.36 3.58
CA ARG D 270 13.50 2.33 3.95
C ARG D 270 13.28 1.80 5.36
N SER D 271 13.98 0.73 5.72
CA SER D 271 13.85 0.14 7.05
C SER D 271 14.33 1.08 8.15
N CYS D 272 15.35 1.89 7.87
CA CYS D 272 15.85 2.84 8.84
C CYS D 272 15.11 4.18 8.79
N VAL D 273 13.93 4.21 8.17
CA VAL D 273 13.00 5.32 8.30
C VAL D 273 11.81 4.75 9.04
N ALA D 274 11.41 3.54 8.64
CA ALA D 274 10.27 2.88 9.28
C ALA D 274 10.50 2.64 10.76
N TYR D 275 11.61 1.98 11.09
CA TYR D 275 11.93 1.70 12.50
C TYR D 275 12.20 2.99 13.26
N PHE D 276 12.84 3.95 12.59
CA PHE D 276 13.17 5.21 13.23
C PHE D 276 11.93 6.02 13.64
N ASP D 277 10.78 5.57 13.13
CA ASP D 277 9.47 6.17 13.48
C ASP D 277 8.49 5.25 14.14
N LYS D 278 8.68 3.97 14.09
CA LYS D 278 7.81 3.11 14.82
C LYS D 278 7.98 3.28 16.30
N ASN D 279 9.18 3.36 16.87
CA ASN D 279 9.30 3.63 18.29
C ASN D 279 9.86 5.02 18.46
N ASP D 280 9.72 5.86 17.45
CA ASP D 280 10.23 7.23 17.49
C ASP D 280 11.59 7.40 18.11
N ILE D 281 12.65 7.02 17.39
CA ILE D 281 13.93 7.17 17.87
C ILE D 281 14.14 8.63 17.73
N LEU D 282 13.10 9.36 17.35
CA LEU D 282 13.32 10.81 17.38
C LEU D 282 12.94 11.46 18.70
N ALA D 283 11.69 11.29 19.14
CA ALA D 283 11.28 11.94 20.37
C ALA D 283 11.85 11.24 21.60
N TYR D 284 12.35 10.01 21.43
CA TYR D 284 13.19 9.42 22.45
C TYR D 284 14.46 10.24 22.68
N LEU D 285 15.19 10.54 21.61
CA LEU D 285 16.36 11.39 21.67
C LEU D 285 16.04 12.83 22.02
N ILE D 286 14.80 13.26 21.82
CA ILE D 286 14.40 14.63 22.13
C ILE D 286 14.16 14.69 23.64
N ASN D 287 13.28 13.82 24.15
CA ASN D 287 12.84 13.86 25.54
C ASN D 287 13.86 13.25 26.49
N ASN D 288 14.87 12.58 25.97
CA ASN D 288 15.92 12.08 26.82
C ASN D 288 17.14 13.00 26.88
N ILE D 289 17.38 13.78 25.82
CA ILE D 289 18.29 14.92 25.95
C ILE D 289 17.65 15.98 26.84
N LYS D 290 16.32 16.15 26.75
CA LYS D 290 15.60 16.97 27.72
C LYS D 290 15.71 16.43 29.14
N ARG D 291 15.84 15.11 29.32
CA ARG D 291 16.20 14.54 30.60
C ARG D 291 17.65 14.84 30.98
N LEU D 292 18.54 14.95 30.00
CA LEU D 292 19.91 15.34 30.27
C LEU D 292 20.06 16.81 30.65
N CYS D 293 19.30 17.69 30.00
CA CYS D 293 19.34 19.12 30.31
C CYS D 293 18.87 19.38 31.72
N MET D 294 17.57 19.14 31.97
CA MET D 294 16.87 19.11 33.25
C MET D 294 17.31 20.14 34.28
N GLU D 295 18.45 19.89 34.91
CA GLU D 295 19.01 20.81 35.90
C GLU D 295 20.29 21.47 35.37
N MET E 1 26.06 40.64 -7.65
CA MET E 1 26.21 39.33 -8.26
C MET E 1 27.36 38.63 -7.55
N GLN E 2 28.46 39.35 -7.42
CA GLN E 2 29.60 38.97 -6.60
C GLN E 2 30.03 40.19 -5.80
N LYS E 3 30.18 40.02 -4.49
CA LYS E 3 30.42 41.15 -3.60
C LYS E 3 31.27 40.69 -2.42
N GLN E 4 31.90 41.65 -1.75
CA GLN E 4 32.86 41.39 -0.69
C GLN E 4 32.47 42.19 0.55
N ILE E 5 32.31 41.50 1.67
CA ILE E 5 32.06 42.16 2.96
C ILE E 5 33.13 41.76 3.96
N LEU E 6 33.66 42.75 4.66
CA LEU E 6 34.75 42.54 5.61
C LEU E 6 34.22 42.03 6.93
N THR E 7 34.92 41.04 7.51
CA THR E 7 34.60 40.58 8.85
C THR E 7 35.47 41.25 9.90
N SER E 8 36.78 40.98 9.89
CA SER E 8 37.66 41.73 10.77
C SER E 8 38.79 42.46 10.04
N GLN E 9 39.71 41.71 9.44
CA GLN E 9 40.80 42.34 8.69
C GLN E 9 40.88 41.83 7.25
N LYS E 10 41.02 40.51 7.08
CA LYS E 10 41.20 39.91 5.77
C LYS E 10 40.33 38.68 5.57
N ARG E 11 39.84 38.08 6.64
CA ARG E 11 38.75 37.11 6.56
C ARG E 11 37.53 37.85 6.02
N ASN E 12 37.01 37.42 4.88
CA ASN E 12 36.05 38.24 4.15
C ASN E 12 34.83 37.41 3.77
N MET E 13 33.66 38.04 3.88
CA MET E 13 32.44 37.37 3.44
C MET E 13 32.19 37.64 1.97
N TYR E 14 32.19 36.58 1.18
CA TYR E 14 32.01 36.70 -0.26
C TYR E 14 30.61 36.22 -0.60
N ILE E 15 29.68 37.14 -0.72
CA ILE E 15 28.29 36.81 -1.02
C ILE E 15 28.19 36.61 -2.52
N LEU E 16 27.86 35.40 -2.93
CA LEU E 16 27.67 35.07 -4.33
C LEU E 16 26.20 35.09 -4.64
N SER E 17 25.82 35.85 -5.65
CA SER E 17 24.43 35.89 -6.09
C SER E 17 24.35 35.31 -7.49
N ARG E 18 23.27 34.57 -7.72
CA ARG E 18 22.80 34.18 -9.05
C ARG E 18 23.81 33.33 -9.81
N CYS E 19 24.47 32.41 -9.14
CA CYS E 19 25.53 31.67 -9.82
C CYS E 19 25.42 30.17 -9.74
N LYS E 20 26.52 29.49 -10.05
CA LYS E 20 26.55 28.05 -9.99
C LYS E 20 27.89 27.68 -9.43
N VAL E 21 27.97 27.54 -8.12
CA VAL E 21 29.24 27.22 -7.47
C VAL E 21 29.61 25.76 -7.67
N LEU E 22 30.39 25.48 -8.72
CA LEU E 22 30.83 24.11 -8.96
C LEU E 22 32.31 24.04 -9.20
N VAL E 23 32.87 22.84 -9.03
CA VAL E 23 34.28 22.65 -9.29
C VAL E 23 34.52 22.80 -10.79
N LYS E 24 35.33 23.79 -11.17
CA LYS E 24 35.66 23.98 -12.57
C LYS E 24 37.16 23.86 -12.72
N ASN E 25 37.61 22.95 -13.57
CA ASN E 25 39.05 22.73 -13.80
C ASN E 25 39.86 22.57 -12.52
N GLY E 26 39.46 21.64 -11.66
CA GLY E 26 40.22 21.39 -10.44
C GLY E 26 39.73 22.12 -9.22
N GLN E 27 39.77 23.46 -9.26
CA GLN E 27 39.35 24.27 -8.13
C GLN E 27 37.89 24.63 -8.26
N VAL E 28 37.34 25.33 -7.27
CA VAL E 28 35.95 25.76 -7.34
C VAL E 28 35.83 27.06 -8.14
N CYS E 29 34.64 27.29 -8.67
CA CYS E 29 34.36 28.49 -9.43
C CYS E 29 32.90 28.87 -9.17
N HIS E 30 32.40 29.84 -9.93
CA HIS E 30 30.97 30.14 -9.90
C HIS E 30 30.59 30.72 -11.25
N LEU E 31 29.77 29.98 -11.99
CA LEU E 31 29.34 30.37 -13.32
C LEU E 31 28.10 31.23 -13.18
N HIS E 32 28.19 32.49 -13.60
CA HIS E 32 27.07 33.42 -13.52
C HIS E 32 26.21 33.26 -14.78
N GLU E 33 25.21 34.11 -14.95
CA GLU E 33 24.35 34.00 -16.13
C GLU E 33 25.00 34.53 -17.39
N ASP E 34 26.06 35.32 -17.26
CA ASP E 34 26.77 35.87 -18.43
C ASP E 34 27.94 34.99 -18.86
N GLY E 35 28.06 33.79 -18.28
CA GLY E 35 29.04 32.82 -18.73
C GLY E 35 30.44 32.98 -18.18
N ASN E 36 30.67 33.90 -17.26
CA ASN E 36 32.01 34.15 -16.74
C ASN E 36 32.18 33.41 -15.41
N VAL E 37 32.99 32.36 -15.40
CA VAL E 37 33.36 31.73 -14.14
C VAL E 37 34.51 32.51 -13.49
N TYR E 38 34.54 32.48 -12.16
CA TYR E 38 35.59 33.15 -11.42
C TYR E 38 36.08 32.21 -10.33
N THR E 39 37.40 32.10 -10.19
CA THR E 39 37.96 31.36 -9.07
C THR E 39 37.95 32.21 -7.81
N VAL E 40 37.31 31.70 -6.77
CA VAL E 40 37.15 32.43 -5.52
C VAL E 40 38.44 32.24 -4.71
N PRO E 41 39.00 33.31 -4.12
CA PRO E 41 40.20 33.17 -3.27
C PRO E 41 39.97 32.28 -2.07
N TYR E 42 40.99 31.52 -1.69
CA TYR E 42 40.88 30.62 -0.56
C TYR E 42 41.41 31.21 0.74
N ALA E 43 42.47 32.01 0.66
CA ALA E 43 43.03 32.66 1.84
C ALA E 43 42.46 34.05 2.08
N ASN E 44 41.79 34.63 1.09
CA ASN E 44 41.16 35.94 1.25
C ASN E 44 39.66 35.83 1.50
N THR E 45 39.17 34.61 1.71
CA THR E 45 37.77 34.35 2.02
C THR E 45 37.72 33.26 3.06
N VAL E 46 36.87 33.41 4.07
CA VAL E 46 36.66 32.31 5.01
C VAL E 46 35.16 31.95 5.11
N PHE E 47 34.27 32.94 5.08
CA PHE E 47 32.83 32.71 5.02
C PHE E 47 32.34 33.02 3.61
N ILE E 48 32.01 31.99 2.86
CA ILE E 48 31.56 32.17 1.48
C ILE E 48 30.05 32.20 1.49
N GLY E 49 29.46 33.12 0.75
CA GLY E 49 28.03 33.40 0.82
C GLY E 49 27.27 32.86 -0.38
N LEU E 50 26.08 32.35 -0.12
CA LEU E 50 25.20 31.80 -1.15
C LEU E 50 23.87 32.54 -1.10
N ALA E 51 23.72 33.55 -1.96
CA ALA E 51 22.52 34.39 -2.02
C ALA E 51 21.50 33.76 -2.96
N GLU E 52 20.51 34.52 -3.44
CA GLU E 52 19.44 33.92 -4.24
C GLU E 52 19.97 33.44 -5.59
N GLY E 53 19.43 32.31 -6.04
CA GLY E 53 19.75 31.77 -7.34
C GLY E 53 21.06 31.02 -7.43
N THR E 54 21.64 30.61 -6.31
CA THR E 54 22.90 29.88 -6.36
C THR E 54 22.74 28.43 -5.94
N SER E 55 23.50 27.57 -6.61
CA SER E 55 23.48 26.12 -6.35
C SER E 55 24.93 25.65 -6.27
N ILE E 56 25.22 24.85 -5.26
CA ILE E 56 26.60 24.39 -5.04
C ILE E 56 26.63 22.88 -4.89
N THR E 57 27.54 22.23 -5.61
CA THR E 57 27.65 20.79 -5.63
C THR E 57 28.52 20.26 -4.49
N ASN E 58 28.46 18.93 -4.31
CA ASN E 58 29.12 18.30 -3.16
C ASN E 58 30.63 18.31 -3.36
N GLU E 59 31.11 18.27 -4.61
CA GLU E 59 32.54 18.44 -4.83
C GLU E 59 33.00 19.82 -4.41
N ALA E 60 32.22 20.84 -4.81
CA ALA E 60 32.51 22.21 -4.38
C ALA E 60 32.37 22.37 -2.88
N MET E 61 31.31 21.80 -2.30
CA MET E 61 31.09 21.85 -0.85
C MET E 61 32.24 21.21 -0.08
N SER E 62 32.62 20.00 -0.48
CA SER E 62 33.62 19.25 0.26
C SER E 62 35.00 19.85 0.12
N MET E 63 35.36 20.33 -1.08
CA MET E 63 36.70 20.87 -1.24
C MET E 63 36.78 22.29 -0.73
N LEU E 64 35.65 23.01 -0.68
CA LEU E 64 35.64 24.33 -0.04
C LEU E 64 35.79 24.18 1.47
N ALA E 65 35.11 23.21 2.06
CA ALA E 65 35.18 23.04 3.51
C ALA E 65 36.51 22.44 3.94
N ALA E 66 37.17 21.73 3.03
CA ALA E 66 38.42 21.06 3.41
C ALA E 66 39.59 22.00 3.56
N ASN E 67 39.51 23.24 3.08
CA ASN E 67 40.60 24.19 3.18
C ASN E 67 40.14 25.49 3.85
N GLY E 68 39.48 25.35 5.00
CA GLY E 68 39.26 26.47 5.90
C GLY E 68 38.01 27.28 5.64
N VAL E 69 37.52 27.21 4.41
CA VAL E 69 36.47 28.09 3.93
C VAL E 69 35.13 27.46 4.28
N ILE E 70 34.25 28.19 4.97
CA ILE E 70 33.02 27.60 5.48
C ILE E 70 31.82 28.36 4.94
N VAL E 71 30.81 27.63 4.46
CA VAL E 71 29.69 28.17 3.71
C VAL E 71 28.63 28.69 4.64
N PHE E 72 27.82 29.63 4.16
CA PHE E 72 26.50 29.87 4.73
C PHE E 72 25.53 30.29 3.64
N TRP E 73 24.26 30.02 3.85
CA TRP E 73 23.20 30.38 2.93
C TRP E 73 22.53 31.67 3.41
N THR E 74 21.97 32.42 2.47
CA THR E 74 21.38 33.71 2.77
C THR E 74 20.38 34.07 1.70
N LYS E 75 19.51 35.02 2.02
CA LYS E 75 18.52 35.52 1.08
C LYS E 75 19.13 36.65 0.27
N GLY E 76 18.28 37.41 -0.42
CA GLY E 76 18.74 38.52 -1.24
C GLY E 76 19.37 39.65 -0.47
N GLY E 77 20.66 39.87 -0.67
CA GLY E 77 21.40 40.93 -0.04
C GLY E 77 22.60 40.50 0.77
N GLY E 78 22.63 39.24 1.22
CA GLY E 78 23.75 38.77 1.99
C GLY E 78 23.67 38.99 3.48
N TYR E 79 22.57 39.55 3.97
CA TYR E 79 22.41 39.87 5.38
C TYR E 79 21.14 39.25 5.93
N ASP E 80 20.63 38.21 5.27
CA ASP E 80 19.37 37.59 5.63
C ASP E 80 19.54 36.08 5.64
N MET E 81 20.56 35.64 6.38
CA MET E 81 20.94 34.24 6.41
C MET E 81 19.86 33.38 7.05
N PHE E 82 19.82 32.11 6.64
CA PHE E 82 18.89 31.16 7.25
C PHE E 82 19.51 29.82 7.61
N ALA E 83 20.60 29.41 6.98
CA ALA E 83 21.15 28.09 7.28
C ALA E 83 22.66 28.07 7.12
N ALA E 84 23.34 27.47 8.11
CA ALA E 84 24.78 27.29 8.08
C ALA E 84 25.18 26.19 9.05
N ASP E 85 26.47 25.89 9.06
CA ASP E 85 27.11 25.14 10.11
C ASP E 85 27.88 26.11 11.01
N ILE E 86 28.07 25.70 12.26
CA ILE E 86 28.65 26.59 13.26
C ILE E 86 30.15 26.77 13.02
N ILE E 87 30.66 27.93 13.42
CA ILE E 87 32.08 28.23 13.42
C ILE E 87 32.75 27.37 14.48
N CYS E 88 33.90 26.77 14.15
CA CYS E 88 34.73 26.11 15.15
C CYS E 88 36.10 26.75 15.14
N HIS E 89 37.06 26.13 15.82
CA HIS E 89 38.46 26.54 15.71
C HIS E 89 38.96 26.35 14.28
N LEU E 90 39.01 25.10 13.82
CA LEU E 90 39.20 24.77 12.43
C LEU E 90 38.32 23.55 12.16
N PRO E 91 37.68 23.49 11.00
CA PRO E 91 36.72 22.38 10.76
C PRO E 91 37.36 21.05 10.44
N GLN E 92 38.69 20.96 10.33
CA GLN E 92 39.34 19.74 9.90
C GLN E 92 40.03 18.98 11.03
N ALA E 93 40.94 19.63 11.76
CA ALA E 93 41.79 18.90 12.70
C ALA E 93 41.22 18.84 14.11
N ASP E 94 40.15 19.56 14.41
CA ASP E 94 39.61 19.60 15.77
C ASP E 94 38.14 19.99 15.70
N TYR E 95 37.46 19.91 16.85
CA TYR E 95 36.10 20.41 17.00
C TYR E 95 35.95 20.93 18.42
N ARG E 96 35.73 22.24 18.54
CA ARG E 96 35.77 22.93 19.82
C ARG E 96 34.91 24.18 19.72
N PRO E 97 34.24 24.57 20.80
CA PRO E 97 33.62 25.89 20.84
C PRO E 97 34.69 26.98 20.73
N THR E 98 34.34 28.06 20.04
CA THR E 98 35.31 29.09 19.72
C THR E 98 35.67 29.89 20.96
N LYS E 99 36.80 30.62 20.86
CA LYS E 99 37.26 31.41 22.00
C LYS E 99 36.31 32.56 22.30
N TYR E 100 35.68 33.12 21.27
CA TYR E 100 34.63 34.10 21.48
C TYR E 100 33.41 33.47 22.14
N MET E 101 33.07 32.24 21.75
CA MET E 101 31.98 31.52 22.39
C MET E 101 32.26 31.25 23.86
N GLN E 102 33.49 30.81 24.16
CA GLN E 102 33.86 30.52 25.54
C GLN E 102 33.85 31.77 26.40
N ASN E 103 34.39 32.88 25.89
CA ASN E 103 34.40 34.12 26.65
C ASN E 103 33.00 34.68 26.83
N TRP E 104 32.12 34.54 25.82
CA TRP E 104 30.73 34.98 25.99
C TRP E 104 30.00 34.13 27.01
N VAL E 105 30.33 32.85 27.10
CA VAL E 105 29.77 32.01 28.14
C VAL E 105 30.23 32.47 29.52
N ARG E 106 31.51 32.88 29.63
CA ARG E 106 31.98 33.44 30.90
C ARG E 106 31.27 34.74 31.25
N LEU E 107 30.92 35.54 30.23
CA LEU E 107 30.09 36.71 30.51
C LEU E 107 28.68 36.33 30.96
N TRP E 108 28.07 35.35 30.30
CA TRP E 108 26.68 35.00 30.58
C TRP E 108 26.54 34.28 31.92
N LEU E 109 27.58 33.58 32.36
CA LEU E 109 27.51 32.71 33.52
C LEU E 109 27.99 33.37 34.80
N ASP E 110 28.19 34.69 34.80
CA ASP E 110 28.44 35.42 36.04
C ASP E 110 27.51 36.63 35.97
N GLU E 111 26.76 36.85 37.05
CA GLU E 111 25.70 37.86 37.06
C GLU E 111 26.28 39.27 36.95
N GLU E 112 27.37 39.52 37.67
CA GLU E 112 28.02 40.82 37.60
C GLU E 112 28.68 41.04 36.24
N LYS E 113 29.28 39.99 35.67
CA LYS E 113 29.87 40.12 34.35
C LYS E 113 28.82 40.25 33.25
N LYS E 114 27.68 39.56 33.37
CA LYS E 114 26.59 39.76 32.44
C LYS E 114 26.01 41.17 32.56
N LEU E 115 25.93 41.70 33.79
CA LEU E 115 25.48 43.06 34.00
C LEU E 115 26.44 44.08 33.36
N SER E 116 27.74 43.94 33.60
CA SER E 116 28.71 44.90 33.05
C SER E 116 28.86 44.75 31.55
N ALA E 117 28.62 43.56 31.02
CA ALA E 117 28.54 43.40 29.56
C ALA E 117 27.28 44.04 29.00
N ALA E 118 26.18 43.99 29.76
CA ALA E 118 24.93 44.62 29.34
C ALA E 118 25.05 46.14 29.26
N LYS E 119 25.73 46.77 30.24
CA LYS E 119 25.97 48.20 30.12
C LYS E 119 26.85 48.52 28.92
N GLU E 120 27.77 47.62 28.57
CA GLU E 120 28.60 47.82 27.40
C GLU E 120 27.78 47.80 26.11
N ILE E 121 26.94 46.78 25.92
CA ILE E 121 26.21 46.66 24.66
C ILE E 121 25.14 47.76 24.57
N LEU E 122 24.60 48.19 25.71
CA LEU E 122 23.78 49.40 25.71
C LEU E 122 24.58 50.65 25.36
N LYS E 123 25.82 50.74 25.81
CA LYS E 123 26.63 51.93 25.58
C LYS E 123 27.29 51.94 24.21
N MET E 124 26.96 50.96 23.36
CA MET E 124 27.47 50.97 21.99
C MET E 124 26.48 51.78 21.17
N ARG E 125 25.35 52.12 21.77
CA ARG E 125 24.31 52.89 21.06
C ARG E 125 24.82 54.22 20.57
N VAL E 126 25.37 55.01 21.47
CA VAL E 126 25.87 56.33 21.10
C VAL E 126 26.93 56.21 20.01
N ASP E 127 27.82 55.23 20.14
CA ASP E 127 28.85 55.04 19.14
C ASP E 127 28.24 54.74 17.78
N SER E 128 27.29 53.82 17.73
CA SER E 128 26.63 53.47 16.48
C SER E 128 26.02 54.68 15.79
N LEU E 129 25.35 55.53 16.57
CA LEU E 129 24.75 56.73 16.01
C LEU E 129 25.80 57.66 15.43
N SER E 130 26.81 57.97 16.23
CA SER E 130 27.85 58.91 15.77
C SER E 130 28.62 58.41 14.57
N THR E 131 29.03 57.15 14.58
CA THR E 131 29.82 56.62 13.46
C THR E 131 29.07 56.66 12.15
N HIS E 132 27.78 56.34 12.19
CA HIS E 132 27.01 56.30 10.95
C HIS E 132 25.88 57.31 10.92
N VAL E 133 26.18 58.57 10.63
CA VAL E 133 25.09 59.52 10.48
C VAL E 133 24.64 59.43 9.04
N HIS E 134 23.40 59.79 8.80
CA HIS E 134 22.84 59.83 7.47
C HIS E 134 22.65 61.29 7.08
N ASP E 135 22.39 61.52 5.80
CA ASP E 135 22.00 62.83 5.32
C ASP E 135 20.47 62.99 5.35
N PHE E 136 19.78 62.08 6.02
CA PHE E 136 18.32 62.02 5.99
C PHE E 136 17.67 62.59 7.23
N GLY E 137 18.05 62.14 8.42
CA GLY E 137 17.34 62.45 9.63
C GLY E 137 18.10 63.43 10.50
N VAL E 138 17.89 63.33 11.81
CA VAL E 138 18.50 64.27 12.75
C VAL E 138 20.00 64.01 12.84
N ASP E 139 20.77 65.06 13.04
CA ASP E 139 22.19 64.91 13.29
C ASP E 139 22.39 64.46 14.73
N VAL E 140 23.53 63.83 15.00
CA VAL E 140 23.84 63.39 16.35
C VAL E 140 24.02 64.58 17.29
N GLU E 141 24.69 65.63 16.82
CA GLU E 141 25.08 66.74 17.67
C GLU E 141 24.06 67.89 17.59
N ASN E 142 22.83 67.59 18.04
CA ASN E 142 21.83 68.62 18.28
C ASN E 142 21.55 68.65 19.77
N LYS E 143 20.54 69.40 20.21
CA LYS E 143 20.29 69.59 21.63
C LYS E 143 19.58 68.39 22.24
N ARG E 144 18.38 68.07 21.76
CA ARG E 144 17.53 67.10 22.45
C ARG E 144 17.99 65.66 22.19
N VAL E 145 18.51 65.36 21.00
CA VAL E 145 19.03 64.03 20.75
C VAL E 145 20.29 63.78 21.57
N SER E 146 21.17 64.77 21.72
CA SER E 146 22.31 64.57 22.61
C SER E 146 21.90 64.60 24.08
N SER E 147 20.76 65.19 24.41
CA SER E 147 20.20 65.01 25.75
C SER E 147 19.77 63.57 26.00
N ILE E 148 19.19 62.93 24.99
CA ILE E 148 18.86 61.50 25.06
C ILE E 148 20.13 60.66 25.21
N VAL E 149 21.16 61.00 24.43
CA VAL E 149 22.48 60.36 24.54
C VAL E 149 23.08 60.56 25.92
N ASN E 150 22.93 61.77 26.48
CA ASN E 150 23.45 62.05 27.81
C ASN E 150 22.68 61.28 28.87
N LYS E 151 21.38 61.04 28.62
CA LYS E 151 20.59 60.21 29.51
C LYS E 151 21.13 58.79 29.56
N PHE E 152 21.49 58.22 28.40
CA PHE E 152 22.22 56.94 28.43
C PHE E 152 23.57 57.04 29.10
N ASP E 153 24.40 57.99 28.67
CA ASP E 153 25.78 58.05 29.13
C ASP E 153 25.91 58.41 30.60
N LYS E 154 24.81 58.84 31.24
CA LYS E 154 24.73 58.89 32.69
C LYS E 154 24.10 57.62 33.27
N GLY E 155 22.94 57.21 32.78
CA GLY E 155 22.13 56.24 33.52
C GLY E 155 22.58 54.80 33.33
N VAL E 156 23.12 54.48 32.15
CA VAL E 156 23.53 53.10 31.87
C VAL E 156 24.76 52.72 32.70
N THR E 157 25.64 53.69 32.95
CA THR E 157 26.89 53.42 33.65
C THR E 157 26.66 53.02 35.10
N GLN E 158 25.64 53.57 35.74
CA GLN E 158 25.35 53.26 37.14
C GLN E 158 23.98 52.62 37.35
N ALA E 159 23.43 51.95 36.34
CA ALA E 159 22.18 51.22 36.55
C ALA E 159 22.45 49.95 37.33
N THR E 160 21.55 49.62 38.25
CA THR E 160 21.82 48.55 39.21
C THR E 160 21.65 47.17 38.58
N SER E 161 20.44 46.85 38.14
CA SER E 161 20.13 45.52 37.63
C SER E 161 19.48 45.61 36.26
N PHE E 162 19.00 44.46 35.77
CA PHE E 162 18.69 44.32 34.35
C PHE E 162 17.40 45.02 33.95
N GLU E 163 16.38 45.02 34.82
CA GLU E 163 15.14 45.71 34.47
C GLU E 163 15.30 47.22 34.44
N SER E 164 16.28 47.76 35.18
CA SER E 164 16.65 49.16 35.00
C SER E 164 17.23 49.42 33.61
N LEU E 165 18.08 48.51 33.12
CA LEU E 165 18.62 48.63 31.77
C LEU E 165 17.52 48.53 30.72
N LEU E 166 16.55 47.65 30.94
CA LEU E 166 15.39 47.58 30.05
C LEU E 166 14.55 48.85 30.08
N GLY E 167 14.39 49.47 31.26
CA GLY E 167 13.69 50.74 31.36
C GLY E 167 14.37 51.87 30.62
N HIS E 168 15.69 52.00 30.78
CA HIS E 168 16.42 53.00 30.00
C HIS E 168 16.40 52.72 28.50
N GLU E 169 16.52 51.44 28.10
CA GLU E 169 16.46 51.11 26.68
C GLU E 169 15.10 51.45 26.09
N GLY E 170 14.04 51.22 26.86
CA GLY E 170 12.71 51.62 26.42
C GLY E 170 12.56 53.12 26.30
N THR E 171 13.16 53.88 27.23
CA THR E 171 13.09 55.34 27.14
C THR E 171 13.84 55.86 25.91
N PHE E 172 14.99 55.26 25.61
CA PHE E 172 15.76 55.66 24.43
C PHE E 172 15.00 55.32 23.15
N VAL E 173 14.40 54.13 23.07
CA VAL E 173 13.68 53.76 21.86
C VAL E 173 12.45 54.64 21.67
N LYS E 174 11.64 54.80 22.72
CA LYS E 174 10.45 55.65 22.63
C LYS E 174 10.80 57.14 22.60
N SER E 175 12.03 57.51 22.88
CA SER E 175 12.44 58.91 22.87
C SER E 175 13.09 59.32 21.56
N LEU E 176 13.87 58.46 20.90
CA LEU E 176 14.24 58.73 19.53
C LEU E 176 13.10 58.54 18.57
N TYR E 177 12.05 57.80 18.96
CA TYR E 177 10.83 57.83 18.15
C TYR E 177 10.24 59.22 18.10
N LYS E 178 10.28 59.95 19.22
CA LYS E 178 9.82 61.33 19.25
C LYS E 178 10.69 62.23 18.38
N GLU E 179 12.01 62.05 18.44
CA GLU E 179 12.92 62.91 17.69
C GLU E 179 12.79 62.67 16.19
N TYR E 180 12.75 61.40 15.78
CA TYR E 180 12.62 61.09 14.36
C TYR E 180 11.20 61.28 13.86
N ALA E 181 10.22 61.39 14.76
CA ALA E 181 8.89 61.84 14.35
C ALA E 181 8.88 63.34 14.12
N LEU E 182 9.61 64.08 14.95
CA LEU E 182 9.66 65.54 14.80
C LEU E 182 10.45 65.94 13.56
N GLU E 183 11.44 65.13 13.17
CA GLU E 183 12.19 65.40 11.95
C GLU E 183 11.30 65.30 10.70
N TYR E 184 10.42 64.31 10.67
CA TYR E 184 9.57 64.06 9.52
C TYR E 184 8.11 64.46 9.75
N GLU E 185 7.84 65.26 10.79
CA GLU E 185 6.55 65.86 11.13
C GLU E 185 5.37 64.90 11.18
N ILE E 186 5.55 63.73 11.80
CA ILE E 186 4.45 62.77 11.98
C ILE E 186 4.29 62.42 13.44
N GLU E 187 3.23 61.67 13.76
CA GLU E 187 2.93 61.23 15.12
C GLU E 187 3.16 59.73 15.21
N PHE E 188 3.97 59.30 16.18
CA PHE E 188 4.37 57.91 16.30
C PHE E 188 3.81 57.32 17.58
N LYS E 189 3.13 56.19 17.45
CA LYS E 189 2.98 55.22 18.53
C LYS E 189 3.45 53.89 17.99
N ARG E 190 4.42 53.27 18.68
CA ARG E 190 5.04 52.07 18.17
C ARG E 190 4.12 50.88 18.37
N ASP E 191 3.69 50.28 17.24
CA ASP E 191 2.90 49.07 17.28
C ASP E 191 3.28 48.24 16.07
N HIS E 192 3.76 47.01 16.31
CA HIS E 192 4.13 46.14 15.20
C HIS E 192 2.91 45.60 14.47
N LYS E 193 1.77 45.56 15.16
CA LYS E 193 0.52 45.06 14.58
C LYS E 193 -0.32 46.16 13.95
N SER E 194 0.30 47.26 13.52
CA SER E 194 -0.39 48.34 12.83
C SER E 194 -0.14 48.21 11.33
N ALA E 195 -0.72 49.14 10.57
CA ALA E 195 -0.63 49.04 9.12
C ALA E 195 -0.18 50.34 8.45
N ASP E 196 0.24 51.33 9.21
CA ASP E 196 0.81 52.53 8.62
C ASP E 196 2.17 52.21 8.02
N ASN E 197 2.60 53.05 7.07
CA ASN E 197 3.82 52.78 6.32
C ASN E 197 5.06 52.92 7.21
N TYR E 198 5.02 53.84 8.17
CA TYR E 198 6.15 54.04 9.06
C TYR E 198 6.39 52.83 9.95
N ASN E 199 5.33 52.29 10.55
CA ASN E 199 5.48 51.15 11.46
C ASN E 199 5.84 49.88 10.70
N LYS E 200 5.19 49.62 9.56
CA LYS E 200 5.49 48.41 8.80
C LYS E 200 6.86 48.50 8.14
N PHE E 201 7.30 49.69 7.75
CA PHE E 201 8.64 49.83 7.22
C PHE E 201 9.66 49.69 8.34
N LEU E 202 9.32 50.14 9.55
CA LEU E 202 10.22 49.98 10.68
C LEU E 202 10.34 48.51 11.07
N THR E 203 9.25 47.74 10.99
CA THR E 203 9.35 46.33 11.34
C THR E 203 10.02 45.51 10.24
N LEU E 204 9.92 45.95 8.98
CA LEU E 204 10.72 45.29 7.95
C LEU E 204 12.21 45.57 8.13
N GLY E 205 12.56 46.82 8.45
CA GLY E 205 13.94 47.12 8.81
C GLY E 205 14.38 46.41 10.07
N ASN E 206 13.46 46.13 10.98
CA ASN E 206 13.77 45.37 12.19
C ASN E 206 14.16 43.94 11.84
N TYR E 207 13.39 43.28 10.95
CA TYR E 207 13.75 41.94 10.50
C TYR E 207 15.07 41.94 9.74
N TYR E 208 15.28 42.99 8.95
CA TYR E 208 16.53 43.12 8.19
C TYR E 208 17.72 43.34 9.10
N ALA E 209 17.52 43.98 10.24
CA ALA E 209 18.54 44.14 11.27
C ALA E 209 18.77 42.85 12.04
N TYR E 210 17.71 42.08 12.27
CA TYR E 210 17.83 40.78 12.91
C TYR E 210 18.66 39.83 12.07
N GLY E 211 18.52 39.90 10.75
CA GLY E 211 19.30 39.04 9.87
C GLY E 211 20.81 39.25 9.94
N ILE E 212 21.27 40.50 9.85
CA ILE E 212 22.70 40.77 9.93
C ILE E 212 23.22 40.56 11.34
N ALA E 213 22.40 40.83 12.36
CA ALA E 213 22.75 40.51 13.73
C ALA E 213 22.96 39.02 13.92
N ARG E 214 22.08 38.20 13.34
CA ARG E 214 22.23 36.76 13.37
C ARG E 214 23.49 36.33 12.62
N SER E 215 23.78 36.97 11.50
CA SER E 215 25.00 36.67 10.75
C SER E 215 26.25 37.04 11.53
N SER E 216 26.22 38.16 12.26
CA SER E 216 27.37 38.61 13.03
C SER E 216 27.58 37.74 14.26
N LEU E 217 26.51 37.23 14.84
CA LEU E 217 26.68 36.25 15.91
C LEU E 217 27.16 34.91 15.36
N TRP E 218 26.73 34.57 14.14
CA TRP E 218 27.17 33.30 13.55
C TRP E 218 28.64 33.35 13.19
N ALA E 219 29.15 34.51 12.79
CA ALA E 219 30.49 34.66 12.23
C ALA E 219 31.59 34.32 13.22
N LEU E 220 31.29 34.33 14.52
CA LEU E 220 32.19 33.79 15.53
C LEU E 220 31.66 32.55 16.23
N GLY E 221 30.55 31.99 15.77
CA GLY E 221 29.98 30.83 16.41
C GLY E 221 29.25 31.16 17.69
N ILE E 222 28.97 32.44 17.91
CA ILE E 222 28.28 32.88 19.12
C ILE E 222 26.83 32.40 19.00
N ASP E 223 26.37 31.64 19.98
CA ASP E 223 25.03 31.09 19.89
C ASP E 223 23.99 32.19 20.06
N ASN E 224 22.87 32.02 19.38
CA ASN E 224 21.81 33.03 19.33
C ASN E 224 20.93 32.99 20.57
N SER E 225 21.12 31.99 21.42
CA SER E 225 20.20 31.76 22.53
C SER E 225 20.85 32.14 23.85
N PHE E 226 21.62 33.23 23.88
CA PHE E 226 22.30 33.68 25.10
C PHE E 226 22.17 35.18 25.26
N PRO E 227 20.97 35.66 25.58
CA PRO E 227 20.77 37.11 25.64
C PRO E 227 21.32 37.71 26.93
N LEU E 228 21.93 38.88 26.79
CA LEU E 228 22.41 39.60 27.95
C LEU E 228 21.25 40.24 28.70
N LEU E 229 20.26 40.72 27.97
CA LEU E 229 19.27 41.66 28.47
C LEU E 229 17.87 41.07 28.57
N HIS E 230 17.39 40.45 27.50
CA HIS E 230 16.06 39.87 27.50
C HIS E 230 16.02 38.64 28.39
N GLY E 231 14.81 38.20 28.75
CA GLY E 231 14.66 37.13 29.71
C GLY E 231 15.09 35.78 29.17
N SER E 232 15.20 34.82 30.09
CA SER E 232 15.68 33.48 29.77
C SER E 232 14.66 32.67 28.98
N THR E 233 13.42 33.13 28.86
CA THR E 233 12.41 32.46 28.06
C THR E 233 12.20 33.12 26.70
N ARG E 234 12.96 34.18 26.38
CA ARG E 234 12.81 34.85 25.10
C ARG E 234 13.66 34.15 24.05
N ARG E 235 13.00 33.60 23.03
CA ARG E 235 13.66 32.80 22.00
C ARG E 235 14.49 33.69 21.09
N GLY E 236 15.78 33.40 20.99
CA GLY E 236 16.68 34.18 20.15
C GLY E 236 16.88 35.61 20.63
N GLY E 237 17.04 35.80 21.95
CA GLY E 237 17.15 37.13 22.49
C GLY E 237 18.45 37.84 22.16
N LEU E 238 19.52 37.08 21.89
CA LEU E 238 20.78 37.69 21.52
C LEU E 238 20.76 38.29 20.12
N VAL E 239 19.98 37.71 19.21
CA VAL E 239 19.78 38.30 17.90
C VAL E 239 19.16 39.69 18.02
N PHE E 240 18.09 39.82 18.81
CA PHE E 240 17.50 41.13 19.07
C PHE E 240 18.45 42.03 19.84
N ASP E 241 19.25 41.44 20.72
CA ASP E 241 20.06 42.24 21.63
C ASP E 241 21.23 42.88 20.91
N VAL E 242 21.82 42.19 19.94
CA VAL E 242 22.94 42.73 19.19
C VAL E 242 22.41 43.34 17.89
N ALA E 243 21.11 43.19 17.65
CA ALA E 243 20.44 44.01 16.66
C ALA E 243 20.05 45.38 17.16
N ASP E 244 19.85 45.56 18.48
CA ASP E 244 19.35 46.83 18.99
C ASP E 244 20.40 47.95 18.86
N ILE E 245 21.67 47.58 18.66
CA ILE E 245 22.71 48.58 18.41
C ILE E 245 22.47 49.28 17.07
N ILE E 246 22.02 48.53 16.08
CA ILE E 246 21.78 49.13 14.76
C ILE E 246 20.32 49.47 14.51
N LYS E 247 19.43 49.01 15.39
CA LYS E 247 18.00 49.24 15.17
C LYS E 247 17.54 50.67 15.32
N THR E 248 18.16 51.41 16.22
CA THR E 248 17.72 52.78 16.48
C THR E 248 18.70 53.78 15.88
N SER E 249 19.84 53.30 15.38
CA SER E 249 20.86 54.21 14.87
C SER E 249 20.90 54.28 13.36
N ILE E 250 20.63 53.15 12.70
CA ILE E 250 20.68 53.12 11.24
C ILE E 250 19.34 52.69 10.70
N ILE E 251 18.77 51.64 11.28
CA ILE E 251 17.50 51.12 10.79
C ILE E 251 16.38 52.13 10.91
N LEU E 252 16.22 52.74 12.08
CA LEU E 252 15.13 53.71 12.28
C LEU E 252 15.14 54.89 11.29
N PRO E 253 16.28 55.62 11.15
CA PRO E 253 16.22 56.69 10.14
C PRO E 253 16.02 56.16 8.72
N LEU E 254 16.61 55.03 8.36
CA LEU E 254 16.43 54.46 7.03
C LEU E 254 14.98 54.13 6.76
N ALA E 255 14.32 53.48 7.72
CA ALA E 255 12.91 53.12 7.56
C ALA E 255 12.04 54.35 7.42
N PHE E 256 12.61 55.41 7.97
CA PHE E 256 11.87 56.63 7.97
C PHE E 256 12.22 57.44 6.79
N HIS E 257 13.37 57.23 6.23
CA HIS E 257 13.72 58.08 5.14
C HIS E 257 13.03 57.45 4.03
N ALA E 258 12.93 56.14 4.09
CA ALA E 258 12.32 55.42 3.00
C ALA E 258 10.87 55.68 2.94
N ALA E 259 10.25 55.81 4.08
CA ALA E 259 8.84 55.97 4.02
C ALA E 259 8.49 57.34 3.62
N ASP E 260 9.30 58.27 3.99
CA ASP E 260 9.02 59.60 3.53
C ASP E 260 9.02 59.62 2.03
N GLN E 261 10.07 59.13 1.40
CA GLN E 261 10.12 59.23 -0.04
C GLN E 261 9.19 58.21 -0.64
N GLY E 262 8.51 57.45 0.19
CA GLY E 262 7.48 56.53 -0.25
C GLY E 262 7.89 55.50 -1.30
N MET E 263 9.09 54.94 -1.16
CA MET E 263 9.54 53.91 -2.07
C MET E 263 9.07 52.55 -1.57
N SER E 264 9.40 51.51 -2.32
CA SER E 264 8.76 50.21 -2.19
C SER E 264 9.58 49.30 -1.28
N ASN E 265 9.12 48.04 -1.18
CA ASN E 265 9.72 47.10 -0.24
C ASN E 265 11.07 46.60 -0.75
N THR E 266 11.18 46.31 -2.04
CA THR E 266 12.44 45.91 -2.63
C THR E 266 13.41 47.06 -2.71
N GLU E 267 12.90 48.27 -2.94
CA GLU E 267 13.72 49.48 -2.91
C GLU E 267 14.27 49.74 -1.51
N PHE E 268 13.44 49.50 -0.49
CA PHE E 268 13.89 49.46 0.90
C PHE E 268 15.02 48.46 1.09
N LYS E 269 14.85 47.23 0.56
CA LYS E 269 15.88 46.20 0.71
C LYS E 269 17.19 46.61 0.09
N ARG E 270 17.16 47.16 -1.11
CA ARG E 270 18.39 47.52 -1.78
C ARG E 270 19.03 48.76 -1.15
N SER E 271 18.23 49.68 -0.60
CA SER E 271 18.83 50.82 0.10
C SER E 271 19.45 50.41 1.42
N CYS E 272 18.79 49.47 2.13
CA CYS E 272 19.36 48.93 3.35
C CYS E 272 20.69 48.23 3.07
N VAL E 273 20.75 47.36 2.05
CA VAL E 273 22.01 46.66 1.84
C VAL E 273 23.05 47.58 1.21
N ALA E 274 22.65 48.66 0.53
CA ALA E 274 23.63 49.61 0.03
C ALA E 274 24.30 50.38 1.16
N TYR E 275 23.51 50.93 2.09
CA TYR E 275 24.09 51.66 3.21
C TYR E 275 24.79 50.68 4.16
N PHE E 276 24.37 49.43 4.13
CA PHE E 276 24.84 48.42 5.04
C PHE E 276 26.16 47.88 4.49
N ASP E 277 26.34 48.01 3.17
CA ASP E 277 27.56 47.60 2.51
C ASP E 277 28.60 48.71 2.53
N LYS E 278 28.12 49.97 2.61
CA LYS E 278 29.03 51.11 2.47
C LYS E 278 30.00 51.23 3.64
N ASN E 279 29.50 51.10 4.87
CA ASN E 279 30.32 51.39 6.05
C ASN E 279 30.75 50.14 6.81
N ASP E 280 30.54 48.96 6.21
CA ASP E 280 30.87 47.65 6.77
C ASP E 280 30.28 47.46 8.16
N ILE E 281 28.97 47.64 8.30
CA ILE E 281 28.33 47.68 9.62
C ILE E 281 28.31 46.30 10.25
N LEU E 282 28.31 45.24 9.43
CA LEU E 282 28.60 43.89 9.89
C LEU E 282 29.93 43.82 10.61
N ALA E 283 31.01 44.35 10.00
CA ALA E 283 32.33 44.36 10.59
C ALA E 283 32.37 45.14 11.90
N TYR E 284 31.55 46.19 12.00
CA TYR E 284 31.35 46.86 13.29
C TYR E 284 30.78 45.88 14.30
N LEU E 285 29.79 45.08 13.90
CA LEU E 285 29.20 44.15 14.87
C LEU E 285 30.14 43.03 15.30
N ILE E 286 30.96 42.47 14.41
CA ILE E 286 32.01 41.56 14.89
C ILE E 286 33.01 42.27 15.81
N ASN E 287 33.41 43.52 15.50
CA ASN E 287 34.31 44.22 16.43
C ASN E 287 33.68 44.46 17.80
N ASN E 288 32.37 44.65 17.86
CA ASN E 288 31.64 44.70 19.13
C ASN E 288 31.59 43.36 19.86
N ILE E 289 31.44 42.24 19.14
CA ILE E 289 31.52 40.95 19.83
C ILE E 289 32.92 40.72 20.41
N LYS E 290 33.97 41.05 19.66
CA LYS E 290 35.33 40.88 20.18
C LYS E 290 35.60 41.82 21.34
N ARG E 291 35.11 43.06 21.26
CA ARG E 291 35.27 44.00 22.36
C ARG E 291 34.47 43.59 23.58
N LEU E 292 33.34 42.92 23.39
CA LEU E 292 32.55 42.45 24.52
C LEU E 292 33.19 41.25 25.18
N CYS E 293 33.69 40.30 24.41
CA CYS E 293 34.07 39.01 24.98
C CYS E 293 35.54 38.93 25.34
N MET E 294 36.42 39.49 24.50
CA MET E 294 37.86 39.29 24.59
C MET E 294 38.46 39.83 25.89
N GLU E 295 38.36 41.15 26.09
CA GLU E 295 38.77 41.87 27.29
C GLU E 295 40.22 41.61 27.70
N MET F 1 1.24 -13.33 -2.95
CA MET F 1 2.05 -12.15 -3.29
C MET F 1 1.19 -10.92 -3.45
N PHE F 2 1.46 -9.88 -2.67
CA PHE F 2 0.73 -8.63 -2.75
C PHE F 2 1.48 -7.72 -3.71
N ILE F 3 1.03 -7.67 -4.95
CA ILE F 3 1.68 -6.87 -5.96
C ILE F 3 0.77 -5.70 -6.33
N ARG F 4 1.39 -4.55 -6.61
CA ARG F 4 0.68 -3.29 -6.81
C ARG F 4 1.09 -2.75 -8.18
N ILE F 5 0.19 -2.85 -9.15
CA ILE F 5 0.47 -2.47 -10.53
C ILE F 5 0.01 -1.03 -10.75
N LYS F 6 0.92 -0.18 -11.17
CA LYS F 6 0.60 1.20 -11.54
C LYS F 6 0.90 1.37 -13.02
N CYS F 7 -0.10 1.85 -13.77
CA CYS F 7 0.03 2.02 -15.21
C CYS F 7 0.17 3.52 -15.49
N PHE F 8 1.40 3.94 -15.77
CA PHE F 8 1.69 5.34 -16.08
C PHE F 8 1.63 5.57 -17.59
N SER F 9 0.53 5.15 -18.21
CA SER F 9 0.46 5.27 -19.66
C SER F 9 -0.47 6.38 -20.12
N LYS F 10 -0.67 6.47 -21.43
CA LYS F 10 -1.63 7.43 -21.99
C LYS F 10 -2.91 6.65 -22.24
N GLN F 11 -4.07 7.32 -22.26
CA GLN F 11 -5.36 6.62 -22.44
C GLN F 11 -5.47 5.50 -23.50
N PRO F 12 -5.15 5.78 -24.79
CA PRO F 12 -5.37 4.71 -25.78
C PRO F 12 -4.80 3.34 -25.43
N ILE F 13 -3.61 3.31 -24.83
CA ILE F 13 -3.01 2.04 -24.46
C ILE F 13 -3.40 1.67 -23.02
N ALA F 14 -3.72 2.66 -22.19
CA ALA F 14 -4.07 2.40 -20.80
C ALA F 14 -5.39 1.66 -20.59
N LYS F 15 -6.40 1.91 -21.43
CA LYS F 15 -7.66 1.18 -21.31
C LYS F 15 -7.42 -0.28 -21.62
N LYS F 16 -6.47 -0.57 -22.49
CA LYS F 16 -6.12 -1.95 -22.81
C LYS F 16 -5.31 -2.59 -21.71
N VAL F 17 -4.44 -1.82 -21.05
CA VAL F 17 -3.74 -2.30 -19.87
C VAL F 17 -4.73 -2.57 -18.75
N SER F 18 -5.72 -1.68 -18.59
CA SER F 18 -6.78 -1.86 -17.61
C SER F 18 -7.56 -3.13 -17.83
N ARG F 19 -7.80 -3.49 -19.10
CA ARG F 19 -8.61 -4.68 -19.41
C ARG F 19 -7.95 -5.97 -18.93
N GLU F 20 -6.65 -6.16 -19.21
CA GLU F 20 -6.00 -7.37 -18.72
C GLU F 20 -5.55 -7.28 -17.26
N VAL F 21 -5.27 -6.09 -16.72
CA VAL F 21 -4.93 -6.00 -15.31
C VAL F 21 -6.15 -6.19 -14.43
N SER F 22 -7.35 -5.84 -14.93
CA SER F 22 -8.59 -5.98 -14.18
C SER F 22 -8.95 -7.43 -13.89
N ALA F 23 -8.38 -8.37 -14.63
CA ALA F 23 -8.65 -9.77 -14.38
C ALA F 23 -8.04 -10.24 -13.08
N TYR F 24 -6.91 -9.66 -12.69
CA TYR F 24 -6.12 -10.22 -11.61
C TYR F 24 -6.04 -9.34 -10.38
N LEU F 25 -6.14 -8.02 -10.54
CA LEU F 25 -6.12 -7.10 -9.42
C LEU F 25 -7.42 -6.29 -9.40
N GLU F 26 -7.59 -5.54 -8.32
CA GLU F 26 -8.72 -4.64 -8.16
C GLU F 26 -8.23 -3.21 -8.20
N TYR F 27 -9.11 -2.30 -8.59
CA TYR F 27 -8.74 -0.90 -8.70
C TYR F 27 -8.56 -0.29 -7.31
N THR F 28 -7.45 0.41 -7.13
CA THR F 28 -7.22 1.14 -5.89
C THR F 28 -7.34 2.64 -6.09
N GLY F 29 -6.70 3.20 -7.10
CA GLY F 29 -6.98 4.57 -7.44
C GLY F 29 -6.01 5.22 -8.40
N ASN F 30 -6.56 5.95 -9.38
CA ASN F 30 -5.84 6.68 -10.42
C ASN F 30 -4.81 5.80 -11.14
N ASN F 31 -5.35 4.81 -11.82
CA ASN F 31 -4.61 3.85 -12.66
C ASN F 31 -3.55 3.10 -11.86
N THR F 32 -3.90 2.78 -10.62
CA THR F 32 -3.06 1.96 -9.76
C THR F 32 -3.90 0.83 -9.21
N TRP F 33 -3.52 -0.39 -9.55
CA TRP F 33 -4.24 -1.57 -9.10
C TRP F 33 -3.40 -2.28 -8.05
N GLU F 34 -4.09 -2.87 -7.06
CA GLU F 34 -3.38 -3.46 -5.93
C GLU F 34 -4.20 -4.60 -5.34
N GLY F 35 -3.64 -5.80 -5.34
CA GLY F 35 -4.37 -6.96 -4.88
C GLY F 35 -3.44 -8.14 -4.73
N HIS F 36 -4.03 -9.26 -4.32
CA HIS F 36 -3.28 -10.48 -4.04
C HIS F 36 -3.26 -11.34 -5.30
N ILE F 37 -2.07 -11.75 -5.71
CA ILE F 37 -1.86 -12.62 -6.86
C ILE F 37 -1.00 -13.78 -6.40
N SER F 38 -1.12 -14.91 -7.10
CA SER F 38 -0.67 -16.13 -6.43
C SER F 38 0.83 -16.40 -6.52
N GLY F 39 1.28 -17.00 -7.61
CA GLY F 39 2.70 -17.05 -7.90
C GLY F 39 2.98 -17.05 -9.39
N GLN F 40 1.93 -17.36 -10.14
CA GLN F 40 1.99 -17.57 -11.58
C GLN F 40 0.98 -16.71 -12.29
N GLY F 41 0.02 -16.16 -11.55
CA GLY F 41 -0.83 -15.11 -12.03
C GLY F 41 -0.02 -13.89 -12.37
N VAL F 42 1.06 -13.63 -11.61
CA VAL F 42 1.97 -12.54 -11.94
C VAL F 42 2.73 -12.77 -13.23
N SER F 43 3.10 -14.01 -13.53
CA SER F 43 3.75 -14.31 -14.80
C SER F 43 2.77 -14.24 -15.97
N ASN F 44 1.56 -14.80 -15.79
CA ASN F 44 0.50 -14.68 -16.78
C ASN F 44 0.12 -13.23 -17.05
N LEU F 45 0.07 -12.41 -16.01
CA LEU F 45 -0.23 -10.99 -16.16
C LEU F 45 0.92 -10.23 -16.80
N GLN F 46 2.16 -10.62 -16.53
CA GLN F 46 3.30 -10.00 -17.22
C GLN F 46 3.27 -10.30 -18.71
N THR F 47 2.95 -11.54 -19.09
CA THR F 47 2.83 -11.86 -20.50
C THR F 47 1.61 -11.20 -21.14
N LYS F 48 0.51 -11.07 -20.39
CA LYS F 48 -0.67 -10.41 -20.93
C LYS F 48 -0.50 -8.91 -21.02
N LEU F 49 0.42 -8.34 -20.27
CA LEU F 49 0.73 -6.92 -20.37
C LEU F 49 1.84 -6.61 -21.37
N ILE F 50 2.74 -7.56 -21.60
CA ILE F 50 3.75 -7.38 -22.65
C ILE F 50 3.08 -7.36 -24.01
N ASN F 51 2.11 -8.25 -24.23
CA ASN F 51 1.39 -8.35 -25.49
C ASN F 51 0.27 -7.34 -25.61
N VAL F 52 0.17 -6.36 -24.70
CA VAL F 52 -0.80 -5.29 -24.87
C VAL F 52 -0.44 -4.44 -26.08
N GLY F 53 0.83 -4.07 -26.21
CA GLY F 53 1.28 -3.36 -27.38
C GLY F 53 2.51 -2.51 -27.17
N LYS F 54 2.54 -1.34 -27.80
CA LYS F 54 3.63 -0.38 -27.67
C LYS F 54 3.10 0.82 -26.93
N GLY F 55 3.65 1.07 -25.74
CA GLY F 55 3.18 2.17 -24.91
C GLY F 55 2.79 1.71 -23.52
N VAL F 56 3.03 0.43 -23.24
CA VAL F 56 2.77 -0.11 -21.91
C VAL F 56 3.82 0.43 -20.95
N LYS F 57 3.38 1.18 -19.95
CA LYS F 57 4.26 1.70 -18.92
C LYS F 57 3.69 1.24 -17.57
N VAL F 58 4.15 0.07 -17.12
CA VAL F 58 3.65 -0.57 -15.92
C VAL F 58 4.80 -0.86 -14.97
N VAL F 59 4.65 -0.41 -13.73
CA VAL F 59 5.55 -0.79 -12.65
C VAL F 59 4.78 -1.71 -11.71
N CYS F 60 5.50 -2.50 -10.93
CA CYS F 60 4.87 -3.45 -10.03
C CYS F 60 5.77 -3.69 -8.83
N ASN F 61 5.25 -3.41 -7.63
CA ASN F 61 6.04 -3.45 -6.40
C ASN F 61 5.57 -4.58 -5.50
N TYR F 62 6.25 -5.72 -5.57
CA TYR F 62 6.25 -6.67 -4.48
C TYR F 62 7.28 -6.25 -3.45
N GLN F 63 6.87 -6.30 -2.17
CA GLN F 63 7.53 -5.61 -1.06
C GLN F 63 7.71 -4.14 -1.43
N ASP F 64 8.95 -3.74 -1.66
CA ASP F 64 9.20 -2.49 -2.37
C ASP F 64 10.13 -2.68 -3.56
N LYS F 65 10.53 -3.91 -3.85
CA LYS F 65 11.29 -4.20 -5.06
C LYS F 65 10.39 -4.06 -6.28
N VAL F 66 10.93 -3.52 -7.36
CA VAL F 66 10.23 -3.50 -8.64
C VAL F 66 10.24 -4.91 -9.21
N LEU F 67 9.07 -5.51 -9.37
CA LEU F 67 9.00 -6.85 -9.93
C LEU F 67 9.21 -6.81 -11.45
N PHE F 68 8.33 -6.12 -12.16
CA PHE F 68 8.54 -5.95 -13.59
C PHE F 68 8.27 -4.50 -13.99
N ALA F 69 8.95 -4.07 -15.03
CA ALA F 69 9.02 -2.67 -15.43
C ALA F 69 8.80 -2.52 -16.92
N ILE F 70 7.69 -3.06 -17.43
CA ILE F 70 7.41 -3.11 -18.86
C ILE F 70 7.38 -1.72 -19.45
N GLY F 71 8.16 -1.52 -20.52
CA GLY F 71 8.27 -0.25 -21.19
C GLY F 71 9.29 0.66 -20.50
N ASN F 72 9.38 1.88 -21.03
CA ASN F 72 10.25 2.90 -20.46
C ASN F 72 9.52 3.62 -19.32
N VAL F 73 9.32 2.88 -18.23
CA VAL F 73 8.58 3.41 -17.09
C VAL F 73 9.50 4.32 -16.29
N ALA F 74 8.90 5.30 -15.61
CA ALA F 74 9.67 6.13 -14.69
C ALA F 74 10.08 5.30 -13.47
N MET F 75 11.28 5.53 -12.98
CA MET F 75 11.79 4.78 -11.85
C MET F 75 11.09 5.20 -10.55
N MET G 1 -3.71 -20.30 -25.16
CA MET G 1 -4.72 -20.28 -24.11
C MET G 1 -4.00 -20.38 -22.77
N GLN G 2 -2.72 -20.77 -22.85
CA GLN G 2 -1.79 -20.95 -21.72
C GLN G 2 -2.37 -22.01 -20.78
N LYS G 3 -2.46 -21.77 -19.48
CA LYS G 3 -2.93 -22.80 -18.56
C LYS G 3 -4.00 -22.34 -17.58
N GLN G 4 -4.20 -21.02 -17.40
CA GLN G 4 -5.14 -20.34 -16.50
C GLN G 4 -4.73 -20.52 -15.04
N ILE G 5 -4.96 -19.48 -14.22
CA ILE G 5 -4.57 -19.52 -12.83
C ILE G 5 -5.47 -20.50 -12.09
N LEU G 6 -4.84 -21.37 -11.28
CA LEU G 6 -5.53 -22.50 -10.66
C LEU G 6 -6.57 -22.01 -9.67
N THR G 7 -7.60 -22.83 -9.48
CA THR G 7 -8.71 -22.48 -8.60
C THR G 7 -8.22 -22.37 -7.15
N SER G 8 -7.34 -23.27 -6.74
CA SER G 8 -6.80 -23.31 -5.38
C SER G 8 -5.80 -22.21 -5.11
N GLN G 9 -5.50 -21.36 -6.09
CA GLN G 9 -4.56 -20.27 -5.89
C GLN G 9 -5.24 -18.92 -6.10
N LYS G 10 -6.53 -18.90 -6.38
CA LYS G 10 -7.29 -17.68 -6.58
C LYS G 10 -7.48 -16.96 -5.25
N ARG G 11 -7.41 -15.63 -5.28
CA ARG G 11 -7.26 -14.89 -4.03
C ARG G 11 -8.47 -14.03 -3.66
N ASN G 12 -8.85 -13.08 -4.51
CA ASN G 12 -9.95 -12.17 -4.15
C ASN G 12 -11.26 -12.93 -4.04
N MET G 13 -11.99 -12.71 -2.95
CA MET G 13 -13.29 -13.37 -2.78
C MET G 13 -14.31 -12.29 -2.55
N TYR G 14 -15.47 -12.40 -3.18
CA TYR G 14 -16.43 -11.32 -3.08
C TYR G 14 -17.79 -11.70 -2.54
N ILE G 15 -18.51 -10.74 -1.98
CA ILE G 15 -19.86 -11.01 -1.48
C ILE G 15 -20.76 -9.89 -2.04
N LEU G 16 -20.22 -9.08 -2.96
CA LEU G 16 -20.98 -7.98 -3.63
C LEU G 16 -22.44 -7.70 -3.33
N SER G 17 -22.71 -6.55 -2.72
CA SER G 17 -24.09 -6.17 -2.40
C SER G 17 -24.63 -5.02 -3.22
N ARG G 18 -25.95 -4.92 -3.37
CA ARG G 18 -26.60 -3.83 -4.11
C ARG G 18 -25.86 -3.23 -5.31
N CYS G 19 -25.82 -3.96 -6.41
CA CYS G 19 -25.17 -3.45 -7.62
C CYS G 19 -25.83 -3.92 -8.90
N LYS G 20 -25.12 -3.80 -10.01
CA LYS G 20 -25.64 -4.30 -11.29
C LYS G 20 -24.41 -4.87 -11.94
N VAL G 21 -24.18 -6.16 -11.78
CA VAL G 21 -22.93 -6.75 -12.28
C VAL G 21 -23.01 -6.80 -13.80
N LEU G 22 -22.04 -6.19 -14.46
CA LEU G 22 -22.06 -6.05 -15.89
C LEU G 22 -20.63 -6.11 -16.43
N VAL G 23 -20.52 -6.13 -17.75
CA VAL G 23 -19.22 -6.09 -18.43
C VAL G 23 -19.18 -4.80 -19.23
N LYS G 24 -18.23 -3.93 -18.90
CA LYS G 24 -17.97 -2.70 -19.64
C LYS G 24 -16.51 -2.69 -20.02
N ASN G 25 -16.23 -2.54 -21.32
CA ASN G 25 -14.90 -2.57 -21.91
C ASN G 25 -14.17 -3.87 -21.56
N GLY G 26 -14.91 -4.97 -21.59
CA GLY G 26 -14.32 -6.29 -21.49
C GLY G 26 -13.95 -6.77 -20.11
N GLN G 27 -14.31 -6.02 -19.07
CA GLN G 27 -14.02 -6.44 -17.70
C GLN G 27 -15.34 -6.47 -16.93
N VAL G 28 -15.46 -7.45 -16.03
CA VAL G 28 -16.63 -7.49 -15.16
C VAL G 28 -16.53 -6.34 -14.17
N CYS G 29 -17.61 -5.58 -14.05
CA CYS G 29 -17.64 -4.41 -13.19
C CYS G 29 -19.07 -4.20 -12.72
N HIS G 30 -19.22 -3.91 -11.43
CA HIS G 30 -20.54 -3.89 -10.81
C HIS G 30 -21.00 -2.45 -10.62
N LEU G 31 -22.15 -2.12 -11.19
CA LEU G 31 -22.68 -0.75 -11.19
C LEU G 31 -23.49 -0.54 -9.92
N HIS G 32 -22.83 0.03 -8.91
CA HIS G 32 -23.54 0.51 -7.74
C HIS G 32 -24.45 1.66 -8.12
N GLU G 33 -25.51 1.85 -7.33
CA GLU G 33 -26.55 2.81 -7.69
C GLU G 33 -26.18 4.23 -7.28
N ASP G 34 -24.96 4.65 -7.62
CA ASP G 34 -24.53 6.04 -7.55
C ASP G 34 -24.33 6.55 -8.96
N GLY G 35 -24.27 5.62 -9.91
CA GLY G 35 -23.92 5.96 -11.27
C GLY G 35 -22.46 5.63 -11.55
N ASN G 36 -21.74 5.30 -10.48
CA ASN G 36 -20.33 4.93 -10.55
C ASN G 36 -20.16 3.42 -10.50
N VAL G 37 -19.09 2.93 -11.14
CA VAL G 37 -18.85 1.50 -11.31
C VAL G 37 -17.51 1.17 -10.65
N TYR G 38 -17.39 -0.05 -10.14
CA TYR G 38 -16.13 -0.55 -9.60
C TYR G 38 -15.70 -1.77 -10.40
N THR G 39 -14.43 -1.80 -10.77
CA THR G 39 -13.86 -2.94 -11.46
C THR G 39 -13.67 -4.10 -10.48
N VAL G 40 -14.21 -5.26 -10.83
CA VAL G 40 -14.07 -6.46 -10.03
C VAL G 40 -13.17 -7.43 -10.79
N PRO G 41 -12.37 -8.26 -10.11
CA PRO G 41 -11.65 -9.31 -10.82
C PRO G 41 -12.58 -10.32 -11.44
N TYR G 42 -12.13 -10.99 -12.50
CA TYR G 42 -12.85 -12.13 -13.01
C TYR G 42 -11.97 -13.37 -13.15
N ALA G 43 -10.66 -13.20 -13.18
CA ALA G 43 -9.75 -14.33 -13.26
C ALA G 43 -9.04 -14.63 -11.96
N ASN G 44 -9.02 -13.71 -11.00
CA ASN G 44 -8.42 -13.97 -9.70
C ASN G 44 -9.55 -13.72 -8.67
N THR G 45 -10.69 -14.32 -8.94
CA THR G 45 -11.74 -14.43 -7.94
C THR G 45 -12.25 -15.86 -7.94
N VAL G 46 -12.50 -16.39 -6.75
CA VAL G 46 -12.83 -17.81 -6.70
C VAL G 46 -14.30 -17.96 -6.41
N PHE G 47 -14.93 -16.88 -5.94
CA PHE G 47 -16.36 -16.70 -6.07
C PHE G 47 -16.71 -15.22 -5.99
N ILE G 48 -17.82 -14.86 -6.63
CA ILE G 48 -18.52 -13.63 -6.32
C ILE G 48 -19.86 -14.03 -5.71
N GLY G 49 -20.24 -13.30 -4.67
CA GLY G 49 -21.51 -13.53 -4.01
C GLY G 49 -22.42 -12.35 -4.29
N LEU G 50 -23.71 -12.62 -4.37
CA LEU G 50 -24.67 -11.62 -4.79
C LEU G 50 -25.76 -11.49 -3.73
N ALA G 51 -25.77 -10.36 -3.05
CA ALA G 51 -26.65 -10.04 -1.93
C ALA G 51 -27.92 -9.38 -2.48
N GLU G 52 -28.69 -8.74 -1.60
CA GLU G 52 -29.94 -8.10 -2.01
C GLU G 52 -29.70 -6.97 -2.99
N GLY G 53 -30.46 -6.94 -4.08
CA GLY G 53 -30.44 -5.85 -5.03
C GLY G 53 -29.51 -6.01 -6.20
N THR G 54 -28.63 -7.02 -6.20
CA THR G 54 -27.72 -7.18 -7.32
C THR G 54 -28.41 -7.79 -8.52
N SER G 55 -27.86 -7.52 -9.70
CA SER G 55 -28.39 -8.04 -10.96
C SER G 55 -27.20 -8.37 -11.86
N ILE G 56 -27.09 -9.64 -12.26
CA ILE G 56 -25.99 -10.05 -13.12
C ILE G 56 -26.45 -10.05 -14.57
N THR G 57 -25.59 -9.57 -15.46
CA THR G 57 -25.86 -9.71 -16.88
C THR G 57 -25.39 -11.08 -17.35
N ASN G 58 -25.72 -11.42 -18.60
CA ASN G 58 -25.31 -12.71 -19.13
C ASN G 58 -23.83 -12.73 -19.48
N GLU G 59 -23.36 -11.62 -20.05
CA GLU G 59 -21.95 -11.53 -20.44
C GLU G 59 -21.09 -11.51 -19.21
N ALA G 60 -21.61 -11.00 -18.09
CA ALA G 60 -20.86 -11.04 -16.86
C ALA G 60 -20.72 -12.49 -16.49
N MET G 61 -21.83 -13.21 -16.47
CA MET G 61 -21.78 -14.63 -16.16
C MET G 61 -20.87 -15.38 -17.12
N SER G 62 -20.89 -15.04 -18.40
CA SER G 62 -20.01 -15.68 -19.37
C SER G 62 -18.57 -15.60 -18.91
N MET G 63 -18.07 -14.38 -18.71
CA MET G 63 -16.69 -14.21 -18.28
C MET G 63 -16.41 -14.98 -17.02
N LEU G 64 -17.20 -14.76 -15.98
CA LEU G 64 -16.97 -15.42 -14.71
C LEU G 64 -16.98 -16.94 -14.81
N ALA G 65 -17.99 -17.52 -15.45
CA ALA G 65 -18.07 -18.97 -15.57
C ALA G 65 -16.90 -19.54 -16.35
N ALA G 66 -16.56 -18.92 -17.47
CA ALA G 66 -15.43 -19.39 -18.27
C ALA G 66 -14.15 -19.33 -17.47
N ASN G 67 -13.97 -18.26 -16.70
CA ASN G 67 -12.77 -18.11 -15.92
C ASN G 67 -12.78 -18.97 -14.66
N GLY G 68 -13.93 -19.53 -14.29
CA GLY G 68 -13.93 -20.42 -13.14
C GLY G 68 -14.36 -19.79 -11.84
N VAL G 69 -15.56 -19.21 -11.82
CA VAL G 69 -16.03 -18.46 -10.66
C VAL G 69 -17.37 -19.03 -10.22
N ILE G 70 -17.41 -19.57 -9.02
CA ILE G 70 -18.64 -20.00 -8.37
C ILE G 70 -19.45 -18.75 -8.06
N VAL G 71 -20.77 -18.80 -8.27
CA VAL G 71 -21.59 -17.66 -7.92
C VAL G 71 -22.85 -18.14 -7.21
N PHE G 72 -23.25 -17.42 -6.17
CA PHE G 72 -24.38 -17.80 -5.34
C PHE G 72 -25.12 -16.56 -4.86
N TRP G 73 -26.38 -16.76 -4.48
CA TRP G 73 -27.25 -15.69 -4.02
C TRP G 73 -27.52 -15.84 -2.53
N THR G 74 -27.29 -14.76 -1.78
CA THR G 74 -27.28 -14.83 -0.33
C THR G 74 -28.67 -15.06 0.26
N LYS G 75 -29.65 -14.29 -0.17
CA LYS G 75 -30.96 -14.38 0.44
C LYS G 75 -31.73 -15.58 -0.08
N GLY G 76 -32.62 -16.10 0.75
CA GLY G 76 -33.39 -17.29 0.43
C GLY G 76 -33.64 -18.15 1.65
N GLY G 77 -32.88 -17.93 2.71
CA GLY G 77 -33.10 -18.63 3.97
C GLY G 77 -34.24 -18.03 4.74
N GLY G 78 -35.30 -18.80 4.95
CA GLY G 78 -36.49 -18.28 5.60
C GLY G 78 -36.87 -18.99 6.88
N TYR G 79 -36.04 -19.91 7.36
CA TYR G 79 -36.31 -20.62 8.59
C TYR G 79 -35.81 -19.81 9.79
N ASP G 80 -36.00 -20.34 10.99
CA ASP G 80 -35.64 -19.65 12.21
C ASP G 80 -34.29 -20.08 12.78
N MET G 81 -33.73 -21.19 12.31
CA MET G 81 -32.52 -21.74 12.92
C MET G 81 -31.49 -22.19 11.88
N PHE G 82 -31.77 -22.07 10.58
CA PHE G 82 -30.92 -22.65 9.56
C PHE G 82 -30.69 -21.65 8.43
N ALA G 83 -29.51 -21.72 7.82
CA ALA G 83 -29.26 -21.07 6.53
C ALA G 83 -29.78 -22.04 5.47
N ALA G 84 -30.98 -21.76 4.97
CA ALA G 84 -31.76 -22.79 4.27
C ALA G 84 -31.26 -23.00 2.85
N ASP G 85 -31.39 -21.98 2.00
CA ASP G 85 -31.20 -22.16 0.57
C ASP G 85 -30.31 -21.07 0.02
N ILE G 86 -29.17 -21.48 -0.55
CA ILE G 86 -28.25 -20.60 -1.24
C ILE G 86 -28.19 -21.10 -2.68
N ILE G 87 -28.93 -20.46 -3.58
CA ILE G 87 -28.94 -20.95 -4.96
C ILE G 87 -27.65 -20.55 -5.66
N CYS G 88 -26.94 -21.54 -6.18
CA CYS G 88 -25.55 -21.39 -6.58
C CYS G 88 -25.35 -21.87 -8.01
N HIS G 89 -24.77 -21.03 -8.86
CA HIS G 89 -24.48 -21.44 -10.23
C HIS G 89 -23.03 -21.85 -10.45
N LEU G 90 -22.78 -23.14 -10.55
CA LEU G 90 -21.44 -23.65 -10.79
C LEU G 90 -21.16 -23.63 -12.28
N PRO G 91 -19.95 -23.22 -12.68
CA PRO G 91 -19.58 -23.20 -14.11
C PRO G 91 -19.50 -24.59 -14.74
N GLN G 92 -20.55 -25.01 -15.43
CA GLN G 92 -20.56 -26.33 -16.04
C GLN G 92 -19.89 -26.35 -17.41
N ALA G 93 -19.63 -25.18 -17.99
CA ALA G 93 -19.12 -25.14 -19.35
C ALA G 93 -17.78 -25.88 -19.48
N ASP G 94 -16.85 -25.57 -18.59
CA ASP G 94 -15.57 -26.28 -18.59
C ASP G 94 -15.76 -27.67 -17.98
N TYR G 95 -15.27 -28.69 -18.69
CA TYR G 95 -15.45 -30.06 -18.24
C TYR G 95 -14.46 -30.37 -17.13
N ARG G 96 -14.97 -30.45 -15.91
CA ARG G 96 -14.17 -30.62 -14.71
C ARG G 96 -13.65 -32.05 -14.68
N PRO G 97 -12.50 -32.33 -13.98
CA PRO G 97 -11.91 -33.67 -14.10
C PRO G 97 -12.69 -34.74 -13.34
N THR G 98 -12.53 -35.96 -13.79
CA THR G 98 -13.37 -37.08 -13.42
C THR G 98 -12.87 -37.86 -12.22
N LYS G 99 -11.60 -37.70 -11.86
CA LYS G 99 -10.88 -38.67 -11.05
C LYS G 99 -11.35 -38.74 -9.60
N TYR G 100 -12.21 -37.82 -9.19
CA TYR G 100 -12.34 -37.59 -7.76
C TYR G 100 -13.75 -37.91 -7.30
N MET G 101 -14.79 -37.56 -8.06
CA MET G 101 -16.06 -38.09 -7.61
C MET G 101 -16.41 -39.42 -8.24
N GLN G 102 -15.57 -39.91 -9.15
CA GLN G 102 -15.61 -41.33 -9.48
C GLN G 102 -15.19 -42.19 -8.29
N ASN G 103 -14.47 -41.60 -7.33
CA ASN G 103 -14.15 -42.25 -6.06
C ASN G 103 -15.01 -41.75 -4.91
N TRP G 104 -15.59 -40.54 -5.02
CA TRP G 104 -16.48 -40.02 -3.99
C TRP G 104 -17.87 -40.63 -4.05
N VAL G 105 -18.37 -40.99 -5.22
CA VAL G 105 -19.65 -41.69 -5.21
C VAL G 105 -19.45 -43.15 -4.80
N ARG G 106 -18.22 -43.66 -4.93
CA ARG G 106 -17.87 -44.98 -4.43
C ARG G 106 -18.03 -45.05 -2.92
N LEU G 107 -17.53 -44.02 -2.22
CA LEU G 107 -17.73 -43.97 -0.78
C LEU G 107 -19.16 -43.56 -0.44
N TRP G 108 -19.80 -42.76 -1.30
CA TRP G 108 -21.18 -42.35 -1.03
C TRP G 108 -22.17 -43.51 -1.08
N LEU G 109 -21.90 -44.55 -1.87
CA LEU G 109 -22.90 -45.61 -1.94
C LEU G 109 -22.70 -46.70 -0.90
N ASP G 110 -21.47 -47.13 -0.67
CA ASP G 110 -21.19 -48.14 0.36
C ASP G 110 -21.28 -47.47 1.71
N GLU G 111 -22.21 -47.93 2.55
CA GLU G 111 -22.54 -47.19 3.76
C GLU G 111 -21.46 -47.33 4.83
N GLU G 112 -20.63 -48.36 4.77
CA GLU G 112 -19.54 -48.45 5.74
C GLU G 112 -18.40 -47.50 5.36
N LYS G 113 -18.12 -47.33 4.07
CA LYS G 113 -17.19 -46.29 3.67
C LYS G 113 -17.80 -44.90 3.74
N LYS G 114 -19.12 -44.78 3.55
CA LYS G 114 -19.81 -43.52 3.81
C LYS G 114 -19.71 -43.12 5.28
N LEU G 115 -19.89 -44.07 6.18
CA LEU G 115 -19.74 -43.84 7.61
C LEU G 115 -18.31 -43.47 7.97
N SER G 116 -17.32 -44.22 7.48
CA SER G 116 -15.92 -43.92 7.75
C SER G 116 -15.47 -42.59 7.18
N ALA G 117 -15.92 -42.26 5.96
CA ALA G 117 -15.68 -40.95 5.39
C ALA G 117 -16.36 -39.85 6.17
N ALA G 118 -17.53 -40.12 6.74
CA ALA G 118 -18.17 -39.16 7.63
C ALA G 118 -17.35 -38.92 8.88
N LYS G 119 -16.75 -39.99 9.45
CA LYS G 119 -15.83 -39.82 10.57
C LYS G 119 -14.64 -38.95 10.19
N GLU G 120 -14.05 -39.21 9.02
CA GLU G 120 -12.80 -38.54 8.70
C GLU G 120 -13.08 -37.08 8.32
N ILE G 121 -14.19 -36.80 7.64
CA ILE G 121 -14.59 -35.43 7.34
C ILE G 121 -15.11 -34.74 8.59
N LEU G 122 -15.43 -35.48 9.64
CA LEU G 122 -15.72 -34.83 10.92
C LEU G 122 -14.45 -34.64 11.76
N LYS G 123 -13.37 -35.38 11.52
CA LYS G 123 -12.10 -35.01 12.14
C LYS G 123 -11.35 -33.95 11.34
N MET G 124 -11.84 -33.61 10.15
CA MET G 124 -11.36 -32.46 9.41
C MET G 124 -11.28 -31.19 10.24
N ARG G 125 -12.34 -30.88 10.99
CA ARG G 125 -12.41 -29.65 11.73
C ARG G 125 -11.56 -29.68 12.99
N VAL G 126 -11.36 -30.86 13.58
CA VAL G 126 -10.51 -30.95 14.75
C VAL G 126 -9.04 -30.88 14.35
N ASP G 127 -8.70 -31.23 13.11
CA ASP G 127 -7.33 -30.89 12.70
C ASP G 127 -7.23 -29.48 12.11
N SER G 128 -8.35 -28.91 11.64
CA SER G 128 -8.34 -27.55 11.12
C SER G 128 -8.26 -26.52 12.24
N LEU G 129 -8.83 -26.84 13.40
CA LEU G 129 -8.72 -26.02 14.60
C LEU G 129 -7.33 -26.04 15.20
N SER G 130 -6.52 -27.02 14.82
CA SER G 130 -5.14 -27.10 15.28
C SER G 130 -4.13 -26.57 14.28
N THR G 131 -4.37 -26.68 12.98
CA THR G 131 -3.36 -26.27 12.03
C THR G 131 -3.46 -24.79 11.63
N HIS G 132 -4.60 -24.16 11.90
CA HIS G 132 -4.77 -22.73 11.64
C HIS G 132 -5.09 -22.00 12.93
N VAL G 133 -4.03 -21.62 13.63
CA VAL G 133 -4.09 -20.93 14.91
C VAL G 133 -4.30 -19.45 14.70
N HIS G 134 -4.60 -18.74 15.79
CA HIS G 134 -4.74 -17.29 15.78
C HIS G 134 -3.77 -16.67 16.76
N ASP G 135 -3.62 -15.35 16.67
CA ASP G 135 -2.78 -14.64 17.63
C ASP G 135 -3.71 -13.97 18.62
N PHE G 136 -5.01 -14.12 18.41
CA PHE G 136 -6.00 -13.46 19.28
C PHE G 136 -7.09 -14.39 19.78
N GLY G 137 -8.06 -13.82 20.50
CA GLY G 137 -9.19 -14.61 20.96
C GLY G 137 -8.87 -15.72 21.93
N VAL G 138 -9.36 -16.92 21.63
CA VAL G 138 -9.12 -18.07 22.49
C VAL G 138 -7.71 -18.60 22.31
N ASP G 139 -7.14 -19.16 23.36
CA ASP G 139 -5.84 -19.78 23.20
C ASP G 139 -6.27 -21.03 22.46
N VAL G 140 -5.85 -21.16 21.20
CA VAL G 140 -6.28 -22.29 20.36
C VAL G 140 -6.59 -23.56 21.12
N GLU G 141 -5.62 -24.13 21.82
CA GLU G 141 -5.92 -25.30 22.64
C GLU G 141 -5.61 -25.01 24.10
N ASN G 142 -6.58 -24.45 24.82
CA ASN G 142 -6.38 -24.14 26.24
C ASN G 142 -6.77 -25.30 27.13
N LYS G 143 -7.81 -25.11 27.93
CA LYS G 143 -8.29 -26.19 28.77
C LYS G 143 -9.65 -26.60 28.23
N ARG G 144 -10.52 -25.63 28.05
CA ARG G 144 -11.88 -25.92 27.59
C ARG G 144 -11.90 -26.43 26.16
N VAL G 145 -11.21 -25.73 25.27
CA VAL G 145 -11.23 -26.12 23.86
C VAL G 145 -10.59 -27.50 23.66
N SER G 146 -9.50 -27.77 24.36
CA SER G 146 -8.87 -29.08 24.25
C SER G 146 -9.77 -30.18 24.79
N SER G 147 -10.52 -29.87 25.86
CA SER G 147 -11.47 -30.84 26.41
C SER G 147 -12.56 -31.19 25.41
N ILE G 148 -13.13 -30.19 24.72
CA ILE G 148 -14.21 -30.49 23.80
C ILE G 148 -13.66 -31.18 22.53
N VAL G 149 -12.48 -30.80 22.06
CA VAL G 149 -11.97 -31.45 20.84
C VAL G 149 -11.59 -32.91 21.12
N ASN G 150 -11.07 -33.20 22.33
CA ASN G 150 -10.83 -34.59 22.71
CA ASN G 150 -10.83 -34.59 22.71
C ASN G 150 -12.14 -35.36 22.89
N LYS G 151 -13.13 -34.73 23.54
CA LYS G 151 -14.45 -35.33 23.72
C LYS G 151 -15.12 -35.62 22.39
N PHE G 152 -15.02 -34.71 21.44
CA PHE G 152 -15.56 -34.89 20.12
C PHE G 152 -14.85 -35.98 19.33
N ASP G 153 -13.52 -36.03 19.38
CA ASP G 153 -12.78 -37.07 18.66
C ASP G 153 -13.17 -38.45 19.18
N LYS G 154 -13.28 -38.58 20.50
CA LYS G 154 -13.79 -39.80 21.09
C LYS G 154 -15.23 -40.08 20.67
N GLY G 155 -16.08 -39.04 20.63
CA GLY G 155 -17.48 -39.25 20.30
C GLY G 155 -17.71 -39.65 18.86
N VAL G 156 -16.95 -39.04 17.95
CA VAL G 156 -17.09 -39.39 16.54
C VAL G 156 -16.48 -40.75 16.26
N THR G 157 -15.44 -41.14 17.00
CA THR G 157 -14.84 -42.44 16.74
C THR G 157 -15.71 -43.59 17.25
N GLN G 158 -16.54 -43.37 18.27
CA GLN G 158 -17.35 -44.44 18.87
C GLN G 158 -18.73 -44.53 18.25
N ALA G 159 -18.99 -43.77 17.18
CA ALA G 159 -20.33 -43.65 16.65
C ALA G 159 -20.41 -44.29 15.28
N THR G 160 -21.32 -45.25 15.12
CA THR G 160 -21.50 -45.98 13.88
C THR G 160 -22.88 -45.71 13.28
N SER G 161 -23.52 -44.62 13.69
CA SER G 161 -24.82 -44.24 13.16
C SER G 161 -24.79 -42.76 12.77
N PHE G 162 -25.56 -42.42 11.74
CA PHE G 162 -25.45 -41.11 11.12
C PHE G 162 -26.13 -40.00 11.89
N GLU G 163 -27.20 -40.28 12.63
CA GLU G 163 -27.80 -39.27 13.48
C GLU G 163 -26.94 -38.96 14.69
N SER G 164 -26.15 -39.92 15.15
CA SER G 164 -25.20 -39.68 16.24
C SER G 164 -24.11 -38.70 15.84
N LEU G 165 -23.66 -38.77 14.58
CA LEU G 165 -22.70 -37.78 14.07
C LEU G 165 -23.31 -36.40 14.06
N LEU G 166 -24.58 -36.28 13.67
CA LEU G 166 -25.28 -35.01 13.72
C LEU G 166 -25.41 -34.48 15.14
N GLY G 167 -25.70 -35.37 16.08
CA GLY G 167 -25.77 -34.99 17.49
C GLY G 167 -24.47 -34.49 18.08
N HIS G 168 -23.39 -35.24 17.88
CA HIS G 168 -22.07 -34.80 18.34
C HIS G 168 -21.62 -33.53 17.63
N GLU G 169 -21.95 -33.39 16.35
CA GLU G 169 -21.64 -32.16 15.62
C GLU G 169 -22.41 -30.98 16.18
N GLY G 170 -23.67 -31.20 16.58
CA GLY G 170 -24.45 -30.13 17.19
C GLY G 170 -23.89 -29.69 18.53
N THR G 171 -23.46 -30.65 19.34
CA THR G 171 -22.80 -30.30 20.60
C THR G 171 -21.49 -29.56 20.36
N PHE G 172 -20.76 -29.96 19.30
CA PHE G 172 -19.51 -29.33 18.90
C PHE G 172 -19.73 -27.85 18.61
N VAL G 173 -20.71 -27.55 17.73
CA VAL G 173 -20.89 -26.17 17.30
C VAL G 173 -21.46 -25.34 18.45
N LYS G 174 -22.39 -25.92 19.22
CA LYS G 174 -23.05 -25.16 20.28
C LYS G 174 -22.10 -24.86 21.43
N SER G 175 -21.14 -25.74 21.70
CA SER G 175 -20.30 -25.46 22.86
C SER G 175 -18.99 -24.76 22.50
N LEU G 176 -18.57 -24.71 21.23
CA LEU G 176 -17.68 -23.58 20.93
C LEU G 176 -18.40 -22.26 20.75
N TYR G 177 -19.71 -22.26 20.46
CA TYR G 177 -20.46 -21.02 20.56
C TYR G 177 -20.45 -20.52 22.00
N LYS G 178 -20.63 -21.45 22.95
CA LYS G 178 -20.52 -21.13 24.37
C LYS G 178 -19.12 -20.69 24.78
N GLU G 179 -18.08 -21.40 24.32
CA GLU G 179 -16.72 -21.09 24.73
C GLU G 179 -16.25 -19.75 24.14
N TYR G 180 -16.65 -19.46 22.90
CA TYR G 180 -16.32 -18.17 22.32
C TYR G 180 -17.19 -17.07 22.91
N ALA G 181 -18.36 -17.41 23.44
CA ALA G 181 -19.14 -16.44 24.20
C ALA G 181 -18.43 -16.07 25.50
N LEU G 182 -17.83 -17.05 26.18
CA LEU G 182 -17.10 -16.75 27.42
C LEU G 182 -15.80 -16.01 27.14
N GLU G 183 -15.09 -16.39 26.07
CA GLU G 183 -13.81 -15.73 25.80
C GLU G 183 -13.99 -14.31 25.28
N TYR G 184 -15.11 -14.02 24.64
CA TYR G 184 -15.38 -12.69 24.11
C TYR G 184 -16.35 -11.92 25.01
N GLU G 185 -16.55 -12.42 26.24
CA GLU G 185 -17.43 -11.93 27.32
C GLU G 185 -18.77 -11.36 26.87
N ILE G 186 -19.58 -12.18 26.19
CA ILE G 186 -20.91 -11.75 25.78
C ILE G 186 -21.81 -12.98 25.80
N GLU G 187 -23.11 -12.78 25.79
CA GLU G 187 -24.07 -13.88 25.69
C GLU G 187 -24.58 -13.93 24.26
N PHE G 188 -24.29 -15.04 23.58
CA PHE G 188 -24.55 -15.16 22.14
C PHE G 188 -25.22 -16.48 21.85
N LYS G 189 -26.19 -16.45 20.94
CA LYS G 189 -26.83 -17.65 20.43
C LYS G 189 -27.02 -17.49 18.92
N ARG G 190 -27.03 -18.62 18.21
CA ARG G 190 -27.15 -18.58 16.76
C ARG G 190 -28.60 -18.37 16.36
N ASP G 191 -28.87 -17.25 15.72
CA ASP G 191 -30.16 -17.00 15.10
C ASP G 191 -29.94 -16.09 13.91
N HIS G 192 -30.37 -16.55 12.73
CA HIS G 192 -30.12 -15.85 11.47
C HIS G 192 -30.79 -14.52 11.38
N LYS G 193 -31.61 -14.21 12.38
CA LYS G 193 -32.39 -12.97 12.33
C LYS G 193 -31.91 -11.93 13.32
N SER G 194 -31.19 -12.35 14.34
CA SER G 194 -30.72 -11.41 15.34
C SER G 194 -29.74 -10.42 14.73
N ALA G 195 -29.88 -9.15 15.09
CA ALA G 195 -28.99 -8.11 14.54
C ALA G 195 -27.69 -8.00 15.33
N ASP G 196 -27.40 -9.00 16.14
CA ASP G 196 -26.16 -9.01 16.91
C ASP G 196 -24.99 -8.92 15.94
N ASN G 197 -24.01 -8.07 16.25
CA ASN G 197 -22.83 -7.95 15.40
C ASN G 197 -22.23 -9.31 15.14
N TYR G 198 -22.09 -10.12 16.19
CA TYR G 198 -21.54 -11.45 16.07
C TYR G 198 -22.35 -12.28 15.10
N ASN G 199 -23.65 -12.38 15.32
CA ASN G 199 -24.53 -13.14 14.43
C ASN G 199 -24.41 -12.68 12.99
N LYS G 200 -24.51 -11.37 12.77
CA LYS G 200 -24.43 -10.83 11.41
C LYS G 200 -23.13 -11.18 10.74
N PHE G 201 -22.02 -10.94 11.44
CA PHE G 201 -20.71 -11.21 10.84
C PHE G 201 -20.54 -12.69 10.61
N LEU G 202 -21.06 -13.51 11.51
CA LEU G 202 -20.98 -14.95 11.30
C LEU G 202 -21.81 -15.40 10.11
N THR G 203 -22.94 -14.75 9.82
CA THR G 203 -23.69 -15.09 8.62
C THR G 203 -22.93 -14.74 7.34
N LEU G 204 -22.29 -13.56 7.32
CA LEU G 204 -21.42 -13.18 6.22
C LEU G 204 -20.24 -14.13 6.07
N GLY G 205 -19.65 -14.53 7.19
CA GLY G 205 -18.58 -15.50 7.16
C GLY G 205 -18.98 -16.89 6.70
N ASN G 206 -20.18 -17.33 7.05
CA ASN G 206 -20.66 -18.60 6.52
C ASN G 206 -20.99 -18.52 5.05
N TYR G 207 -21.38 -17.35 4.56
CA TYR G 207 -21.47 -17.14 3.12
C TYR G 207 -20.11 -17.30 2.44
N TYR G 208 -19.07 -16.73 3.04
CA TYR G 208 -17.71 -16.92 2.53
C TYR G 208 -17.24 -18.37 2.58
N ALA G 209 -17.54 -19.06 3.68
CA ALA G 209 -17.24 -20.47 3.82
C ALA G 209 -17.97 -21.33 2.80
N TYR G 210 -19.10 -20.82 2.32
CA TYR G 210 -19.90 -21.52 1.36
C TYR G 210 -19.19 -21.41 0.11
N GLY G 211 -18.68 -20.26 -0.15
CA GLY G 211 -18.02 -20.04 -1.40
C GLY G 211 -16.71 -20.74 -1.62
N ILE G 212 -15.83 -20.75 -0.64
CA ILE G 212 -14.59 -21.38 -0.77
C ILE G 212 -14.95 -22.81 -0.94
N ALA G 213 -15.94 -23.30 -0.25
CA ALA G 213 -16.27 -24.70 -0.31
C ALA G 213 -16.92 -25.10 -1.56
N ARG G 214 -17.74 -24.25 -2.10
CA ARG G 214 -18.46 -24.65 -3.23
C ARG G 214 -17.42 -24.66 -4.29
N SER G 215 -16.38 -23.87 -4.15
CA SER G 215 -15.42 -23.81 -5.18
C SER G 215 -14.46 -24.89 -5.01
N SER G 216 -14.46 -25.48 -3.86
CA SER G 216 -13.53 -26.50 -3.59
C SER G 216 -14.12 -27.69 -4.21
N LEU G 217 -15.41 -27.73 -4.20
CA LEU G 217 -16.08 -28.84 -4.73
C LEU G 217 -16.26 -28.74 -6.22
N TRP G 218 -16.14 -27.58 -6.81
CA TRP G 218 -16.24 -27.54 -8.24
C TRP G 218 -14.95 -27.96 -8.75
N ALA G 219 -13.90 -27.63 -8.06
CA ALA G 219 -12.63 -27.87 -8.62
C ALA G 219 -12.32 -29.26 -8.60
N LEU G 220 -12.98 -30.00 -7.79
CA LEU G 220 -12.57 -31.34 -7.72
C LEU G 220 -13.64 -32.15 -8.32
N GLY G 221 -14.72 -31.51 -8.73
CA GLY G 221 -15.82 -32.20 -9.37
C GLY G 221 -17.00 -32.54 -8.54
N ILE G 222 -16.74 -32.94 -7.33
CA ILE G 222 -17.77 -33.37 -6.48
C ILE G 222 -18.96 -32.45 -6.37
N ASP G 223 -20.17 -32.98 -6.55
CA ASP G 223 -21.37 -32.18 -6.44
C ASP G 223 -21.81 -31.93 -5.04
N ASN G 224 -22.95 -31.32 -4.86
CA ASN G 224 -23.34 -30.93 -3.54
C ASN G 224 -24.25 -31.96 -3.21
N SER G 225 -24.70 -32.67 -4.22
CA SER G 225 -25.73 -33.59 -3.98
C SER G 225 -25.25 -34.88 -3.58
N PHE G 226 -24.10 -34.91 -2.98
CA PHE G 226 -23.69 -36.14 -2.53
C PHE G 226 -23.15 -35.93 -1.16
N PRO G 227 -24.04 -35.72 -0.21
CA PRO G 227 -23.49 -35.37 1.08
C PRO G 227 -22.90 -36.45 1.93
N LEU G 228 -22.22 -36.05 2.99
CA LEU G 228 -21.65 -37.01 3.87
C LEU G 228 -21.96 -36.70 5.30
N LEU G 229 -23.13 -36.14 5.60
CA LEU G 229 -23.54 -35.91 6.97
C LEU G 229 -24.96 -35.61 6.86
N HIS G 230 -25.64 -36.34 6.04
CA HIS G 230 -27.03 -36.05 5.82
C HIS G 230 -27.86 -36.33 7.03
N GLY G 231 -28.91 -35.55 7.22
CA GLY G 231 -29.76 -35.72 8.37
C GLY G 231 -30.85 -34.71 8.42
N SER G 232 -31.42 -34.52 9.61
CA SER G 232 -32.57 -33.65 9.74
C SER G 232 -32.22 -32.20 9.73
N THR G 233 -31.17 -31.84 10.43
CA THR G 233 -30.75 -30.47 10.42
C THR G 233 -30.03 -30.10 9.15
N ARG G 234 -29.26 -31.03 8.62
CA ARG G 234 -28.46 -30.70 7.48
C ARG G 234 -29.11 -31.09 6.20
N ARG G 235 -29.65 -30.12 5.50
CA ARG G 235 -30.24 -30.38 4.22
C ARG G 235 -29.70 -29.39 3.25
N GLY G 236 -28.41 -29.41 2.99
CA GLY G 236 -27.83 -28.42 2.13
C GLY G 236 -26.87 -29.05 1.19
N GLY G 237 -26.24 -30.12 1.65
CA GLY G 237 -25.32 -30.83 0.81
C GLY G 237 -23.96 -31.15 1.38
N LEU G 238 -22.96 -31.17 0.53
CA LEU G 238 -21.65 -31.47 0.98
C LEU G 238 -21.10 -30.16 1.25
N VAL G 239 -21.65 -29.15 0.64
CA VAL G 239 -21.03 -27.90 0.85
C VAL G 239 -21.10 -27.62 2.26
N PHE G 240 -22.25 -27.71 2.86
CA PHE G 240 -22.32 -27.54 4.27
C PHE G 240 -21.81 -28.73 5.10
N ASP G 241 -20.53 -29.11 4.95
CA ASP G 241 -19.93 -30.23 5.67
C ASP G 241 -18.50 -29.92 5.42
N VAL G 242 -18.19 -29.50 4.23
CA VAL G 242 -16.87 -29.06 3.98
C VAL G 242 -16.81 -27.62 4.35
N ALA G 243 -17.94 -26.91 4.37
CA ALA G 243 -17.91 -25.47 4.67
C ALA G 243 -17.74 -25.20 6.15
N ASP G 244 -18.26 -26.10 7.00
CA ASP G 244 -18.19 -25.84 8.43
C ASP G 244 -16.88 -26.29 9.04
N ILE G 245 -16.04 -26.95 8.25
CA ILE G 245 -14.71 -27.31 8.73
C ILE G 245 -14.03 -25.98 8.92
N ILE G 246 -14.16 -25.12 7.92
CA ILE G 246 -13.52 -23.81 7.98
C ILE G 246 -14.47 -22.72 8.48
N LYS G 247 -15.47 -23.10 9.26
CA LYS G 247 -16.36 -22.10 9.84
C LYS G 247 -16.09 -22.08 11.34
N THR G 248 -16.09 -23.25 11.97
CA THR G 248 -15.84 -23.32 13.40
C THR G 248 -14.38 -22.99 13.69
N SER G 249 -13.51 -23.14 12.69
CA SER G 249 -12.10 -22.88 12.90
C SER G 249 -11.61 -21.56 12.32
N ILE G 250 -12.15 -21.14 11.17
CA ILE G 250 -11.67 -19.95 10.55
C ILE G 250 -12.64 -18.83 10.68
N ILE G 251 -13.90 -19.07 10.38
CA ILE G 251 -14.89 -18.03 10.42
C ILE G 251 -15.32 -17.54 11.78
N LEU G 252 -15.79 -18.38 12.67
CA LEU G 252 -16.31 -17.96 13.97
C LEU G 252 -15.32 -17.15 14.80
N PRO G 253 -14.01 -17.47 14.88
CA PRO G 253 -13.12 -16.52 15.59
C PRO G 253 -13.00 -15.18 14.89
N LEU G 254 -12.96 -15.18 13.56
CA LEU G 254 -12.89 -13.96 12.79
C LEU G 254 -14.15 -13.12 12.93
N ALA G 255 -15.31 -13.76 12.93
CA ALA G 255 -16.56 -13.05 13.14
C ALA G 255 -16.62 -12.43 14.53
N PHE G 256 -16.14 -13.16 15.55
CA PHE G 256 -16.17 -12.60 16.90
C PHE G 256 -15.17 -11.45 17.06
N HIS G 257 -13.99 -11.57 16.46
CA HIS G 257 -13.01 -10.49 16.50
C HIS G 257 -13.46 -9.25 15.75
N ALA G 258 -14.01 -9.41 14.55
CA ALA G 258 -14.59 -8.31 13.81
C ALA G 258 -15.81 -7.72 14.48
N ALA G 259 -16.50 -8.48 15.32
CA ALA G 259 -17.56 -7.95 16.15
C ALA G 259 -17.06 -7.12 17.30
N ASP G 260 -15.97 -7.52 17.97
CA ASP G 260 -15.49 -6.69 19.09
C ASP G 260 -14.75 -5.44 18.65
N GLN G 261 -13.80 -5.56 17.72
CA GLN G 261 -12.94 -4.40 17.46
C GLN G 261 -13.55 -3.39 16.49
N GLY G 262 -14.88 -3.40 16.32
CA GLY G 262 -15.56 -2.36 15.59
C GLY G 262 -15.36 -2.41 14.10
N MET G 263 -15.12 -3.60 13.56
CA MET G 263 -14.96 -3.76 12.12
C MET G 263 -16.28 -3.50 11.41
N SER G 264 -16.19 -2.94 10.22
CA SER G 264 -17.35 -2.75 9.37
C SER G 264 -17.62 -4.03 8.59
N ASN G 265 -18.57 -3.95 7.66
CA ASN G 265 -18.81 -5.08 6.76
C ASN G 265 -17.64 -5.29 5.83
N THR G 266 -17.12 -4.22 5.23
CA THR G 266 -15.99 -4.32 4.31
C THR G 266 -14.71 -4.70 5.04
N GLU G 267 -14.56 -4.27 6.29
CA GLU G 267 -13.45 -4.70 7.13
C GLU G 267 -13.49 -6.19 7.41
N PHE G 268 -14.67 -6.76 7.68
CA PHE G 268 -14.76 -8.19 7.88
C PHE G 268 -14.54 -8.95 6.58
N LYS G 269 -15.02 -8.38 5.47
CA LYS G 269 -14.78 -8.94 4.14
C LYS G 269 -13.29 -9.05 3.86
N ARG G 270 -12.57 -7.94 4.07
CA ARG G 270 -11.14 -7.92 3.77
C ARG G 270 -10.37 -8.84 4.68
N SER G 271 -10.78 -8.92 5.93
CA SER G 271 -10.12 -9.83 6.86
C SER G 271 -10.30 -11.26 6.36
N CYS G 272 -11.49 -11.60 5.88
CA CYS G 272 -11.72 -12.93 5.32
C CYS G 272 -10.73 -13.17 4.19
N VAL G 273 -10.73 -12.30 3.19
CA VAL G 273 -9.84 -12.46 2.05
C VAL G 273 -8.40 -12.70 2.50
N ALA G 274 -7.84 -11.76 3.26
CA ALA G 274 -6.45 -11.88 3.70
C ALA G 274 -6.18 -13.20 4.42
N TYR G 275 -6.91 -13.46 5.50
CA TYR G 275 -6.70 -14.68 6.27
C TYR G 275 -6.81 -15.95 5.45
N PHE G 276 -7.78 -16.01 4.54
CA PHE G 276 -7.98 -17.22 3.75
C PHE G 276 -6.82 -17.44 2.79
N ASP G 277 -6.31 -16.37 2.19
CA ASP G 277 -5.19 -16.47 1.28
C ASP G 277 -3.93 -16.87 2.03
N LYS G 278 -3.73 -16.27 3.19
CA LYS G 278 -2.54 -16.55 3.99
C LYS G 278 -2.50 -18.01 4.43
N ASN G 279 -3.64 -18.53 4.85
CA ASN G 279 -3.68 -19.90 5.33
C ASN G 279 -3.94 -20.88 4.20
N ASP G 280 -4.03 -20.40 2.96
CA ASP G 280 -4.36 -21.25 1.80
C ASP G 280 -5.50 -22.14 2.23
N ILE G 281 -6.58 -21.53 2.69
CA ILE G 281 -7.73 -22.25 3.21
C ILE G 281 -8.34 -23.08 2.07
N LEU G 282 -8.39 -22.48 0.89
CA LEU G 282 -8.88 -23.20 -0.27
C LEU G 282 -7.94 -24.32 -0.69
N ALA G 283 -6.63 -24.11 -0.60
CA ALA G 283 -5.70 -25.18 -0.93
C ALA G 283 -5.79 -26.30 0.10
N TYR G 284 -6.11 -25.96 1.36
CA TYR G 284 -6.43 -26.96 2.36
C TYR G 284 -7.65 -27.78 1.92
N LEU G 285 -8.72 -27.12 1.49
CA LEU G 285 -9.94 -27.87 1.22
C LEU G 285 -9.83 -28.72 -0.04
N ILE G 286 -9.20 -28.19 -1.11
CA ILE G 286 -8.99 -28.98 -2.32
C ILE G 286 -7.95 -30.10 -2.11
N ASN G 287 -6.90 -29.84 -1.33
CA ASN G 287 -5.87 -30.85 -1.09
CA ASN G 287 -5.87 -30.85 -1.09
C ASN G 287 -6.21 -31.78 0.06
N ASN G 288 -7.32 -31.57 0.75
CA ASN G 288 -7.69 -32.43 1.84
C ASN G 288 -9.05 -33.11 1.68
N ILE G 289 -9.93 -32.59 0.83
CA ILE G 289 -11.03 -33.39 0.31
C ILE G 289 -10.45 -34.51 -0.54
N LYS G 290 -9.31 -34.24 -1.20
CA LYS G 290 -8.62 -35.19 -2.05
C LYS G 290 -8.26 -36.48 -1.32
N ARG G 291 -7.75 -36.39 -0.08
CA ARG G 291 -7.39 -37.61 0.63
C ARG G 291 -8.61 -38.35 1.15
N LEU G 292 -9.77 -37.68 1.22
CA LEU G 292 -11.01 -38.41 1.38
C LEU G 292 -11.40 -39.12 0.09
N CYS G 293 -11.07 -38.52 -1.05
CA CYS G 293 -11.45 -39.08 -2.34
C CYS G 293 -10.57 -40.26 -2.74
N MET G 294 -9.26 -40.04 -2.97
CA MET G 294 -8.60 -41.22 -3.54
C MET G 294 -7.66 -41.90 -2.57
N GLU G 295 -7.75 -41.60 -1.28
CA GLU G 295 -6.91 -42.24 -0.27
C GLU G 295 -7.71 -42.57 0.97
N MET H 1 -35.87 -14.10 -28.82
CA MET H 1 -36.59 -13.57 -27.66
C MET H 1 -37.03 -14.74 -26.78
N GLN H 2 -38.33 -14.84 -26.49
CA GLN H 2 -38.82 -15.97 -25.72
C GLN H 2 -38.76 -17.25 -26.54
N LYS H 3 -38.28 -18.32 -25.94
CA LYS H 3 -38.17 -19.61 -26.60
C LYS H 3 -38.71 -20.71 -25.69
N GLN H 4 -38.93 -21.88 -26.28
CA GLN H 4 -39.52 -22.99 -25.55
C GLN H 4 -39.04 -24.29 -26.15
N ILE H 5 -38.41 -25.12 -25.31
CA ILE H 5 -37.86 -26.40 -25.73
C ILE H 5 -38.56 -27.50 -24.94
N LEU H 6 -38.88 -28.59 -25.63
CA LEU H 6 -39.52 -29.74 -25.01
C LEU H 6 -38.57 -30.43 -24.03
N THR H 7 -39.16 -31.13 -23.07
CA THR H 7 -38.41 -31.85 -22.04
C THR H 7 -39.37 -33.05 -21.82
N SER H 8 -39.28 -33.81 -20.72
CA SER H 8 -40.02 -35.06 -20.53
C SER H 8 -41.54 -34.93 -20.60
N GLN H 9 -42.15 -34.21 -19.66
CA GLN H 9 -43.60 -34.10 -19.68
C GLN H 9 -44.08 -33.00 -20.62
N LYS H 10 -43.76 -31.75 -20.31
CA LYS H 10 -44.28 -30.62 -21.05
C LYS H 10 -43.14 -29.80 -21.67
N ARG H 11 -43.51 -28.69 -22.30
CA ARG H 11 -42.54 -27.70 -22.77
C ARG H 11 -42.21 -26.75 -21.63
N ASN H 12 -41.56 -27.30 -20.62
CA ASN H 12 -41.29 -26.64 -19.38
C ASN H 12 -39.88 -26.08 -19.28
N MET H 13 -39.34 -25.62 -20.41
CA MET H 13 -37.94 -25.24 -20.54
C MET H 13 -37.94 -23.95 -21.38
N TYR H 14 -37.78 -22.81 -20.72
CA TYR H 14 -37.92 -21.52 -21.37
C TYR H 14 -36.56 -20.84 -21.49
N ILE H 15 -36.22 -20.40 -22.70
CA ILE H 15 -34.99 -19.66 -22.97
C ILE H 15 -35.37 -18.20 -23.21
N LEU H 16 -34.73 -17.29 -22.48
CA LEU H 16 -35.01 -15.86 -22.55
C LEU H 16 -33.79 -15.15 -23.13
N SER H 17 -34.00 -14.38 -24.18
CA SER H 17 -32.94 -13.54 -24.74
C SER H 17 -33.37 -12.08 -24.75
N ARG H 18 -32.37 -11.21 -24.61
CA ARG H 18 -32.48 -9.77 -24.78
C ARG H 18 -33.52 -9.11 -23.89
N CYS H 19 -33.62 -9.58 -22.64
CA CYS H 19 -34.64 -9.05 -21.73
C CYS H 19 -34.12 -9.08 -20.30
N LYS H 20 -34.37 -8.01 -19.56
CA LYS H 20 -33.99 -7.98 -18.16
C LYS H 20 -35.09 -8.62 -17.34
N VAL H 21 -34.92 -9.91 -17.04
CA VAL H 21 -35.90 -10.65 -16.24
C VAL H 21 -36.04 -10.00 -14.89
N LEU H 22 -37.12 -9.25 -14.69
CA LEU H 22 -37.30 -8.54 -13.43
C LEU H 22 -38.35 -9.23 -12.59
N VAL H 23 -39.04 -8.46 -11.76
CA VAL H 23 -40.10 -9.01 -10.92
C VAL H 23 -41.17 -7.94 -10.69
N LYS H 24 -42.41 -8.23 -11.10
CA LYS H 24 -43.49 -7.27 -10.94
C LYS H 24 -44.71 -7.90 -10.29
N ASN H 25 -45.38 -7.16 -9.42
CA ASN H 25 -46.59 -7.66 -8.76
C ASN H 25 -46.46 -9.06 -8.18
N GLY H 26 -45.42 -9.29 -7.40
CA GLY H 26 -45.22 -10.59 -6.76
C GLY H 26 -45.02 -11.76 -7.71
N GLN H 27 -44.43 -11.51 -8.87
CA GLN H 27 -44.17 -12.57 -9.84
C GLN H 27 -43.01 -12.17 -10.71
N VAL H 28 -42.10 -13.10 -10.98
CA VAL H 28 -41.00 -12.80 -11.87
C VAL H 28 -41.53 -12.42 -13.26
N CYS H 29 -41.06 -11.30 -13.80
CA CYS H 29 -41.53 -10.85 -15.10
C CYS H 29 -40.37 -10.68 -16.05
N HIS H 30 -40.62 -10.30 -17.30
CA HIS H 30 -39.53 -10.06 -18.25
C HIS H 30 -39.71 -8.68 -18.86
N LEU H 31 -38.71 -7.83 -18.75
CA LEU H 31 -38.81 -6.53 -19.41
C LEU H 31 -37.91 -6.55 -20.65
N HIS H 32 -38.53 -6.65 -21.82
CA HIS H 32 -37.80 -6.82 -23.07
C HIS H 32 -37.31 -5.49 -23.62
N GLU H 33 -36.76 -5.54 -24.84
CA GLU H 33 -36.29 -4.37 -25.55
C GLU H 33 -37.46 -3.53 -26.04
N ASP H 34 -38.53 -4.18 -26.53
CA ASP H 34 -39.74 -3.54 -27.02
C ASP H 34 -40.42 -2.71 -25.94
N GLY H 35 -40.37 -3.20 -24.70
CA GLY H 35 -40.93 -2.46 -23.58
C GLY H 35 -42.07 -3.20 -22.93
N ASN H 36 -42.41 -4.37 -23.49
CA ASN H 36 -43.53 -5.16 -23.02
C ASN H 36 -43.08 -6.07 -21.89
N VAL H 37 -43.92 -6.16 -20.88
CA VAL H 37 -43.68 -7.00 -19.71
C VAL H 37 -44.50 -8.28 -19.83
N TYR H 38 -43.83 -9.42 -19.67
CA TYR H 38 -44.50 -10.71 -19.78
C TYR H 38 -44.55 -11.35 -18.39
N THR H 39 -44.96 -12.61 -18.32
CA THR H 39 -44.98 -13.32 -17.04
C THR H 39 -44.59 -14.77 -17.29
N VAL H 40 -44.16 -15.43 -16.24
CA VAL H 40 -43.68 -16.81 -16.30
C VAL H 40 -44.78 -17.74 -15.84
N PRO H 41 -45.19 -18.70 -16.65
CA PRO H 41 -46.10 -19.75 -16.16
C PRO H 41 -45.43 -20.67 -15.15
N TYR H 42 -45.90 -20.61 -13.92
CA TYR H 42 -45.28 -21.26 -12.77
C TYR H 42 -45.51 -22.77 -12.78
N ALA H 43 -46.52 -23.22 -13.51
CA ALA H 43 -46.76 -24.64 -13.67
C ALA H 43 -46.21 -25.19 -14.97
N ASN H 44 -46.00 -24.33 -15.97
CA ASN H 44 -45.41 -24.73 -17.24
C ASN H 44 -43.93 -24.38 -17.29
N THR H 45 -43.31 -24.10 -16.13
CA THR H 45 -41.86 -23.98 -16.00
C THR H 45 -41.45 -24.66 -14.70
N VAL H 46 -40.42 -25.49 -14.74
CA VAL H 46 -39.60 -25.73 -13.55
C VAL H 46 -38.16 -25.52 -13.96
N PHE H 47 -37.92 -25.42 -15.27
CA PHE H 47 -36.61 -25.10 -15.83
C PHE H 47 -36.73 -23.78 -16.56
N ILE H 48 -35.77 -22.88 -16.38
CA ILE H 48 -35.74 -21.63 -17.12
C ILE H 48 -34.30 -21.28 -17.49
N GLY H 49 -34.11 -20.80 -18.71
CA GLY H 49 -32.79 -20.53 -19.24
C GLY H 49 -32.70 -19.11 -19.74
N LEU H 50 -31.48 -18.57 -19.73
CA LEU H 50 -31.25 -17.18 -20.10
C LEU H 50 -30.16 -17.10 -21.16
N ALA H 51 -30.53 -16.62 -22.34
CA ALA H 51 -29.66 -16.51 -23.51
C ALA H 51 -28.87 -15.21 -23.48
N GLU H 52 -28.37 -14.78 -24.64
CA GLU H 52 -27.53 -13.60 -24.72
C GLU H 52 -28.26 -12.33 -24.31
N GLY H 53 -27.53 -11.43 -23.66
CA GLY H 53 -28.00 -10.09 -23.34
C GLY H 53 -29.14 -9.96 -22.36
N THR H 54 -29.11 -10.70 -21.25
CA THR H 54 -30.18 -10.60 -20.27
C THR H 54 -29.64 -10.07 -18.94
N SER H 55 -30.50 -10.05 -17.93
CA SER H 55 -30.18 -9.63 -16.57
C SER H 55 -31.28 -10.14 -15.66
N ILE H 56 -30.94 -10.48 -14.41
CA ILE H 56 -31.95 -10.95 -13.46
C ILE H 56 -31.47 -10.64 -12.05
N THR H 57 -32.39 -10.11 -11.24
CA THR H 57 -32.11 -9.58 -9.92
C THR H 57 -32.15 -10.66 -8.86
N ASN H 58 -31.76 -10.28 -7.63
CA ASN H 58 -31.84 -11.20 -6.50
C ASN H 58 -33.28 -11.46 -6.11
N GLU H 59 -34.13 -10.43 -6.08
CA GLU H 59 -35.53 -10.61 -5.75
C GLU H 59 -36.29 -11.32 -6.85
N ALA H 60 -35.71 -11.40 -8.05
CA ALA H 60 -36.25 -12.24 -9.11
C ALA H 60 -35.86 -13.69 -8.95
N MET H 61 -34.57 -14.01 -8.78
CA MET H 61 -34.12 -15.38 -8.60
C MET H 61 -34.60 -16.02 -7.31
N SER H 62 -34.66 -15.28 -6.20
CA SER H 62 -35.09 -15.86 -4.94
C SER H 62 -36.58 -16.19 -4.96
N MET H 63 -37.38 -15.32 -5.58
CA MET H 63 -38.79 -15.62 -5.78
C MET H 63 -38.97 -16.76 -6.77
N LEU H 64 -38.15 -16.77 -7.82
CA LEU H 64 -38.27 -17.74 -8.90
C LEU H 64 -37.86 -19.15 -8.46
N ALA H 65 -36.90 -19.25 -7.54
CA ALA H 65 -36.39 -20.54 -7.09
C ALA H 65 -37.01 -20.96 -5.77
N ALA H 66 -38.17 -20.39 -5.44
CA ALA H 66 -38.90 -20.79 -4.25
C ALA H 66 -40.15 -21.54 -4.67
N ASN H 67 -40.72 -21.15 -5.81
CA ASN H 67 -41.91 -21.80 -6.32
C ASN H 67 -41.56 -23.09 -7.05
N GLY H 68 -40.32 -23.22 -7.51
CA GLY H 68 -39.86 -24.47 -8.09
C GLY H 68 -39.22 -24.39 -9.44
N VAL H 69 -38.83 -23.19 -9.89
CA VAL H 69 -38.20 -23.00 -11.18
C VAL H 69 -36.75 -22.59 -10.98
N ILE H 70 -35.85 -23.26 -11.70
CA ILE H 70 -34.41 -23.14 -11.47
C ILE H 70 -33.73 -22.53 -12.69
N VAL H 71 -32.80 -21.61 -12.42
CA VAL H 71 -32.27 -20.65 -13.40
C VAL H 71 -30.94 -21.19 -13.92
N PHE H 72 -30.74 -21.14 -15.23
CA PHE H 72 -29.51 -21.66 -15.84
C PHE H 72 -29.11 -20.75 -17.00
N TRP H 73 -27.80 -20.54 -17.15
CA TRP H 73 -27.32 -19.60 -18.15
C TRP H 73 -26.86 -20.25 -19.42
N THR H 74 -27.18 -19.63 -20.55
CA THR H 74 -26.82 -20.21 -21.83
C THR H 74 -26.24 -19.20 -22.79
N LYS H 75 -25.86 -19.65 -23.98
CA LYS H 75 -25.25 -18.76 -24.95
C LYS H 75 -26.27 -17.89 -25.66
N GLY H 76 -26.98 -18.46 -26.61
CA GLY H 76 -27.95 -17.68 -27.37
C GLY H 76 -29.10 -18.52 -27.86
N GLY H 77 -28.87 -19.83 -27.98
CA GLY H 77 -29.92 -20.72 -28.45
C GLY H 77 -30.55 -21.50 -27.32
N GLY H 78 -29.90 -21.50 -26.16
CA GLY H 78 -30.45 -22.19 -25.02
C GLY H 78 -29.95 -23.61 -24.88
N TYR H 79 -28.72 -23.84 -25.32
CA TYR H 79 -28.14 -25.16 -25.23
C TYR H 79 -26.72 -25.07 -24.72
N ASP H 80 -26.00 -24.03 -25.12
CA ASP H 80 -24.58 -23.97 -24.77
C ASP H 80 -24.50 -23.34 -23.38
N MET H 81 -24.32 -24.17 -22.37
CA MET H 81 -24.54 -23.79 -20.99
C MET H 81 -23.31 -23.23 -20.29
N PHE H 82 -23.44 -22.05 -19.69
CA PHE H 82 -22.36 -21.50 -18.88
C PHE H 82 -22.41 -22.02 -17.45
N ALA H 83 -23.47 -21.71 -16.72
CA ALA H 83 -23.48 -21.92 -15.29
C ALA H 83 -24.88 -22.23 -14.79
N ALA H 84 -24.96 -23.12 -13.81
CA ALA H 84 -26.25 -23.54 -13.27
C ALA H 84 -26.08 -24.19 -11.92
N ASP H 85 -27.23 -24.48 -11.29
CA ASP H 85 -27.32 -25.19 -10.02
C ASP H 85 -27.38 -26.66 -10.43
N ILE H 86 -27.50 -27.59 -9.48
CA ILE H 86 -27.68 -29.00 -9.79
C ILE H 86 -29.17 -29.29 -9.65
N ILE H 87 -29.75 -29.97 -10.63
CA ILE H 87 -31.14 -30.38 -10.51
C ILE H 87 -31.20 -31.46 -9.46
N CYS H 88 -31.52 -31.06 -8.24
CA CYS H 88 -31.62 -31.93 -7.08
C CYS H 88 -33.10 -32.29 -6.87
N HIS H 89 -33.52 -32.67 -5.67
CA HIS H 89 -34.92 -32.85 -5.29
C HIS H 89 -35.63 -31.51 -5.16
N LEU H 90 -36.78 -31.50 -4.47
CA LEU H 90 -37.48 -30.25 -4.18
C LEU H 90 -36.56 -29.27 -3.43
N PRO H 91 -36.12 -28.19 -4.08
CA PRO H 91 -34.97 -27.44 -3.58
C PRO H 91 -35.28 -26.45 -2.46
N GLN H 92 -36.42 -26.56 -1.79
CA GLN H 92 -36.76 -25.66 -0.69
C GLN H 92 -36.72 -26.37 0.66
N ALA H 93 -37.36 -27.53 0.79
CA ALA H 93 -37.42 -28.24 2.06
C ALA H 93 -36.53 -29.47 2.09
N ASP H 94 -35.76 -29.74 1.04
CA ASP H 94 -34.92 -30.92 0.97
C ASP H 94 -33.76 -30.65 0.04
N TYR H 95 -32.72 -31.47 0.14
CA TYR H 95 -31.62 -31.44 -0.80
C TYR H 95 -31.01 -32.83 -0.95
N ARG H 96 -31.47 -33.57 -1.94
CA ARG H 96 -31.09 -34.96 -2.16
C ARG H 96 -30.76 -35.14 -3.64
N PRO H 97 -29.90 -36.10 -3.97
CA PRO H 97 -29.75 -36.48 -5.38
C PRO H 97 -31.03 -37.14 -5.87
N THR H 98 -31.31 -36.96 -7.15
CA THR H 98 -32.57 -37.45 -7.70
C THR H 98 -32.55 -38.97 -7.83
N LYS H 99 -33.75 -39.53 -8.01
CA LYS H 99 -33.87 -40.94 -8.34
C LYS H 99 -33.29 -41.24 -9.72
N TYR H 100 -33.25 -40.22 -10.58
CA TYR H 100 -32.79 -40.40 -11.94
C TYR H 100 -31.28 -40.62 -11.99
N MET H 101 -30.53 -39.92 -11.12
CA MET H 101 -29.09 -40.10 -11.05
C MET H 101 -28.70 -41.40 -10.35
N GLN H 102 -29.49 -41.82 -9.35
CA GLN H 102 -29.12 -42.98 -8.54
C GLN H 102 -29.08 -44.27 -9.36
N ASN H 103 -30.05 -44.47 -10.26
CA ASN H 103 -29.99 -45.63 -11.15
C ASN H 103 -28.81 -45.57 -12.12
N TRP H 104 -28.46 -44.38 -12.60
CA TRP H 104 -27.27 -44.23 -13.44
C TRP H 104 -25.98 -44.55 -12.70
N VAL H 105 -25.88 -44.24 -11.41
CA VAL H 105 -24.62 -44.58 -10.77
C VAL H 105 -24.64 -46.07 -10.33
N ARG H 106 -25.83 -46.65 -10.11
CA ARG H 106 -25.89 -48.12 -10.00
C ARG H 106 -25.44 -48.79 -11.28
N LEU H 107 -25.75 -48.18 -12.43
CA LEU H 107 -25.18 -48.63 -13.69
C LEU H 107 -23.67 -48.45 -13.71
N TRP H 108 -23.18 -47.34 -13.18
CA TRP H 108 -21.76 -47.02 -13.15
C TRP H 108 -20.90 -47.98 -12.34
N LEU H 109 -21.42 -48.44 -11.19
CA LEU H 109 -20.65 -49.33 -10.33
C LEU H 109 -20.35 -50.68 -10.97
N ASP H 110 -21.38 -51.36 -11.48
CA ASP H 110 -21.23 -52.72 -11.95
C ASP H 110 -20.83 -52.73 -13.42
N GLU H 111 -19.83 -53.55 -13.75
CA GLU H 111 -19.31 -53.63 -15.12
C GLU H 111 -20.31 -54.22 -16.08
N GLU H 112 -21.12 -55.18 -15.63
CA GLU H 112 -22.13 -55.78 -16.51
C GLU H 112 -23.26 -54.80 -16.82
N LYS H 113 -23.73 -54.08 -15.80
CA LYS H 113 -24.78 -53.08 -16.02
C LYS H 113 -24.28 -51.94 -16.87
N LYS H 114 -23.03 -51.52 -16.66
CA LYS H 114 -22.43 -50.46 -17.47
C LYS H 114 -22.21 -50.92 -18.91
N LEU H 115 -21.89 -52.21 -19.10
CA LEU H 115 -21.77 -52.77 -20.43
C LEU H 115 -23.10 -52.80 -21.16
N SER H 116 -24.16 -53.24 -20.48
CA SER H 116 -25.48 -53.27 -21.10
C SER H 116 -26.01 -51.87 -21.35
N ALA H 117 -25.72 -50.91 -20.46
CA ALA H 117 -26.03 -49.53 -20.70
C ALA H 117 -25.27 -48.96 -21.89
N ALA H 118 -24.01 -49.35 -22.08
CA ALA H 118 -23.25 -48.95 -23.26
C ALA H 118 -23.86 -49.51 -24.53
N LYS H 119 -24.31 -50.78 -24.49
CA LYS H 119 -25.03 -51.36 -25.62
C LYS H 119 -26.29 -50.57 -25.92
N GLU H 120 -27.01 -50.15 -24.87
CA GLU H 120 -28.23 -49.39 -25.06
C GLU H 120 -27.96 -48.03 -25.71
N ILE H 121 -27.00 -47.26 -25.17
CA ILE H 121 -26.80 -45.90 -25.67
C ILE H 121 -26.21 -45.94 -27.07
N LEU H 122 -25.39 -46.93 -27.37
CA LEU H 122 -24.86 -47.07 -28.70
C LEU H 122 -25.86 -47.66 -29.68
N LYS H 123 -26.93 -48.31 -29.20
CA LYS H 123 -28.06 -48.65 -30.06
C LYS H 123 -28.95 -47.46 -30.37
N MET H 124 -29.15 -46.54 -29.44
CA MET H 124 -29.87 -45.33 -29.80
C MET H 124 -29.05 -44.35 -30.63
N ARG H 125 -27.77 -44.62 -30.90
CA ARG H 125 -27.13 -44.02 -32.08
C ARG H 125 -27.85 -44.40 -33.36
N VAL H 126 -28.14 -45.70 -33.54
CA VAL H 126 -28.86 -46.17 -34.71
C VAL H 126 -30.28 -45.65 -34.70
N ASP H 127 -30.90 -45.62 -33.52
CA ASP H 127 -32.26 -45.07 -33.39
C ASP H 127 -32.31 -43.59 -33.74
N SER H 128 -31.30 -42.82 -33.35
CA SER H 128 -31.27 -41.40 -33.69
C SER H 128 -30.89 -41.18 -35.14
N LEU H 129 -30.16 -42.11 -35.75
CA LEU H 129 -29.99 -42.09 -37.20
C LEU H 129 -31.32 -42.29 -37.91
N SER H 130 -32.14 -43.21 -37.40
CA SER H 130 -33.41 -43.51 -38.05
C SER H 130 -34.42 -42.38 -37.85
N THR H 131 -34.57 -41.91 -36.62
CA THR H 131 -35.69 -41.03 -36.29
C THR H 131 -35.49 -39.58 -36.72
N HIS H 132 -34.24 -39.09 -36.79
CA HIS H 132 -33.97 -37.75 -37.31
C HIS H 132 -33.41 -37.92 -38.72
N VAL H 133 -34.29 -37.89 -39.71
CA VAL H 133 -33.95 -38.16 -41.09
C VAL H 133 -33.82 -36.84 -41.83
N HIS H 134 -32.85 -36.75 -42.72
CA HIS H 134 -32.52 -35.51 -43.38
C HIS H 134 -32.82 -35.63 -44.87
N ASP H 135 -33.75 -34.79 -45.34
CA ASP H 135 -34.06 -34.78 -46.78
C ASP H 135 -32.88 -34.23 -47.58
N PHE H 136 -32.25 -33.18 -47.06
CA PHE H 136 -30.99 -32.65 -47.55
C PHE H 136 -29.77 -33.47 -47.19
N GLY H 137 -29.92 -34.49 -46.35
CA GLY H 137 -28.80 -35.39 -46.09
C GLY H 137 -28.81 -36.56 -47.06
N VAL H 138 -28.83 -37.77 -46.54
CA VAL H 138 -28.90 -38.98 -47.36
C VAL H 138 -30.19 -39.72 -47.04
N ASP H 139 -30.47 -40.73 -47.85
CA ASP H 139 -31.51 -41.69 -47.52
C ASP H 139 -30.88 -42.74 -46.62
N VAL H 140 -31.22 -42.69 -45.33
CA VAL H 140 -30.52 -43.51 -44.35
C VAL H 140 -31.02 -44.95 -44.35
N GLU H 141 -32.06 -45.23 -45.13
CA GLU H 141 -32.61 -46.58 -45.17
C GLU H 141 -31.97 -47.44 -46.30
N ASN H 142 -31.14 -46.82 -47.13
CA ASN H 142 -30.57 -47.50 -48.30
C ASN H 142 -29.49 -48.49 -47.91
N LYS H 143 -29.07 -49.28 -48.91
CA LYS H 143 -28.27 -50.49 -48.69
C LYS H 143 -26.88 -50.16 -48.14
N ARG H 144 -26.26 -49.10 -48.67
CA ARG H 144 -24.91 -48.73 -48.26
C ARG H 144 -24.90 -48.22 -46.82
N VAL H 145 -25.98 -47.58 -46.38
CA VAL H 145 -26.07 -47.10 -45.00
C VAL H 145 -26.64 -48.18 -44.09
N SER H 146 -27.57 -49.00 -44.58
CA SER H 146 -28.09 -50.10 -43.77
C SER H 146 -27.03 -51.14 -43.48
N SER H 147 -26.03 -51.28 -44.35
CA SER H 147 -24.87 -52.12 -44.04
C SER H 147 -24.15 -51.64 -42.80
N ILE H 148 -23.99 -50.31 -42.67
CA ILE H 148 -23.32 -49.75 -41.51
C ILE H 148 -24.17 -49.88 -40.25
N VAL H 149 -25.49 -49.72 -40.38
CA VAL H 149 -26.32 -49.83 -39.18
C VAL H 149 -26.46 -51.29 -38.72
N ASN H 150 -26.46 -52.26 -39.65
CA ASN H 150 -26.35 -53.65 -39.21
C ASN H 150 -24.96 -54.01 -38.74
N LYS H 151 -23.92 -53.29 -39.19
CA LYS H 151 -22.59 -53.47 -38.61
C LYS H 151 -22.59 -53.09 -37.13
N PHE H 152 -23.22 -51.95 -36.81
CA PHE H 152 -23.40 -51.62 -35.38
C PHE H 152 -24.27 -52.62 -34.64
N ASP H 153 -25.37 -53.06 -35.25
CA ASP H 153 -26.29 -53.95 -34.53
C ASP H 153 -25.62 -55.29 -34.24
N LYS H 154 -24.90 -55.83 -35.23
CA LYS H 154 -24.19 -57.09 -35.06
C LYS H 154 -23.03 -56.95 -34.10
N GLY H 155 -22.35 -55.80 -34.12
CA GLY H 155 -21.24 -55.60 -33.20
C GLY H 155 -21.69 -55.41 -31.76
N VAL H 156 -22.76 -54.64 -31.56
CA VAL H 156 -23.14 -54.24 -30.21
C VAL H 156 -23.99 -55.33 -29.56
N THR H 157 -24.56 -56.24 -30.35
CA THR H 157 -25.21 -57.40 -29.77
C THR H 157 -24.24 -58.53 -29.49
N GLN H 158 -22.99 -58.39 -29.91
CA GLN H 158 -21.98 -59.40 -29.71
C GLN H 158 -20.79 -58.92 -28.90
N ALA H 159 -20.78 -57.66 -28.48
CA ALA H 159 -19.62 -57.12 -27.79
C ALA H 159 -19.55 -57.59 -26.35
N THR H 160 -18.37 -58.02 -25.93
CA THR H 160 -18.12 -58.48 -24.58
C THR H 160 -17.15 -57.55 -23.84
N SER H 161 -16.38 -56.76 -24.58
CA SER H 161 -15.38 -55.88 -23.99
C SER H 161 -15.58 -54.45 -24.48
N PHE H 162 -15.16 -53.50 -23.65
CA PHE H 162 -15.25 -52.09 -24.00
C PHE H 162 -14.26 -51.69 -25.10
N GLU H 163 -13.09 -52.32 -25.13
CA GLU H 163 -12.06 -51.96 -26.10
C GLU H 163 -12.48 -52.31 -27.52
N SER H 164 -13.24 -53.38 -27.71
CA SER H 164 -13.80 -53.72 -29.02
C SER H 164 -15.06 -52.92 -29.31
N LEU H 165 -15.80 -52.52 -28.27
CA LEU H 165 -16.96 -51.66 -28.46
C LEU H 165 -16.57 -50.28 -28.98
N LEU H 166 -15.48 -49.73 -28.45
CA LEU H 166 -14.93 -48.47 -28.96
C LEU H 166 -14.43 -48.61 -30.38
N GLY H 167 -13.82 -49.75 -30.73
CA GLY H 167 -13.37 -49.94 -32.10
C GLY H 167 -14.51 -50.09 -33.09
N HIS H 168 -15.58 -50.77 -32.68
CA HIS H 168 -16.76 -50.90 -33.52
C HIS H 168 -17.48 -49.57 -33.68
N GLU H 169 -17.51 -48.78 -32.61
CA GLU H 169 -17.98 -47.41 -32.67
C GLU H 169 -17.15 -46.58 -33.64
N GLY H 170 -15.83 -46.72 -33.58
CA GLY H 170 -14.95 -45.96 -34.46
C GLY H 170 -15.10 -46.33 -35.91
N THR H 171 -15.25 -47.62 -36.20
CA THR H 171 -15.42 -48.02 -37.60
C THR H 171 -16.81 -47.63 -38.12
N PHE H 172 -17.80 -47.54 -37.22
CA PHE H 172 -19.10 -47.00 -37.60
C PHE H 172 -19.02 -45.52 -37.96
N VAL H 173 -18.42 -44.73 -37.07
CA VAL H 173 -18.40 -43.29 -37.30
C VAL H 173 -17.51 -42.96 -38.50
N LYS H 174 -16.41 -43.71 -38.69
CA LYS H 174 -15.55 -43.58 -39.86
C LYS H 174 -16.26 -43.97 -41.15
N SER H 175 -17.06 -45.03 -41.13
CA SER H 175 -17.86 -45.39 -42.30
C SER H 175 -18.94 -44.37 -42.61
N LEU H 176 -19.56 -43.75 -41.60
CA LEU H 176 -20.48 -42.65 -41.87
C LEU H 176 -19.78 -41.42 -42.42
N TYR H 177 -18.56 -41.13 -41.94
CA TYR H 177 -17.80 -40.03 -42.53
C TYR H 177 -17.47 -40.33 -43.99
N LYS H 178 -17.06 -41.57 -44.30
CA LYS H 178 -16.73 -41.93 -45.67
C LYS H 178 -17.95 -41.92 -46.59
N GLU H 179 -19.09 -42.45 -46.14
CA GLU H 179 -20.31 -42.43 -46.94
C GLU H 179 -20.85 -41.02 -47.14
N TYR H 180 -20.89 -40.20 -46.08
CA TYR H 180 -21.35 -38.83 -46.20
C TYR H 180 -20.39 -37.97 -47.00
N ALA H 181 -19.10 -38.30 -47.02
CA ALA H 181 -18.19 -37.63 -47.94
C ALA H 181 -18.40 -38.11 -49.37
N LEU H 182 -18.83 -39.36 -49.53
CA LEU H 182 -19.11 -39.89 -50.86
C LEU H 182 -20.35 -39.24 -51.45
N GLU H 183 -21.31 -38.84 -50.61
CA GLU H 183 -22.55 -38.26 -51.14
C GLU H 183 -22.31 -36.83 -51.65
N TYR H 184 -21.56 -36.03 -50.89
CA TYR H 184 -21.21 -34.70 -51.36
C TYR H 184 -19.98 -34.67 -52.28
N GLU H 185 -19.49 -35.83 -52.73
CA GLU H 185 -18.49 -36.00 -53.78
C GLU H 185 -17.16 -35.32 -53.41
N ILE H 186 -16.74 -35.54 -52.16
CA ILE H 186 -15.51 -34.96 -51.64
C ILE H 186 -14.62 -36.04 -51.05
N GLU H 187 -13.38 -35.67 -50.74
CA GLU H 187 -12.45 -36.50 -50.00
C GLU H 187 -12.28 -35.90 -48.61
N PHE H 188 -12.08 -36.78 -47.63
CA PHE H 188 -12.28 -36.37 -46.24
C PHE H 188 -11.55 -37.36 -45.33
N LYS H 189 -10.68 -36.82 -44.49
CA LYS H 189 -10.17 -37.51 -43.31
C LYS H 189 -10.48 -36.62 -42.11
N ARG H 190 -11.02 -37.21 -41.06
CA ARG H 190 -11.40 -36.44 -39.87
C ARG H 190 -10.18 -35.97 -39.09
N ASP H 191 -9.87 -34.68 -39.21
CA ASP H 191 -8.79 -34.04 -38.48
C ASP H 191 -9.34 -32.83 -37.76
N HIS H 192 -9.03 -32.72 -36.46
CA HIS H 192 -9.55 -31.63 -35.64
C HIS H 192 -8.71 -30.35 -35.76
N LYS H 193 -7.63 -30.37 -36.53
CA LYS H 193 -6.79 -29.19 -36.66
C LYS H 193 -6.64 -28.73 -38.11
N SER H 194 -7.45 -29.24 -39.02
CA SER H 194 -7.32 -28.89 -40.43
C SER H 194 -8.14 -27.66 -40.75
N ALA H 195 -7.62 -26.83 -41.66
CA ALA H 195 -8.21 -25.54 -41.99
C ALA H 195 -9.24 -25.64 -43.11
N ASP H 196 -9.60 -26.83 -43.53
CA ASP H 196 -10.66 -27.00 -44.52
C ASP H 196 -12.01 -26.66 -43.88
N ASN H 197 -12.98 -26.31 -44.72
CA ASN H 197 -14.29 -25.91 -44.23
C ASN H 197 -15.04 -27.07 -43.60
N TYR H 198 -14.89 -28.27 -44.18
CA TYR H 198 -15.64 -29.45 -43.75
C TYR H 198 -15.32 -29.81 -42.30
N ASN H 199 -14.04 -29.89 -41.97
CA ASN H 199 -13.59 -30.07 -40.59
C ASN H 199 -13.95 -28.91 -39.69
N LYS H 200 -13.88 -27.67 -40.21
CA LYS H 200 -14.12 -26.49 -39.40
C LYS H 200 -15.55 -26.44 -38.89
N PHE H 201 -16.52 -26.56 -39.80
CA PHE H 201 -17.90 -26.62 -39.33
C PHE H 201 -18.29 -27.98 -38.75
N LEU H 202 -17.55 -29.06 -39.00
CA LEU H 202 -17.82 -30.29 -38.25
C LEU H 202 -17.47 -30.12 -36.77
N THR H 203 -16.29 -29.59 -36.47
CA THR H 203 -15.92 -29.31 -35.08
C THR H 203 -16.78 -28.21 -34.47
N LEU H 204 -17.14 -27.18 -35.25
CA LEU H 204 -18.03 -26.14 -34.76
C LEU H 204 -19.38 -26.68 -34.34
N GLY H 205 -20.03 -27.48 -35.19
CA GLY H 205 -21.28 -28.12 -34.83
C GLY H 205 -21.08 -29.13 -33.72
N ASN H 206 -19.89 -29.71 -33.63
CA ASN H 206 -19.61 -30.69 -32.60
C ASN H 206 -19.61 -30.04 -31.22
N TYR H 207 -19.25 -28.75 -31.17
CA TYR H 207 -19.33 -27.98 -29.93
C TYR H 207 -20.76 -27.87 -29.41
N TYR H 208 -21.73 -27.54 -30.28
CA TYR H 208 -23.10 -27.46 -29.78
C TYR H 208 -23.73 -28.84 -29.63
N ALA H 209 -23.20 -29.83 -30.34
CA ALA H 209 -23.52 -31.22 -30.06
C ALA H 209 -23.14 -31.63 -28.65
N TYR H 210 -22.00 -31.17 -28.17
CA TYR H 210 -21.64 -31.32 -26.76
C TYR H 210 -22.48 -30.43 -25.86
N GLY H 211 -22.93 -29.28 -26.36
CA GLY H 211 -23.74 -28.37 -25.57
C GLY H 211 -25.11 -28.90 -25.20
N ILE H 212 -25.80 -29.51 -26.17
CA ILE H 212 -27.08 -30.15 -25.87
C ILE H 212 -26.90 -31.34 -24.93
N ALA H 213 -25.78 -32.04 -24.99
CA ALA H 213 -25.46 -33.09 -24.05
C ALA H 213 -25.31 -32.56 -22.63
N ARG H 214 -24.64 -31.42 -22.47
CA ARG H 214 -24.54 -30.76 -21.17
C ARG H 214 -25.91 -30.37 -20.64
N SER H 215 -26.75 -29.79 -21.51
CA SER H 215 -28.10 -29.41 -21.09
C SER H 215 -28.95 -30.61 -20.74
N SER H 216 -28.78 -31.72 -21.46
CA SER H 216 -29.60 -32.90 -21.22
C SER H 216 -29.21 -33.62 -19.95
N LEU H 217 -27.91 -33.75 -19.69
CA LEU H 217 -27.48 -34.39 -18.45
C LEU H 217 -27.71 -33.52 -17.23
N TRP H 218 -27.55 -32.20 -17.36
CA TRP H 218 -27.84 -31.32 -16.24
C TRP H 218 -29.26 -31.54 -15.85
N ALA H 219 -30.14 -31.65 -16.84
CA ALA H 219 -31.57 -31.79 -16.56
C ALA H 219 -31.93 -33.07 -15.83
N LEU H 220 -31.24 -34.16 -16.12
CA LEU H 220 -31.49 -35.41 -15.43
C LEU H 220 -30.77 -35.46 -14.10
N GLY H 221 -29.84 -34.52 -13.88
CA GLY H 221 -29.09 -34.49 -12.64
C GLY H 221 -27.73 -35.13 -12.81
N ILE H 222 -27.60 -36.00 -13.80
CA ILE H 222 -26.34 -36.72 -14.02
C ILE H 222 -25.12 -35.84 -14.15
N ASP H 223 -24.11 -36.07 -13.32
CA ASP H 223 -22.87 -35.33 -13.47
C ASP H 223 -22.24 -35.84 -14.74
N ASN H 224 -21.77 -34.93 -15.58
CA ASN H 224 -21.22 -35.32 -16.86
C ASN H 224 -19.84 -35.99 -16.81
N SER H 225 -19.46 -36.50 -15.64
CA SER H 225 -18.19 -37.18 -15.50
C SER H 225 -18.36 -38.61 -14.99
N PHE H 226 -19.25 -39.37 -15.62
CA PHE H 226 -19.27 -40.84 -15.49
C PHE H 226 -19.36 -41.47 -16.87
N PRO H 227 -18.31 -41.38 -17.67
CA PRO H 227 -18.42 -41.73 -19.10
C PRO H 227 -18.56 -43.22 -19.37
N LEU H 228 -19.52 -43.55 -20.25
CA LEU H 228 -19.80 -44.94 -20.56
C LEU H 228 -18.78 -45.51 -21.54
N LEU H 229 -18.82 -45.05 -22.79
CA LEU H 229 -17.92 -45.58 -23.80
C LEU H 229 -16.50 -45.03 -23.67
N HIS H 230 -16.36 -43.80 -23.20
CA HIS H 230 -15.03 -43.21 -23.10
C HIS H 230 -14.35 -43.63 -21.80
N GLY H 231 -13.04 -43.43 -21.76
CA GLY H 231 -12.27 -43.84 -20.61
C GLY H 231 -12.47 -42.92 -19.42
N SER H 232 -12.00 -43.39 -18.26
CA SER H 232 -12.14 -42.63 -17.02
C SER H 232 -11.19 -41.44 -16.95
N THR H 233 -10.16 -41.41 -17.79
CA THR H 233 -9.21 -40.31 -17.81
C THR H 233 -9.64 -39.15 -18.71
N ARG H 234 -10.73 -39.31 -19.46
CA ARG H 234 -11.22 -38.25 -20.33
C ARG H 234 -12.09 -37.30 -19.53
N ARG H 235 -11.65 -36.04 -19.41
CA ARG H 235 -12.39 -35.04 -18.62
C ARG H 235 -13.78 -34.76 -19.17
N GLY H 236 -14.80 -34.93 -18.34
CA GLY H 236 -16.16 -34.70 -18.79
C GLY H 236 -16.53 -35.62 -19.93
N GLY H 237 -16.23 -36.91 -19.79
CA GLY H 237 -16.47 -37.85 -20.87
C GLY H 237 -17.93 -38.07 -21.21
N LEU H 238 -18.80 -38.11 -20.22
CA LEU H 238 -20.22 -38.38 -20.46
C LEU H 238 -20.86 -37.38 -21.39
N VAL H 239 -20.35 -36.16 -21.43
CA VAL H 239 -20.85 -35.18 -22.38
C VAL H 239 -20.73 -35.74 -23.78
N PHE H 240 -19.52 -36.06 -24.19
CA PHE H 240 -19.30 -36.57 -25.54
C PHE H 240 -20.01 -37.90 -25.78
N ASP H 241 -20.26 -38.65 -24.71
CA ASP H 241 -20.93 -39.94 -24.84
C ASP H 241 -22.40 -39.81 -25.18
N VAL H 242 -23.12 -38.94 -24.48
CA VAL H 242 -24.52 -38.75 -24.85
C VAL H 242 -24.62 -37.84 -26.07
N ALA H 243 -23.53 -37.16 -26.43
CA ALA H 243 -23.52 -36.44 -27.68
C ALA H 243 -23.29 -37.34 -28.87
N ASP H 244 -22.80 -38.56 -28.62
CA ASP H 244 -22.60 -39.56 -29.67
C ASP H 244 -23.91 -39.97 -30.31
N ILE H 245 -25.02 -39.75 -29.60
CA ILE H 245 -26.37 -39.97 -30.08
C ILE H 245 -26.61 -39.13 -31.33
N ILE H 246 -26.18 -37.87 -31.30
CA ILE H 246 -26.59 -36.93 -32.34
C ILE H 246 -25.46 -36.43 -33.23
N LYS H 247 -24.18 -36.65 -32.86
CA LYS H 247 -23.07 -36.10 -33.65
C LYS H 247 -23.00 -36.66 -35.06
N THR H 248 -23.57 -37.84 -35.29
CA THR H 248 -23.60 -38.42 -36.62
C THR H 248 -24.96 -38.33 -37.29
N SER H 249 -25.98 -37.85 -36.59
CA SER H 249 -27.33 -37.95 -37.09
C SER H 249 -28.04 -36.62 -37.30
N ILE H 250 -27.74 -35.58 -36.53
CA ILE H 250 -28.13 -34.21 -36.86
C ILE H 250 -26.93 -33.35 -37.22
N ILE H 251 -25.86 -33.44 -36.43
CA ILE H 251 -24.84 -32.40 -36.51
C ILE H 251 -23.95 -32.61 -37.72
N LEU H 252 -23.63 -33.87 -38.05
CA LEU H 252 -22.80 -34.16 -39.21
C LEU H 252 -23.40 -33.75 -40.56
N PRO H 253 -24.65 -34.09 -40.94
CA PRO H 253 -25.11 -33.63 -42.26
C PRO H 253 -25.43 -32.15 -42.29
N LEU H 254 -25.79 -31.56 -41.15
CA LEU H 254 -25.98 -30.12 -41.10
C LEU H 254 -24.67 -29.37 -41.28
N ALA H 255 -23.58 -29.88 -40.69
CA ALA H 255 -22.27 -29.25 -40.89
C ALA H 255 -21.79 -29.43 -42.33
N PHE H 256 -22.05 -30.61 -42.91
CA PHE H 256 -21.71 -30.81 -44.31
C PHE H 256 -22.51 -29.91 -45.25
N HIS H 257 -23.79 -29.64 -44.96
CA HIS H 257 -24.53 -28.69 -45.77
C HIS H 257 -24.02 -27.28 -45.54
N ALA H 258 -23.60 -26.97 -44.32
CA ALA H 258 -23.06 -25.64 -44.01
C ALA H 258 -21.77 -25.37 -44.78
N ALA H 259 -20.96 -26.41 -45.00
CA ALA H 259 -19.77 -26.26 -45.80
C ALA H 259 -20.00 -26.55 -47.28
N ASP H 260 -21.16 -27.08 -47.65
CA ASP H 260 -21.50 -27.29 -49.06
C ASP H 260 -22.24 -26.13 -49.68
N GLN H 261 -23.02 -25.37 -48.91
CA GLN H 261 -23.59 -24.12 -49.39
C GLN H 261 -22.72 -22.92 -49.09
N GLY H 262 -21.71 -23.10 -48.23
CA GLY H 262 -20.87 -21.98 -47.84
C GLY H 262 -21.42 -21.24 -46.65
N MET H 263 -22.49 -21.77 -46.04
CA MET H 263 -23.06 -21.15 -44.84
C MET H 263 -22.01 -21.02 -43.75
N SER H 264 -21.69 -19.78 -43.39
CA SER H 264 -20.67 -19.55 -42.37
C SER H 264 -21.19 -19.81 -40.97
N ASN H 265 -20.32 -19.64 -39.97
CA ASN H 265 -20.70 -19.89 -38.58
C ASN H 265 -22.07 -19.37 -38.14
N THR H 266 -22.41 -18.13 -38.48
CA THR H 266 -23.68 -17.56 -38.06
C THR H 266 -24.88 -18.27 -38.69
N GLU H 267 -24.81 -18.55 -39.99
CA GLU H 267 -25.89 -19.24 -40.66
C GLU H 267 -26.00 -20.66 -40.14
N PHE H 268 -24.86 -21.25 -39.84
CA PHE H 268 -24.84 -22.60 -39.30
C PHE H 268 -25.47 -22.61 -37.90
N LYS H 269 -25.18 -21.60 -37.10
CA LYS H 269 -25.78 -21.52 -35.77
C LYS H 269 -27.29 -21.38 -35.89
N ARG H 270 -27.76 -20.65 -36.89
CA ARG H 270 -29.18 -20.48 -37.10
C ARG H 270 -29.81 -21.84 -37.41
N SER H 271 -29.22 -22.58 -38.35
CA SER H 271 -29.75 -23.89 -38.72
C SER H 271 -29.69 -24.86 -37.54
N CYS H 272 -28.66 -24.75 -36.70
CA CYS H 272 -28.57 -25.58 -35.51
C CYS H 272 -29.76 -25.41 -34.61
N VAL H 273 -30.00 -24.19 -34.12
CA VAL H 273 -31.07 -24.00 -33.14
C VAL H 273 -32.42 -24.23 -33.78
N ALA H 274 -32.54 -24.04 -35.10
CA ALA H 274 -33.76 -24.36 -35.82
C ALA H 274 -34.09 -25.84 -35.71
N TYR H 275 -33.22 -26.71 -36.24
CA TYR H 275 -33.46 -28.15 -36.22
C TYR H 275 -33.49 -28.67 -34.78
N PHE H 276 -32.78 -27.97 -33.89
CA PHE H 276 -32.66 -28.38 -32.51
C PHE H 276 -33.96 -28.11 -31.74
N ASP H 277 -34.78 -27.16 -32.21
CA ASP H 277 -36.11 -27.00 -31.60
C ASP H 277 -37.21 -27.77 -32.33
N LYS H 278 -37.27 -27.72 -33.68
CA LYS H 278 -38.44 -28.29 -34.35
C LYS H 278 -38.61 -29.80 -34.20
N ASN H 279 -37.51 -30.55 -34.24
CA ASN H 279 -37.65 -31.99 -34.10
C ASN H 279 -37.21 -32.49 -32.72
N ASP H 280 -37.19 -31.58 -31.74
CA ASP H 280 -37.19 -31.88 -30.31
C ASP H 280 -36.01 -32.72 -29.85
N ILE H 281 -34.79 -32.26 -30.10
CA ILE H 281 -33.62 -33.10 -29.83
C ILE H 281 -33.33 -33.20 -28.33
N LEU H 282 -33.58 -32.14 -27.57
CA LEU H 282 -33.32 -32.18 -26.13
C LEU H 282 -34.29 -33.12 -25.43
N ALA H 283 -35.55 -33.13 -25.88
CA ALA H 283 -36.50 -34.09 -25.33
C ALA H 283 -36.11 -35.52 -25.71
N TYR H 284 -35.63 -35.72 -26.94
CA TYR H 284 -35.19 -37.04 -27.38
C TYR H 284 -34.04 -37.55 -26.52
N LEU H 285 -33.09 -36.68 -26.21
CA LEU H 285 -31.98 -37.07 -25.34
C LEU H 285 -32.45 -37.31 -23.91
N ILE H 286 -33.41 -36.53 -23.43
CA ILE H 286 -33.78 -36.66 -22.03
C ILE H 286 -34.58 -37.95 -21.79
N ASN H 287 -35.48 -38.35 -22.71
CA ASN H 287 -36.06 -39.69 -22.53
C ASN H 287 -35.10 -40.80 -22.94
N ASN H 288 -34.09 -40.52 -23.77
CA ASN H 288 -33.07 -41.52 -24.01
C ASN H 288 -32.27 -41.86 -22.76
N ILE H 289 -31.84 -40.85 -22.01
CA ILE H 289 -31.13 -41.12 -20.76
C ILE H 289 -32.09 -41.68 -19.72
N LYS H 290 -33.35 -41.42 -19.88
CA LYS H 290 -34.24 -41.97 -18.92
C LYS H 290 -34.28 -43.41 -19.19
N ARG H 291 -34.37 -43.79 -20.45
CA ARG H 291 -34.56 -45.19 -20.74
C ARG H 291 -33.29 -45.99 -20.48
N LEU H 292 -32.22 -45.31 -20.12
CA LEU H 292 -31.00 -45.99 -19.89
C LEU H 292 -30.98 -46.34 -18.49
N CYS H 293 -31.83 -45.75 -17.70
CA CYS H 293 -31.78 -46.00 -16.30
C CYS H 293 -33.01 -46.61 -15.69
N MET H 294 -34.19 -46.13 -16.05
CA MET H 294 -35.38 -46.61 -15.41
C MET H 294 -35.57 -48.07 -15.63
N GLU H 295 -35.59 -48.50 -16.90
CA GLU H 295 -35.87 -49.90 -17.18
C GLU H 295 -36.70 -50.60 -16.10
#